data_2HYB
#
_entry.id   2HYB
#
_cell.length_a   56.610
_cell.length_b   183.110
_cell.length_c   107.830
_cell.angle_alpha   90.00
_cell.angle_beta   99.57
_cell.angle_gamma   90.00
#
_symmetry.space_group_name_H-M   'P 1 21 1'
#
loop_
_entity.id
_entity.type
_entity.pdbx_description
1 polymer 'Putative sulfurtransferase dsrE'
2 polymer 'Intracellular sulfur oxidation protein dsrF'
3 polymer DsrH
4 water water
#
loop_
_entity_poly.entity_id
_entity_poly.type
_entity_poly.pdbx_seq_one_letter_code
_entity_poly.pdbx_strand_id
1 'polypeptide(L)'
;MKFALQINEGPYQHQASDSAYQFAKAALEKGHEIFRVFFYHDGVNNSTRLTTPPQDDRHIVNRWAELAEQYELDMVVCVA
AAQRRGIVDEGEASRNGKDATNIHPKFRISGLGQLVEAAIQADRLVVFGD
;
A,D,G,J,M,P
2 'polypeptide(L)'
;MSEVVKKFMYLNRKAPYGTIYAWEALEVVLIGAAFDQDVCVLFLDDGVYQLTRGQDTKGIGMKNFSPTYRTLGDYEVRRI
YVDRDSLEARGLTQDDLVEIAFEDMETEEEFDNIVEVIDSARVSELMNESDAVFSF
;
B,E,H,K,N,Q
3 'polypeptide(L)'
;MSILHTVNKSPFERNSLESCLKFATEGASVLLFEDGIYAALAGTRVESQVTEALGKLKLYVLGPDLKARGFSDERVIPGI
SVVDYAGFVDLTTECDTVQAWL
;
C,F,I,L,O,R
#
# COMPACT_ATOMS: atom_id res chain seq x y z
N MET A 1 43.52 41.28 -5.14
CA MET A 1 42.57 40.25 -5.70
C MET A 1 42.22 40.41 -7.20
N LYS A 2 41.90 39.27 -7.83
CA LYS A 2 41.54 39.21 -9.25
C LYS A 2 40.02 39.15 -9.40
N PHE A 3 39.48 40.09 -10.18
CA PHE A 3 38.04 40.14 -10.39
C PHE A 3 37.55 39.76 -11.78
N ALA A 4 36.29 39.33 -11.82
CA ALA A 4 35.62 38.95 -13.05
C ALA A 4 34.22 39.54 -12.99
N LEU A 5 34.01 40.64 -13.69
CA LEU A 5 32.74 41.32 -13.71
C LEU A 5 31.85 40.89 -14.88
N GLN A 6 30.60 40.54 -14.59
CA GLN A 6 29.65 40.13 -15.63
C GLN A 6 28.50 41.14 -15.69
N ILE A 7 28.27 41.72 -16.87
CA ILE A 7 27.23 42.72 -17.06
C ILE A 7 26.20 42.21 -18.07
N ASN A 8 24.98 41.98 -17.61
CA ASN A 8 23.93 41.42 -18.49
C ASN A 8 22.96 42.40 -19.10
N GLU A 9 23.10 43.69 -18.82
CA GLU A 9 22.14 44.63 -19.39
C GLU A 9 22.75 45.75 -20.23
N GLY A 10 21.91 46.37 -21.03
CA GLY A 10 22.35 47.45 -21.88
C GLY A 10 22.57 48.76 -21.14
N PRO A 11 23.20 49.73 -21.79
CA PRO A 11 23.44 51.02 -21.13
C PRO A 11 22.14 51.80 -20.88
N TYR A 12 22.16 52.69 -19.89
CA TYR A 12 21.00 53.52 -19.58
C TYR A 12 19.69 52.85 -19.19
N GLN A 13 19.25 51.86 -19.96
CA GLN A 13 17.98 51.19 -19.65
C GLN A 13 17.94 50.68 -18.21
N HIS A 14 19.03 50.04 -17.79
CA HIS A 14 19.15 49.49 -16.44
C HIS A 14 20.43 50.06 -15.84
N GLN A 15 20.50 50.14 -14.51
CA GLN A 15 21.68 50.70 -13.85
C GLN A 15 22.89 49.77 -13.86
N ALA A 16 22.63 48.47 -14.02
CA ALA A 16 23.68 47.47 -14.03
C ALA A 16 25.07 47.95 -14.49
N SER A 17 25.17 48.36 -15.75
CA SER A 17 26.45 48.78 -16.32
C SER A 17 27.15 49.88 -15.53
N ASP A 18 26.38 50.88 -15.12
CA ASP A 18 26.91 51.99 -14.32
C ASP A 18 27.52 51.46 -13.02
N SER A 19 26.76 50.60 -12.34
CA SER A 19 27.19 50.01 -11.08
C SER A 19 28.49 49.24 -11.25
N ALA A 20 28.57 48.40 -12.28
CA ALA A 20 29.78 47.61 -12.54
C ALA A 20 30.93 48.56 -12.82
N TYR A 21 30.66 49.60 -13.60
CA TYR A 21 31.70 50.56 -13.89
C TYR A 21 32.21 51.15 -12.56
N GLN A 22 31.29 51.65 -11.74
CA GLN A 22 31.68 52.25 -10.47
C GLN A 22 32.43 51.23 -9.62
N PHE A 23 31.95 49.99 -9.64
CA PHE A 23 32.60 48.93 -8.88
C PHE A 23 34.04 48.74 -9.36
N ALA A 24 34.19 48.63 -10.68
CA ALA A 24 35.46 48.43 -11.32
C ALA A 24 36.47 49.52 -10.98
N LYS A 25 36.10 50.78 -11.23
CA LYS A 25 36.97 51.92 -10.94
C LYS A 25 37.42 51.97 -9.47
N ALA A 26 36.51 51.61 -8.57
CA ALA A 26 36.80 51.60 -7.14
C ALA A 26 37.73 50.45 -6.78
N ALA A 27 37.59 49.34 -7.49
CA ALA A 27 38.43 48.16 -7.25
C ALA A 27 39.81 48.39 -7.82
N LEU A 28 39.86 48.94 -9.03
CA LEU A 28 41.12 49.22 -9.68
C LEU A 28 41.92 50.23 -8.86
N GLU A 29 41.28 51.31 -8.47
CA GLU A 29 41.96 52.32 -7.67
C GLU A 29 42.52 51.76 -6.38
N LYS A 30 41.90 50.71 -5.87
CA LYS A 30 42.35 50.07 -4.64
C LYS A 30 43.53 49.13 -4.86
N GLY A 31 43.97 49.00 -6.11
CA GLY A 31 45.08 48.12 -6.38
C GLY A 31 44.72 46.70 -6.79
N HIS A 32 43.43 46.38 -6.80
CA HIS A 32 43.00 45.05 -7.21
C HIS A 32 43.13 44.92 -8.71
N GLU A 33 42.95 43.71 -9.20
CA GLU A 33 43.05 43.45 -10.62
C GLU A 33 41.75 42.97 -11.22
N ILE A 34 41.32 43.59 -12.32
CA ILE A 34 40.11 43.14 -12.97
C ILE A 34 40.58 42.25 -14.11
N PHE A 35 40.41 40.95 -13.94
CA PHE A 35 40.85 39.98 -14.93
C PHE A 35 40.11 40.14 -16.23
N ARG A 36 38.81 40.37 -16.14
CA ARG A 36 38.01 40.51 -17.34
C ARG A 36 36.61 41.05 -17.13
N VAL A 37 36.17 41.91 -18.05
CA VAL A 37 34.83 42.47 -18.01
C VAL A 37 34.10 41.81 -19.17
N PHE A 38 33.13 40.97 -18.86
CA PHE A 38 32.39 40.24 -19.88
C PHE A 38 30.93 40.69 -20.00
N PHE A 39 30.53 41.03 -21.24
CA PHE A 39 29.17 41.47 -21.52
C PHE A 39 28.36 40.38 -22.16
N TYR A 40 27.27 40.01 -21.50
CA TYR A 40 26.39 38.97 -22.01
C TYR A 40 24.98 39.56 -22.09
N HIS A 41 24.06 38.88 -22.80
CA HIS A 41 22.69 39.40 -22.96
C HIS A 41 22.76 40.84 -23.50
N ASP A 42 21.74 41.64 -23.19
CA ASP A 42 21.72 43.04 -23.62
C ASP A 42 23.01 43.75 -23.19
N GLY A 43 23.79 43.11 -22.33
CA GLY A 43 25.05 43.72 -21.92
C GLY A 43 25.96 44.03 -23.12
N VAL A 44 25.96 43.18 -24.13
CA VAL A 44 26.79 43.42 -25.31
C VAL A 44 26.57 44.78 -25.95
N ASN A 45 25.49 45.46 -25.61
CA ASN A 45 25.21 46.75 -26.21
C ASN A 45 26.01 47.90 -25.61
N ASN A 46 26.82 47.60 -24.61
CA ASN A 46 27.65 48.64 -24.00
C ASN A 46 28.90 48.81 -24.87
N SER A 47 28.98 48.03 -25.95
CA SER A 47 30.15 48.08 -26.82
C SER A 47 30.03 48.83 -28.15
N THR A 48 28.84 49.35 -28.47
CA THR A 48 28.70 50.07 -29.74
C THR A 48 29.34 51.46 -29.69
N ARG A 49 29.92 51.87 -30.81
CA ARG A 49 30.57 53.18 -30.94
C ARG A 49 29.63 54.23 -31.56
N LEU A 50 28.39 53.83 -31.84
CA LEU A 50 27.41 54.72 -32.47
C LEU A 50 26.52 55.59 -31.55
N THR A 51 26.81 55.63 -30.26
CA THR A 51 25.98 56.43 -29.35
C THR A 51 26.33 57.92 -29.31
N THR A 52 25.33 58.75 -29.03
CA THR A 52 25.50 60.18 -28.89
C THR A 52 24.59 60.61 -27.74
N PRO A 53 24.95 60.19 -26.52
CA PRO A 53 24.23 60.47 -25.27
C PRO A 53 24.25 61.95 -24.92
N PRO A 54 23.26 62.40 -24.14
CA PRO A 54 23.16 63.80 -23.73
C PRO A 54 24.51 64.25 -23.14
N GLN A 55 25.02 65.39 -23.58
CA GLN A 55 26.31 65.87 -23.10
C GLN A 55 26.36 66.19 -21.60
N ASP A 56 25.24 66.64 -21.05
CA ASP A 56 25.22 66.98 -19.63
C ASP A 56 25.17 65.75 -18.73
N ASP A 57 25.21 64.56 -19.33
CA ASP A 57 25.18 63.31 -18.57
C ASP A 57 26.36 62.43 -18.99
N ARG A 58 26.60 61.35 -18.25
CA ARG A 58 27.70 60.45 -18.54
C ARG A 58 27.55 59.69 -19.84
N HIS A 59 28.68 59.48 -20.50
CA HIS A 59 28.75 58.76 -21.75
C HIS A 59 29.25 57.35 -21.41
N ILE A 60 28.31 56.49 -21.08
CA ILE A 60 28.63 55.14 -20.67
C ILE A 60 29.67 54.38 -21.49
N VAL A 61 29.49 54.31 -22.80
CA VAL A 61 30.42 53.58 -23.63
C VAL A 61 31.84 54.12 -23.55
N ASN A 62 32.00 55.43 -23.77
CA ASN A 62 33.33 56.02 -23.71
C ASN A 62 33.95 55.87 -22.33
N ARG A 63 33.14 56.02 -21.27
CA ARG A 63 33.67 55.86 -19.91
C ARG A 63 34.38 54.52 -19.80
N TRP A 64 33.68 53.47 -20.19
CA TRP A 64 34.25 52.14 -20.14
C TRP A 64 35.52 52.07 -20.96
N ALA A 65 35.54 52.75 -22.10
CA ALA A 65 36.70 52.74 -22.97
C ALA A 65 37.88 53.44 -22.32
N GLU A 66 37.62 54.55 -21.66
CA GLU A 66 38.67 55.30 -20.99
C GLU A 66 39.27 54.47 -19.86
N LEU A 67 38.41 53.87 -19.05
CA LEU A 67 38.87 53.05 -17.93
C LEU A 67 39.67 51.87 -18.46
N ALA A 68 39.20 51.30 -19.56
CA ALA A 68 39.85 50.16 -20.17
C ALA A 68 41.22 50.61 -20.67
N GLU A 69 41.26 51.83 -21.19
CA GLU A 69 42.50 52.40 -21.69
C GLU A 69 43.50 52.59 -20.55
N GLN A 70 43.03 53.19 -19.47
CA GLN A 70 43.87 53.47 -18.33
C GLN A 70 44.43 52.26 -17.59
N TYR A 71 43.63 51.21 -17.46
CA TYR A 71 44.09 50.02 -16.73
C TYR A 71 44.25 48.78 -17.60
N GLU A 72 44.29 48.98 -18.91
CA GLU A 72 44.43 47.87 -19.84
C GLU A 72 43.50 46.72 -19.47
N LEU A 73 42.21 47.02 -19.45
CA LEU A 73 41.22 46.00 -19.11
C LEU A 73 40.86 45.20 -20.35
N ASP A 74 40.56 43.91 -20.17
CA ASP A 74 40.17 43.04 -21.27
C ASP A 74 38.66 42.95 -21.29
N MET A 75 38.04 43.74 -22.16
CA MET A 75 36.59 43.75 -22.26
C MET A 75 36.09 42.89 -23.42
N VAL A 76 35.35 41.84 -23.07
CA VAL A 76 34.84 40.87 -24.02
C VAL A 76 33.33 40.94 -24.27
N VAL A 77 32.94 40.76 -25.53
CA VAL A 77 31.52 40.79 -25.91
C VAL A 77 31.11 39.44 -26.48
N CYS A 78 30.20 38.76 -25.79
CA CYS A 78 29.72 37.48 -26.25
C CYS A 78 29.34 37.62 -27.71
N VAL A 79 29.87 36.71 -28.52
CA VAL A 79 29.62 36.73 -29.96
C VAL A 79 28.19 36.35 -30.29
N ALA A 80 27.70 35.30 -29.67
CA ALA A 80 26.33 34.84 -29.93
C ALA A 80 25.33 35.90 -29.50
N ALA A 81 25.61 36.54 -28.38
CA ALA A 81 24.74 37.58 -27.85
C ALA A 81 24.73 38.75 -28.82
N ALA A 82 25.89 39.04 -29.39
CA ALA A 82 26.08 40.14 -30.33
C ALA A 82 25.35 39.93 -31.65
N GLN A 83 25.41 38.72 -32.18
CA GLN A 83 24.75 38.40 -33.44
C GLN A 83 23.25 38.60 -33.34
N ARG A 84 22.71 38.31 -32.16
CA ARG A 84 21.28 38.42 -31.92
C ARG A 84 20.79 39.88 -31.81
N ARG A 85 21.60 40.70 -31.16
CA ARG A 85 21.23 42.09 -30.92
C ARG A 85 21.77 43.12 -31.92
N GLY A 86 22.85 42.81 -32.62
CA GLY A 86 23.36 43.76 -33.60
C GLY A 86 24.71 44.40 -33.37
N ILE A 87 25.59 43.76 -32.61
CA ILE A 87 26.93 44.31 -32.38
C ILE A 87 27.84 43.62 -33.40
N VAL A 88 28.50 44.43 -34.23
CA VAL A 88 29.36 43.93 -35.32
C VAL A 88 30.76 44.54 -35.42
N ASP A 89 31.76 43.67 -35.58
CA ASP A 89 33.14 44.13 -35.75
C ASP A 89 33.62 43.62 -37.12
N GLU A 90 34.88 43.91 -37.46
CA GLU A 90 35.46 43.51 -38.73
C GLU A 90 35.13 42.05 -39.09
N GLY A 91 35.43 41.13 -38.17
CA GLY A 91 35.16 39.73 -38.40
C GLY A 91 33.70 39.45 -38.72
N GLU A 92 32.84 39.77 -37.77
CA GLU A 92 31.40 39.55 -37.94
C GLU A 92 30.86 40.15 -39.24
N ALA A 93 31.33 41.34 -39.58
CA ALA A 93 30.89 42.01 -40.80
C ALA A 93 31.22 41.08 -41.96
N SER A 94 32.45 40.60 -41.94
CA SER A 94 32.98 39.72 -42.96
C SER A 94 32.29 38.35 -43.04
N ARG A 95 32.00 37.75 -41.89
CA ARG A 95 31.38 36.44 -41.88
C ARG A 95 29.88 36.44 -42.14
N ASN A 96 29.23 37.52 -41.70
CA ASN A 96 27.79 37.62 -41.84
C ASN A 96 27.34 38.41 -43.06
N GLY A 97 28.27 39.05 -43.74
CA GLY A 97 27.90 39.82 -44.91
C GLY A 97 27.11 41.05 -44.56
N LYS A 98 27.66 41.87 -43.65
CA LYS A 98 26.99 43.10 -43.23
C LYS A 98 27.71 44.27 -43.89
N ASP A 99 26.96 45.29 -44.26
CA ASP A 99 27.52 46.47 -44.91
C ASP A 99 28.19 47.50 -43.98
N ALA A 100 28.42 47.14 -42.71
CA ALA A 100 29.05 48.06 -41.76
C ALA A 100 29.34 47.42 -40.41
N THR A 101 30.07 48.15 -39.56
CA THR A 101 30.39 47.66 -38.23
C THR A 101 30.05 48.77 -37.25
N ASN A 102 29.87 48.43 -35.98
CA ASN A 102 29.51 49.44 -35.00
C ASN A 102 30.16 49.22 -33.63
N ILE A 103 31.09 48.28 -33.53
CA ILE A 103 31.74 48.02 -32.25
C ILE A 103 32.81 49.04 -31.95
N HIS A 104 33.00 49.36 -30.67
CA HIS A 104 34.03 50.30 -30.27
C HIS A 104 35.31 49.48 -30.20
N PRO A 105 36.40 50.02 -30.76
CA PRO A 105 37.71 49.36 -30.80
C PRO A 105 38.26 48.88 -29.45
N LYS A 106 37.72 49.37 -28.35
CA LYS A 106 38.21 48.93 -27.04
C LYS A 106 37.58 47.64 -26.54
N PHE A 107 36.55 47.17 -27.24
CA PHE A 107 35.87 45.93 -26.86
C PHE A 107 36.22 44.90 -27.90
N ARG A 108 36.31 43.65 -27.48
CA ARG A 108 36.59 42.61 -28.44
C ARG A 108 35.47 41.60 -28.35
N ILE A 109 35.16 40.98 -29.47
CA ILE A 109 34.12 39.98 -29.53
C ILE A 109 34.81 38.65 -29.34
N SER A 110 34.15 37.72 -28.66
CA SER A 110 34.77 36.43 -28.42
C SER A 110 33.74 35.43 -27.97
N GLY A 111 34.21 34.27 -27.48
CA GLY A 111 33.29 33.23 -27.06
C GLY A 111 32.81 33.29 -25.63
N LEU A 112 31.67 32.63 -25.39
CA LEU A 112 31.06 32.55 -24.07
C LEU A 112 32.06 31.89 -23.13
N GLY A 113 32.96 31.10 -23.73
CA GLY A 113 33.98 30.41 -22.96
C GLY A 113 34.84 31.38 -22.20
N GLN A 114 35.02 32.57 -22.75
CA GLN A 114 35.82 33.60 -22.09
C GLN A 114 35.16 34.02 -20.79
N LEU A 115 33.86 33.79 -20.68
CA LEU A 115 33.16 34.14 -19.46
C LEU A 115 33.57 33.09 -18.43
N VAL A 116 33.32 31.82 -18.74
CA VAL A 116 33.66 30.73 -17.85
C VAL A 116 35.15 30.76 -17.45
N GLU A 117 35.98 31.04 -18.45
CA GLU A 117 37.43 31.15 -18.32
C GLU A 117 37.79 32.11 -17.16
N ALA A 118 37.18 33.30 -17.18
CA ALA A 118 37.43 34.32 -16.17
C ALA A 118 36.95 33.86 -14.80
N ALA A 119 35.80 33.17 -14.79
CA ALA A 119 35.23 32.66 -13.54
C ALA A 119 36.26 31.79 -12.82
N ILE A 120 37.06 31.07 -13.60
CA ILE A 120 38.09 30.21 -13.05
C ILE A 120 39.34 30.98 -12.63
N GLN A 121 39.79 31.89 -13.49
CA GLN A 121 40.99 32.70 -13.19
C GLN A 121 40.83 33.76 -12.09
N ALA A 122 39.64 34.34 -11.95
CA ALA A 122 39.45 35.38 -10.95
C ALA A 122 39.06 34.80 -9.60
N ASP A 123 39.34 35.56 -8.55
CA ASP A 123 39.02 35.13 -7.19
C ASP A 123 37.54 35.38 -6.91
N ARG A 124 37.00 36.41 -7.54
CA ARG A 124 35.61 36.78 -7.35
C ARG A 124 34.87 37.07 -8.65
N LEU A 125 33.67 36.52 -8.75
CA LEU A 125 32.80 36.73 -9.90
C LEU A 125 31.63 37.60 -9.44
N VAL A 126 31.67 38.90 -9.79
CA VAL A 126 30.59 39.80 -9.40
C VAL A 126 29.67 40.04 -10.60
N VAL A 127 28.42 39.61 -10.47
CA VAL A 127 27.44 39.75 -11.54
C VAL A 127 26.46 40.94 -11.41
N PHE A 128 26.42 41.79 -12.43
CA PHE A 128 25.51 42.94 -12.44
C PHE A 128 24.42 42.79 -13.49
N GLY A 129 23.16 42.86 -13.06
CA GLY A 129 22.05 42.71 -13.99
C GLY A 129 20.74 43.34 -13.56
N ASP A 130 19.64 42.76 -14.00
CA ASP A 130 18.30 43.25 -13.69
C ASP A 130 17.84 42.62 -12.38
N VAL B 5 38.17 21.58 -10.40
CA VAL B 5 38.77 22.16 -9.21
C VAL B 5 37.78 23.03 -8.45
N LYS B 6 37.24 24.05 -9.10
CA LYS B 6 36.26 24.95 -8.48
C LYS B 6 34.82 24.46 -8.60
N LYS B 7 33.98 24.87 -7.67
CA LYS B 7 32.56 24.50 -7.67
C LYS B 7 31.79 25.71 -8.20
N PHE B 8 31.02 25.48 -9.26
CA PHE B 8 30.24 26.53 -9.91
C PHE B 8 28.74 26.32 -9.82
N MET B 9 28.04 27.35 -9.39
CA MET B 9 26.59 27.27 -9.30
C MET B 9 25.93 28.18 -10.33
N TYR B 10 24.98 27.63 -11.07
CA TYR B 10 24.24 28.38 -12.07
C TYR B 10 22.86 28.61 -11.49
N LEU B 11 22.66 29.80 -10.93
CA LEU B 11 21.41 30.17 -10.30
C LEU B 11 20.33 30.64 -11.28
N ASN B 12 19.27 29.85 -11.45
CA ASN B 12 18.18 30.20 -12.37
C ASN B 12 16.91 30.51 -11.63
N ARG B 13 16.48 31.77 -11.66
CA ARG B 13 15.27 32.15 -10.95
C ARG B 13 14.17 32.80 -11.81
N LYS B 14 14.40 32.90 -13.12
CA LYS B 14 13.40 33.50 -14.01
C LYS B 14 12.64 32.51 -14.86
N ALA B 15 11.41 32.87 -15.20
CA ALA B 15 10.56 32.05 -16.03
C ALA B 15 11.09 32.09 -17.47
N PRO B 16 10.75 31.08 -18.28
CA PRO B 16 11.23 31.07 -19.68
C PRO B 16 10.34 31.81 -20.67
N TYR B 17 10.93 32.16 -21.81
CA TYR B 17 10.24 32.86 -22.90
C TYR B 17 9.86 34.31 -22.66
N GLY B 18 9.54 34.66 -21.42
CA GLY B 18 9.18 36.04 -21.14
C GLY B 18 10.43 36.91 -21.25
N THR B 19 11.56 36.32 -20.90
CA THR B 19 12.84 37.00 -20.96
C THR B 19 13.82 35.95 -21.47
N ILE B 20 14.90 36.39 -22.09
CA ILE B 20 15.87 35.48 -22.66
C ILE B 20 16.81 34.81 -21.64
N TYR B 21 16.80 35.30 -20.41
CA TYR B 21 17.69 34.76 -19.39
C TYR B 21 17.72 33.24 -19.29
N ALA B 22 16.58 32.60 -19.39
CA ALA B 22 16.54 31.14 -19.31
C ALA B 22 17.47 30.52 -20.36
N TRP B 23 17.15 30.79 -21.63
CA TRP B 23 17.89 30.30 -22.79
C TRP B 23 19.39 30.62 -22.72
N GLU B 24 19.73 31.90 -22.74
CA GLU B 24 21.15 32.27 -22.73
C GLU B 24 21.94 31.79 -21.51
N ALA B 25 21.26 31.48 -20.42
CA ALA B 25 21.92 30.96 -19.22
C ALA B 25 22.33 29.54 -19.58
N LEU B 26 21.36 28.76 -20.05
CA LEU B 26 21.57 27.38 -20.47
C LEU B 26 22.80 27.30 -21.38
N GLU B 27 22.90 28.23 -22.33
CA GLU B 27 24.02 28.29 -23.25
C GLU B 27 25.36 28.27 -22.48
N VAL B 28 25.43 29.07 -21.43
CA VAL B 28 26.64 29.17 -20.61
C VAL B 28 27.00 27.85 -19.93
N VAL B 29 25.99 27.14 -19.46
CA VAL B 29 26.21 25.86 -18.80
C VAL B 29 26.90 24.93 -19.81
N LEU B 30 26.29 24.80 -20.99
CA LEU B 30 26.85 23.95 -22.04
C LEU B 30 28.31 24.29 -22.34
N ILE B 31 28.61 25.58 -22.52
CA ILE B 31 29.97 26.00 -22.81
C ILE B 31 30.95 25.78 -21.64
N GLY B 32 30.45 25.89 -20.42
CA GLY B 32 31.30 25.71 -19.26
C GLY B 32 31.55 24.25 -18.95
N ALA B 33 30.77 23.37 -19.57
CA ALA B 33 30.91 21.94 -19.37
C ALA B 33 32.30 21.48 -19.80
N ALA B 34 32.76 22.07 -20.90
CA ALA B 34 34.06 21.76 -21.49
C ALA B 34 35.27 22.06 -20.62
N PHE B 35 35.10 22.90 -19.60
CA PHE B 35 36.21 23.23 -18.71
C PHE B 35 36.24 22.33 -17.49
N ASP B 36 35.37 21.32 -17.50
CA ASP B 36 35.25 20.34 -16.43
C ASP B 36 35.49 20.82 -15.00
N GLN B 37 34.59 21.68 -14.52
CA GLN B 37 34.68 22.17 -13.16
C GLN B 37 33.50 21.48 -12.49
N ASP B 38 33.51 21.40 -11.16
CA ASP B 38 32.39 20.77 -10.50
C ASP B 38 31.21 21.72 -10.67
N VAL B 39 30.37 21.42 -11.65
CA VAL B 39 29.21 22.27 -11.95
C VAL B 39 27.90 21.74 -11.40
N CYS B 40 27.06 22.66 -10.94
CA CYS B 40 25.74 22.31 -10.44
C CYS B 40 24.80 23.42 -10.88
N VAL B 41 23.62 23.02 -11.34
CA VAL B 41 22.60 23.94 -11.80
C VAL B 41 21.44 23.95 -10.82
N LEU B 42 21.07 25.13 -10.32
CA LEU B 42 19.96 25.23 -9.38
C LEU B 42 18.81 26.10 -9.89
N PHE B 43 17.60 25.57 -9.76
CA PHE B 43 16.40 26.27 -10.19
C PHE B 43 15.68 26.70 -8.91
N LEU B 44 15.39 27.99 -8.79
CA LEU B 44 14.73 28.55 -7.61
C LEU B 44 13.68 29.56 -8.03
N ASP B 45 12.64 29.74 -7.21
CA ASP B 45 11.54 30.68 -7.52
C ASP B 45 10.97 30.35 -8.90
N ASP B 46 10.70 31.36 -9.73
CA ASP B 46 10.15 31.11 -11.06
C ASP B 46 11.11 30.31 -11.97
N GLY B 47 12.34 30.12 -11.52
CA GLY B 47 13.29 29.34 -12.29
C GLY B 47 12.79 27.93 -12.52
N VAL B 48 12.05 27.38 -11.55
CA VAL B 48 11.53 26.03 -11.70
C VAL B 48 10.69 25.90 -12.96
N TYR B 49 10.02 26.97 -13.37
CA TYR B 49 9.20 26.90 -14.58
C TYR B 49 10.04 26.62 -15.83
N GLN B 50 11.36 26.75 -15.70
CA GLN B 50 12.27 26.48 -16.80
C GLN B 50 12.30 24.98 -17.16
N LEU B 51 12.11 24.12 -16.17
CA LEU B 51 12.14 22.68 -16.42
C LEU B 51 10.76 22.07 -16.59
N THR B 52 9.75 22.87 -16.91
CA THR B 52 8.42 22.26 -17.09
C THR B 52 8.45 21.44 -18.38
N ARG B 53 7.53 20.48 -18.46
CA ARG B 53 7.42 19.57 -19.59
C ARG B 53 6.17 19.91 -20.38
N GLY B 54 6.20 19.64 -21.68
CA GLY B 54 5.05 19.89 -22.52
C GLY B 54 5.00 21.25 -23.16
N GLN B 55 6.14 21.94 -23.17
CA GLN B 55 6.18 23.26 -23.77
C GLN B 55 5.95 23.15 -25.27
N ASP B 56 5.08 24.00 -25.78
CA ASP B 56 4.75 24.07 -27.21
C ASP B 56 4.75 25.55 -27.59
N THR B 57 5.91 26.01 -28.04
CA THR B 57 6.13 27.41 -28.43
C THR B 57 5.60 27.87 -29.79
N LYS B 58 4.89 27.01 -30.51
CA LYS B 58 4.39 27.36 -31.84
C LYS B 58 3.50 28.61 -31.83
N GLY B 59 2.61 28.66 -30.84
CA GLY B 59 1.70 29.79 -30.74
C GLY B 59 2.39 31.14 -30.68
N ILE B 60 3.46 31.25 -29.91
CA ILE B 60 4.16 32.53 -29.78
C ILE B 60 5.26 32.80 -30.80
N GLY B 61 5.36 31.97 -31.83
CA GLY B 61 6.35 32.17 -32.87
C GLY B 61 7.80 32.17 -32.43
N MET B 62 8.14 31.33 -31.47
CA MET B 62 9.52 31.27 -30.99
C MET B 62 9.97 29.82 -31.01
N LYS B 63 11.28 29.62 -31.02
CA LYS B 63 11.81 28.27 -31.01
C LYS B 63 11.77 27.70 -29.61
N ASN B 64 11.29 26.47 -29.50
CA ASN B 64 11.21 25.81 -28.21
C ASN B 64 12.58 25.21 -27.89
N PHE B 65 13.26 25.78 -26.89
CA PHE B 65 14.59 25.32 -26.51
C PHE B 65 14.65 24.36 -25.34
N SER B 66 13.48 23.95 -24.82
CA SER B 66 13.43 23.04 -23.67
C SER B 66 14.18 21.72 -23.90
N PRO B 67 14.11 21.16 -25.12
CA PRO B 67 14.81 19.90 -25.33
C PRO B 67 16.26 19.92 -24.87
N THR B 68 16.88 21.09 -24.93
CA THR B 68 18.27 21.24 -24.53
C THR B 68 18.51 20.94 -23.07
N TYR B 69 17.50 21.10 -22.22
CA TYR B 69 17.69 20.81 -20.81
C TYR B 69 17.89 19.33 -20.63
N ARG B 70 17.11 18.55 -21.37
CA ARG B 70 17.18 17.10 -21.29
C ARG B 70 18.49 16.48 -21.79
N THR B 71 19.40 17.32 -22.29
CA THR B 71 20.67 16.81 -22.80
C THR B 71 21.87 17.23 -21.93
N LEU B 72 21.61 17.82 -20.78
CA LEU B 72 22.68 18.26 -19.88
C LEU B 72 23.48 17.08 -19.36
N GLY B 73 22.89 15.90 -19.39
CA GLY B 73 23.60 14.73 -18.92
C GLY B 73 24.79 14.47 -19.83
N ASP B 74 24.55 14.56 -21.13
CA ASP B 74 25.60 14.34 -22.12
C ASP B 74 26.74 15.33 -21.98
N TYR B 75 26.52 16.40 -21.22
CA TYR B 75 27.55 17.41 -21.00
C TYR B 75 28.19 17.29 -19.63
N GLU B 76 28.02 16.14 -19.00
CA GLU B 76 28.60 15.88 -17.68
C GLU B 76 28.05 16.76 -16.55
N VAL B 77 26.79 17.17 -16.68
CA VAL B 77 26.16 17.98 -15.64
C VAL B 77 25.39 17.01 -14.76
N ARG B 78 26.05 16.60 -13.68
CA ARG B 78 25.49 15.65 -12.75
C ARG B 78 24.59 16.29 -11.69
N ARG B 79 25.00 17.46 -11.19
CA ARG B 79 24.25 18.16 -10.15
C ARG B 79 23.19 19.13 -10.67
N ILE B 80 21.92 18.72 -10.58
CA ILE B 80 20.78 19.51 -11.04
C ILE B 80 19.67 19.52 -10.00
N TYR B 81 19.62 20.58 -9.20
CA TYR B 81 18.63 20.72 -8.14
C TYR B 81 17.42 21.60 -8.41
N VAL B 82 16.37 21.38 -7.63
CA VAL B 82 15.14 22.15 -7.77
C VAL B 82 14.53 22.39 -6.39
N ASP B 83 14.27 23.66 -6.11
CA ASP B 83 13.68 24.04 -4.83
C ASP B 83 12.24 23.56 -4.71
N ARG B 84 11.98 22.72 -3.72
CA ARG B 84 10.64 22.18 -3.51
C ARG B 84 9.64 23.23 -3.04
N ASP B 85 10.05 24.13 -2.14
CA ASP B 85 9.15 25.19 -1.68
C ASP B 85 8.62 25.93 -2.90
N SER B 86 9.50 26.17 -3.88
CA SER B 86 9.15 26.86 -5.11
C SER B 86 8.12 26.10 -5.92
N LEU B 87 8.26 24.77 -5.99
CA LEU B 87 7.31 23.96 -6.74
C LEU B 87 5.98 24.03 -6.01
N GLU B 88 6.03 23.85 -4.70
CA GLU B 88 4.84 23.86 -3.85
C GLU B 88 4.07 25.18 -3.94
N ALA B 89 4.79 26.29 -3.96
CA ALA B 89 4.16 27.60 -4.04
C ALA B 89 3.40 27.77 -5.35
N ARG B 90 3.92 27.12 -6.39
CA ARG B 90 3.33 27.20 -7.72
C ARG B 90 2.46 25.99 -8.06
N GLY B 91 2.17 25.16 -7.06
CA GLY B 91 1.34 23.99 -7.27
C GLY B 91 1.90 22.94 -8.22
N LEU B 92 3.19 22.66 -8.08
CA LEU B 92 3.84 21.69 -8.95
C LEU B 92 4.52 20.59 -8.15
N THR B 93 4.76 19.46 -8.82
CA THR B 93 5.43 18.30 -8.25
C THR B 93 6.47 17.89 -9.28
N GLN B 94 7.46 17.10 -8.89
CA GLN B 94 8.51 16.66 -9.82
C GLN B 94 7.91 16.00 -11.06
N ASP B 95 6.61 15.71 -11.01
CA ASP B 95 5.94 15.10 -12.15
C ASP B 95 5.69 16.14 -13.24
N ASP B 96 5.76 17.41 -12.89
CA ASP B 96 5.54 18.49 -13.87
C ASP B 96 6.86 18.86 -14.56
N LEU B 97 7.95 18.30 -14.07
CA LEU B 97 9.24 18.60 -14.66
C LEU B 97 9.69 17.52 -15.65
N VAL B 98 10.74 17.84 -16.41
CA VAL B 98 11.26 16.91 -17.39
C VAL B 98 12.34 16.08 -16.70
N GLU B 99 12.64 14.92 -17.26
CA GLU B 99 13.66 14.08 -16.68
C GLU B 99 14.93 14.28 -17.48
N ILE B 100 16.06 14.27 -16.78
CA ILE B 100 17.36 14.47 -17.41
C ILE B 100 18.24 13.26 -17.07
N ALA B 101 18.32 12.32 -18.01
CA ALA B 101 19.12 11.12 -17.84
C ALA B 101 20.60 11.43 -17.81
N PHE B 102 21.38 10.53 -17.22
CA PHE B 102 22.83 10.67 -17.11
C PHE B 102 23.46 9.31 -16.89
N GLU B 103 24.49 9.03 -17.66
CA GLU B 103 25.19 7.76 -17.51
C GLU B 103 26.67 8.07 -17.34
N ASP B 104 27.24 7.57 -16.24
CA ASP B 104 28.66 7.76 -15.98
C ASP B 104 29.35 6.68 -16.80
N MET B 105 29.60 6.99 -18.08
CA MET B 105 30.24 6.06 -19.00
C MET B 105 31.53 5.49 -18.45
N GLU B 106 32.08 6.15 -17.42
CA GLU B 106 33.33 5.70 -16.81
C GLU B 106 33.14 4.52 -15.86
N THR B 107 31.90 4.29 -15.43
CA THR B 107 31.60 3.18 -14.51
C THR B 107 30.31 2.44 -14.87
N GLU B 108 29.82 2.64 -16.09
CA GLU B 108 28.60 1.98 -16.59
C GLU B 108 27.26 2.50 -16.05
N GLU B 109 27.25 2.99 -14.82
CA GLU B 109 25.92 3.14 -14.11
C GLU B 109 25.10 4.11 -14.98
N GLU B 110 23.83 3.78 -15.18
CA GLU B 110 22.92 4.60 -15.99
C GLU B 110 21.70 5.06 -15.18
N PHE B 111 21.58 6.38 -14.99
CA PHE B 111 20.48 6.96 -14.23
C PHE B 111 19.43 7.47 -15.21
N ASP B 112 18.16 7.24 -14.89
CA ASP B 112 17.06 7.66 -15.74
C ASP B 112 16.75 9.14 -15.54
N ASN B 113 17.10 9.64 -14.36
CA ASN B 113 16.81 11.03 -14.02
C ASN B 113 17.62 11.54 -12.80
N ILE B 114 18.49 12.54 -13.00
CA ILE B 114 19.28 13.10 -11.90
C ILE B 114 18.73 14.43 -11.35
N VAL B 115 17.55 14.83 -11.81
CA VAL B 115 16.92 16.06 -11.33
C VAL B 115 16.49 15.77 -9.90
N GLU B 116 17.18 16.38 -8.95
CA GLU B 116 16.88 16.16 -7.52
C GLU B 116 16.16 17.32 -6.85
N VAL B 117 14.97 17.06 -6.32
CA VAL B 117 14.20 18.08 -5.62
C VAL B 117 14.73 18.19 -4.18
N ILE B 118 15.14 19.39 -3.78
CA ILE B 118 15.68 19.59 -2.43
C ILE B 118 14.94 20.61 -1.57
N ASP B 119 15.15 20.51 -0.25
CA ASP B 119 14.52 21.39 0.72
C ASP B 119 15.40 22.61 0.97
N SER B 120 14.77 23.68 1.43
CA SER B 120 15.45 24.94 1.71
C SER B 120 16.83 24.81 2.34
N ALA B 121 16.91 24.07 3.44
CA ALA B 121 18.18 23.86 4.14
C ALA B 121 19.29 23.40 3.18
N ARG B 122 18.97 22.38 2.38
CA ARG B 122 19.92 21.84 1.42
C ARG B 122 20.35 22.93 0.43
N VAL B 123 19.38 23.66 -0.13
CA VAL B 123 19.68 24.75 -1.07
C VAL B 123 20.72 25.70 -0.48
N SER B 124 20.52 26.10 0.77
CA SER B 124 21.44 27.03 1.41
C SER B 124 22.82 26.41 1.53
N GLU B 125 22.84 25.10 1.74
CA GLU B 125 24.09 24.38 1.87
C GLU B 125 24.89 24.50 0.57
N LEU B 126 24.21 24.24 -0.54
CA LEU B 126 24.82 24.32 -1.85
C LEU B 126 25.43 25.70 -2.15
N MET B 127 24.70 26.76 -1.84
CA MET B 127 25.20 28.11 -2.08
C MET B 127 26.53 28.29 -1.35
N ASN B 128 26.57 27.88 -0.09
CA ASN B 128 27.77 28.00 0.75
C ASN B 128 28.95 27.14 0.29
N GLU B 129 28.68 26.16 -0.55
CA GLU B 129 29.72 25.26 -1.07
C GLU B 129 30.29 25.78 -2.39
N SER B 130 29.52 26.60 -3.10
CA SER B 130 29.96 27.12 -4.38
C SER B 130 31.07 28.14 -4.26
N ASP B 131 32.02 28.10 -5.19
CA ASP B 131 33.15 29.03 -5.20
C ASP B 131 32.77 30.27 -6.04
N ALA B 132 31.81 30.08 -6.94
CA ALA B 132 31.36 31.16 -7.80
C ALA B 132 29.97 30.85 -8.26
N VAL B 133 29.15 31.88 -8.37
CA VAL B 133 27.77 31.73 -8.80
C VAL B 133 27.43 32.65 -9.97
N PHE B 134 26.84 32.06 -11.00
CA PHE B 134 26.44 32.79 -12.20
C PHE B 134 24.98 33.15 -11.96
N SER B 135 24.62 34.40 -12.24
CA SER B 135 23.24 34.88 -12.04
C SER B 135 22.65 35.41 -13.35
N PHE B 136 21.35 35.25 -13.52
CA PHE B 136 20.70 35.71 -14.74
C PHE B 136 19.28 36.19 -14.48
N SER C 2 30.60 34.00 4.85
CA SER C 2 31.13 33.31 3.68
C SER C 2 30.52 33.88 2.41
N ILE C 3 29.20 33.98 2.36
CA ILE C 3 28.53 34.53 1.17
C ILE C 3 28.12 36.00 1.29
N LEU C 4 28.37 36.75 0.24
CA LEU C 4 27.94 38.14 0.20
C LEU C 4 26.83 38.19 -0.83
N HIS C 5 25.59 38.24 -0.37
CA HIS C 5 24.44 38.32 -1.27
C HIS C 5 24.26 39.78 -1.67
N THR C 6 23.78 40.00 -2.88
CA THR C 6 23.51 41.34 -3.34
C THR C 6 22.09 41.34 -3.86
N VAL C 7 21.32 42.32 -3.43
CA VAL C 7 19.94 42.49 -3.83
C VAL C 7 19.88 43.88 -4.44
N ASN C 8 19.58 43.98 -5.73
CA ASN C 8 19.53 45.26 -6.42
C ASN C 8 18.12 45.68 -6.80
N LYS C 9 17.11 44.95 -6.33
CA LYS C 9 15.73 45.30 -6.68
C LYS C 9 14.82 45.68 -5.52
N SER C 10 13.87 46.59 -5.78
CA SER C 10 12.91 47.07 -4.77
C SER C 10 12.09 45.97 -4.16
N PRO C 11 12.02 45.91 -2.83
CA PRO C 11 11.24 44.86 -2.18
C PRO C 11 9.74 44.99 -2.42
N PHE C 12 9.32 46.11 -3.01
CA PHE C 12 7.90 46.33 -3.27
C PHE C 12 7.53 45.97 -4.70
N GLU C 13 8.54 45.63 -5.48
CA GLU C 13 8.34 45.27 -6.88
C GLU C 13 8.76 43.82 -7.14
N ARG C 14 9.88 43.42 -6.54
CA ARG C 14 10.42 42.07 -6.71
C ARG C 14 10.48 41.22 -5.43
N ASN C 15 10.37 39.91 -5.61
CA ASN C 15 10.42 38.92 -4.52
C ASN C 15 11.87 38.60 -4.18
N SER C 16 12.81 39.26 -4.84
CA SER C 16 14.22 39.00 -4.61
C SER C 16 14.68 39.16 -3.18
N LEU C 17 14.26 40.25 -2.54
CA LEU C 17 14.66 40.49 -1.16
C LEU C 17 14.23 39.34 -0.27
N GLU C 18 12.97 38.94 -0.42
CA GLU C 18 12.44 37.82 0.37
C GLU C 18 13.23 36.54 0.13
N SER C 19 13.42 36.17 -1.13
CA SER C 19 14.15 34.95 -1.45
C SER C 19 15.55 34.96 -0.87
N CYS C 20 16.21 36.10 -0.92
CA CYS C 20 17.56 36.24 -0.39
C CYS C 20 17.61 36.03 1.12
N LEU C 21 16.69 36.68 1.83
CA LEU C 21 16.62 36.57 3.29
C LEU C 21 16.24 35.18 3.73
N LYS C 22 15.57 34.44 2.84
CA LYS C 22 15.15 33.09 3.16
C LYS C 22 16.28 32.08 3.07
N PHE C 23 17.20 32.27 2.13
CA PHE C 23 18.29 31.31 1.98
C PHE C 23 19.64 31.73 2.54
N ALA C 24 19.79 32.99 2.91
CA ALA C 24 21.05 33.46 3.48
C ALA C 24 21.09 32.79 4.84
N THR C 25 22.28 32.36 5.25
CA THR C 25 22.40 31.69 6.52
C THR C 25 23.23 32.47 7.54
N GLU C 26 23.31 31.90 8.74
CA GLU C 26 24.06 32.48 9.84
C GLU C 26 25.46 32.94 9.45
N GLY C 27 25.79 34.20 9.75
CA GLY C 27 27.10 34.73 9.44
C GLY C 27 27.30 35.31 8.05
N ALA C 28 26.28 35.21 7.21
CA ALA C 28 26.38 35.74 5.86
C ALA C 28 26.14 37.24 5.82
N SER C 29 26.55 37.87 4.73
CA SER C 29 26.34 39.30 4.55
C SER C 29 25.41 39.54 3.37
N VAL C 30 24.61 40.61 3.47
CA VAL C 30 23.68 41.01 2.41
C VAL C 30 23.89 42.50 2.15
N LEU C 31 23.98 42.88 0.89
CA LEU C 31 24.18 44.27 0.50
C LEU C 31 23.04 44.75 -0.38
N LEU C 32 22.39 45.84 0.04
CA LEU C 32 21.28 46.40 -0.71
C LEU C 32 21.78 47.59 -1.54
N PHE C 33 21.69 47.49 -2.86
CA PHE C 33 22.13 48.60 -3.71
C PHE C 33 21.15 48.80 -4.88
N GLU C 34 21.38 49.82 -5.69
CA GLU C 34 20.46 50.15 -6.79
C GLU C 34 19.06 50.24 -6.17
N ASP C 35 18.01 49.84 -6.88
CA ASP C 35 16.67 49.95 -6.31
C ASP C 35 16.49 49.12 -5.02
N GLY C 36 17.48 48.29 -4.71
CA GLY C 36 17.39 47.47 -3.51
C GLY C 36 17.35 48.32 -2.23
N ILE C 37 17.93 49.51 -2.34
CA ILE C 37 18.03 50.46 -1.25
C ILE C 37 16.75 50.70 -0.43
N TYR C 38 15.63 50.85 -1.09
CA TYR C 38 14.39 51.11 -0.36
C TYR C 38 14.08 50.15 0.80
N ALA C 39 14.66 48.96 0.78
CA ALA C 39 14.42 48.00 1.86
C ALA C 39 15.17 48.35 3.15
N ALA C 40 16.19 49.20 3.07
CA ALA C 40 16.95 49.58 4.27
C ALA C 40 16.36 50.82 4.95
N LEU C 41 15.27 51.35 4.38
CA LEU C 41 14.61 52.53 4.93
C LEU C 41 13.65 52.22 6.07
N ALA C 42 13.78 52.96 7.16
CA ALA C 42 12.89 52.77 8.30
C ALA C 42 11.47 53.16 7.90
N GLY C 43 10.47 52.51 8.49
CA GLY C 43 9.10 52.89 8.19
C GLY C 43 8.32 52.12 7.13
N THR C 44 8.99 51.48 6.19
CA THR C 44 8.28 50.75 5.15
C THR C 44 7.63 49.46 5.62
N ARG C 45 6.75 48.95 4.76
CA ARG C 45 6.02 47.72 4.97
C ARG C 45 6.93 46.56 5.39
N VAL C 46 8.17 46.58 4.92
CA VAL C 46 9.11 45.51 5.21
C VAL C 46 10.19 45.77 6.25
N GLU C 47 10.00 46.80 7.06
CA GLU C 47 10.98 47.09 8.09
C GLU C 47 11.10 45.91 9.05
N SER C 48 9.94 45.37 9.46
CA SER C 48 9.91 44.25 10.38
C SER C 48 10.79 43.06 9.93
N GLN C 49 10.49 42.44 8.80
CA GLN C 49 11.29 41.30 8.35
C GLN C 49 12.76 41.66 8.13
N VAL C 50 13.03 42.84 7.60
CA VAL C 50 14.41 43.24 7.40
C VAL C 50 15.06 43.30 8.79
N THR C 51 14.38 43.93 9.74
CA THR C 51 14.90 44.05 11.10
C THR C 51 15.17 42.68 11.73
N GLU C 52 14.25 41.75 11.48
CA GLU C 52 14.37 40.38 11.95
C GLU C 52 15.72 39.81 11.48
N ALA C 53 16.02 40.03 10.20
CA ALA C 53 17.24 39.56 9.57
C ALA C 53 18.52 40.02 10.26
N LEU C 54 18.48 41.17 10.92
CA LEU C 54 19.66 41.68 11.62
C LEU C 54 20.15 40.66 12.66
N GLY C 55 19.27 39.70 12.97
CA GLY C 55 19.59 38.68 13.95
C GLY C 55 20.80 37.84 13.57
N LYS C 56 20.69 37.07 12.48
CA LYS C 56 21.80 36.22 12.07
C LYS C 56 22.60 36.74 10.88
N LEU C 57 22.16 37.83 10.28
CA LEU C 57 22.89 38.37 9.13
C LEU C 57 23.50 39.75 9.35
N LYS C 58 24.46 40.11 8.51
CA LYS C 58 25.10 41.43 8.56
C LYS C 58 24.53 42.21 7.38
N LEU C 59 23.77 43.27 7.65
CA LEU C 59 23.16 44.03 6.55
C LEU C 59 23.85 45.33 6.15
N TYR C 60 23.98 45.53 4.84
CA TYR C 60 24.60 46.71 4.29
C TYR C 60 23.80 47.33 3.13
N VAL C 61 23.87 48.65 3.03
CA VAL C 61 23.18 49.38 1.98
C VAL C 61 24.21 50.33 1.38
N LEU C 62 24.17 50.52 0.06
CA LEU C 62 25.13 51.40 -0.64
C LEU C 62 24.75 52.87 -0.54
N GLY C 63 25.61 53.64 0.11
CA GLY C 63 25.34 55.06 0.29
C GLY C 63 24.90 55.78 -0.96
N PRO C 64 25.77 55.82 -1.99
CA PRO C 64 25.50 56.47 -3.27
C PRO C 64 24.06 56.28 -3.78
N ASP C 65 23.53 55.06 -3.68
CA ASP C 65 22.17 54.81 -4.15
C ASP C 65 21.10 55.29 -3.18
N LEU C 66 21.44 55.38 -1.90
CA LEU C 66 20.47 55.87 -0.94
C LEU C 66 20.29 57.37 -1.22
N LYS C 67 21.40 58.07 -1.35
CA LYS C 67 21.39 59.50 -1.60
C LYS C 67 20.72 59.85 -2.91
N ALA C 68 21.11 59.15 -3.97
CA ALA C 68 20.55 59.40 -5.30
C ALA C 68 19.03 59.32 -5.27
N ARG C 69 18.49 58.47 -4.40
CA ARG C 69 17.05 58.31 -4.32
C ARG C 69 16.38 59.24 -3.31
N GLY C 70 17.21 60.06 -2.65
CA GLY C 70 16.68 61.02 -1.70
C GLY C 70 16.65 60.65 -0.24
N PHE C 71 17.58 59.82 0.22
CA PHE C 71 17.59 59.43 1.62
C PHE C 71 18.97 59.46 2.22
N SER C 72 19.04 60.06 3.40
CA SER C 72 20.27 60.19 4.15
C SER C 72 20.43 58.98 5.04
N ASP C 73 21.61 58.82 5.61
CA ASP C 73 21.87 57.68 6.48
C ASP C 73 20.93 57.60 7.68
N GLU C 74 20.32 58.73 8.03
CA GLU C 74 19.40 58.80 9.17
C GLU C 74 18.07 58.11 8.91
N ARG C 75 17.69 57.99 7.64
CA ARG C 75 16.43 57.35 7.28
C ARG C 75 16.57 55.82 7.26
N VAL C 76 17.78 55.32 7.50
CA VAL C 76 18.06 53.90 7.49
C VAL C 76 17.73 53.20 8.81
N ILE C 77 17.39 51.91 8.69
CA ILE C 77 17.05 51.04 9.81
C ILE C 77 18.31 50.80 10.66
N PRO C 78 18.26 51.17 11.96
CA PRO C 78 19.44 50.96 12.81
C PRO C 78 19.92 49.50 12.74
N GLY C 79 21.22 49.31 12.60
CA GLY C 79 21.76 47.97 12.51
C GLY C 79 22.30 47.69 11.12
N ILE C 80 21.73 48.35 10.10
CA ILE C 80 22.19 48.18 8.71
C ILE C 80 23.30 49.18 8.44
N SER C 81 24.49 48.70 8.06
CA SER C 81 25.62 49.57 7.78
C SER C 81 25.64 50.20 6.38
N VAL C 82 25.97 51.49 6.32
CA VAL C 82 26.07 52.17 5.04
C VAL C 82 27.50 52.15 4.51
N VAL C 83 27.67 51.68 3.28
CA VAL C 83 28.99 51.61 2.65
C VAL C 83 28.97 52.27 1.25
N ASP C 84 30.14 52.66 0.76
CA ASP C 84 30.26 53.27 -0.57
C ASP C 84 30.86 52.23 -1.53
N TYR C 85 31.17 52.61 -2.76
CA TYR C 85 31.73 51.62 -3.68
C TYR C 85 33.03 51.02 -3.17
N ALA C 86 33.84 51.83 -2.50
CA ALA C 86 35.07 51.29 -1.97
C ALA C 86 34.71 50.19 -0.96
N GLY C 87 33.69 50.46 -0.14
CA GLY C 87 33.26 49.48 0.85
C GLY C 87 32.62 48.26 0.21
N PHE C 88 31.89 48.50 -0.87
CA PHE C 88 31.23 47.42 -1.59
C PHE C 88 32.35 46.47 -2.04
N VAL C 89 33.41 47.05 -2.59
CA VAL C 89 34.55 46.23 -3.03
C VAL C 89 35.02 45.40 -1.85
N ASP C 90 35.29 46.07 -0.73
CA ASP C 90 35.76 45.39 0.48
C ASP C 90 34.89 44.22 0.88
N LEU C 91 33.58 44.42 0.88
CA LEU C 91 32.65 43.36 1.23
C LEU C 91 32.87 42.13 0.35
N THR C 92 33.11 42.35 -0.95
CA THR C 92 33.32 41.24 -1.86
C THR C 92 34.63 40.48 -1.61
N THR C 93 35.62 41.13 -1.00
CA THR C 93 36.89 40.45 -0.70
C THR C 93 36.89 39.79 0.68
N GLU C 94 36.08 40.33 1.60
CA GLU C 94 35.98 39.80 2.95
C GLU C 94 35.19 38.50 2.92
N CYS C 95 34.13 38.46 2.12
CA CYS C 95 33.35 37.26 2.01
C CYS C 95 34.09 36.39 1.01
N ASP C 96 33.72 35.12 0.94
CA ASP C 96 34.38 34.17 0.04
C ASP C 96 33.75 34.13 -1.35
N THR C 97 32.44 34.31 -1.40
CA THR C 97 31.70 34.26 -2.65
C THR C 97 30.60 35.34 -2.72
N VAL C 98 30.34 35.83 -3.92
CA VAL C 98 29.31 36.83 -4.13
C VAL C 98 28.16 36.15 -4.86
N GLN C 99 26.92 36.44 -4.47
CA GLN C 99 25.75 35.82 -5.10
C GLN C 99 24.68 36.87 -5.36
N ALA C 100 24.51 37.23 -6.63
CA ALA C 100 23.54 38.25 -7.01
C ALA C 100 22.10 37.78 -7.16
N TRP C 101 21.23 38.36 -6.36
CA TRP C 101 19.81 38.04 -6.45
C TRP C 101 19.22 39.09 -7.37
N LEU C 102 18.91 38.67 -8.59
CA LEU C 102 18.38 39.56 -9.61
C LEU C 102 16.88 39.42 -9.85
N MET D 1 -11.23 49.92 -36.78
CA MET D 1 -10.58 50.52 -35.58
C MET D 1 -9.11 50.85 -35.89
N LYS D 2 -8.62 51.99 -35.40
CA LYS D 2 -7.24 52.42 -35.62
C LYS D 2 -6.39 52.17 -34.38
N PHE D 3 -5.26 51.49 -34.55
CA PHE D 3 -4.39 51.19 -33.43
C PHE D 3 -3.09 51.98 -33.41
N ALA D 4 -2.49 52.00 -32.23
CA ALA D 4 -1.21 52.67 -32.00
C ALA D 4 -0.46 51.75 -31.04
N LEU D 5 0.64 51.16 -31.50
CA LEU D 5 1.42 50.24 -30.69
C LEU D 5 2.74 50.83 -30.20
N GLN D 6 2.94 50.85 -28.89
CA GLN D 6 4.18 51.36 -28.31
C GLN D 6 5.01 50.17 -27.84
N ILE D 7 6.29 50.14 -28.21
CA ILE D 7 7.16 49.04 -27.81
C ILE D 7 8.34 49.57 -27.01
N ASN D 8 8.46 49.13 -25.76
CA ASN D 8 9.52 49.65 -24.90
C ASN D 8 10.75 48.81 -24.69
N GLU D 9 10.80 47.61 -25.26
CA GLU D 9 11.97 46.80 -25.03
C GLU D 9 12.68 46.36 -26.30
N GLY D 10 13.94 46.00 -26.16
CA GLY D 10 14.72 45.56 -27.31
C GLY D 10 14.34 44.16 -27.69
N PRO D 11 14.82 43.66 -28.85
CA PRO D 11 14.51 42.31 -29.32
C PRO D 11 15.21 41.19 -28.56
N TYR D 12 14.48 40.08 -28.40
CA TYR D 12 14.97 38.86 -27.73
C TYR D 12 15.14 38.88 -26.21
N GLN D 13 15.59 40.00 -25.68
CA GLN D 13 15.82 40.15 -24.25
C GLN D 13 14.48 40.07 -23.49
N HIS D 14 13.45 40.68 -24.06
CA HIS D 14 12.11 40.68 -23.47
C HIS D 14 11.12 40.32 -24.57
N GLN D 15 10.05 39.63 -24.21
CA GLN D 15 9.04 39.19 -25.18
C GLN D 15 8.25 40.32 -25.83
N ALA D 16 8.17 41.48 -25.17
CA ALA D 16 7.42 42.63 -25.67
C ALA D 16 7.29 42.77 -27.20
N SER D 17 8.42 42.84 -27.91
CA SER D 17 8.37 43.01 -29.36
C SER D 17 7.65 41.84 -30.05
N ASP D 18 7.97 40.61 -29.64
CA ASP D 18 7.31 39.46 -30.24
C ASP D 18 5.81 39.54 -30.00
N SER D 19 5.41 39.90 -28.79
CA SER D 19 3.98 40.01 -28.46
C SER D 19 3.32 41.11 -29.30
N ALA D 20 3.99 42.25 -29.40
CA ALA D 20 3.47 43.37 -30.17
C ALA D 20 3.29 42.96 -31.63
N TYR D 21 4.28 42.24 -32.16
CA TYR D 21 4.23 41.76 -33.53
C TYR D 21 3.05 40.81 -33.74
N GLN D 22 2.94 39.82 -32.86
CA GLN D 22 1.84 38.87 -33.00
C GLN D 22 0.54 39.63 -32.96
N PHE D 23 0.47 40.64 -32.09
CA PHE D 23 -0.75 41.43 -31.99
C PHE D 23 -0.98 42.18 -33.31
N ALA D 24 0.05 42.84 -33.82
CA ALA D 24 -0.12 43.60 -35.07
C ALA D 24 -0.53 42.72 -36.25
N LYS D 25 0.04 41.51 -36.37
CA LYS D 25 -0.32 40.64 -37.48
C LYS D 25 -1.79 40.22 -37.38
N ALA D 26 -2.21 39.86 -36.17
CA ALA D 26 -3.59 39.44 -35.92
C ALA D 26 -4.56 40.59 -36.17
N ALA D 27 -4.21 41.78 -35.71
CA ALA D 27 -5.06 42.95 -35.90
C ALA D 27 -5.19 43.26 -37.39
N LEU D 28 -4.05 43.39 -38.06
CA LEU D 28 -4.01 43.69 -39.49
C LEU D 28 -4.85 42.69 -40.29
N GLU D 29 -4.65 41.41 -39.98
CA GLU D 29 -5.38 40.36 -40.67
C GLU D 29 -6.88 40.43 -40.45
N LYS D 30 -7.31 41.06 -39.36
CA LYS D 30 -8.73 41.18 -39.08
C LYS D 30 -9.35 42.38 -39.80
N GLY D 31 -8.52 43.14 -40.50
CA GLY D 31 -9.04 44.29 -41.21
C GLY D 31 -8.84 45.60 -40.48
N HIS D 32 -8.26 45.55 -39.29
CA HIS D 32 -8.01 46.76 -38.53
C HIS D 32 -6.80 47.49 -39.12
N GLU D 33 -6.67 48.76 -38.79
CA GLU D 33 -5.57 49.58 -39.27
C GLU D 33 -4.61 49.87 -38.13
N ILE D 34 -3.32 49.80 -38.42
CA ILE D 34 -2.31 50.11 -37.43
C ILE D 34 -1.74 51.47 -37.86
N PHE D 35 -2.21 52.52 -37.20
CA PHE D 35 -1.79 53.88 -37.52
C PHE D 35 -0.27 54.06 -37.45
N ARG D 36 0.33 53.55 -36.38
CA ARG D 36 1.77 53.69 -36.20
C ARG D 36 2.34 52.77 -35.15
N VAL D 37 3.57 52.32 -35.40
CA VAL D 37 4.27 51.48 -34.46
C VAL D 37 5.39 52.38 -33.98
N PHE D 38 5.38 52.72 -32.69
CA PHE D 38 6.40 53.60 -32.14
C PHE D 38 7.30 52.86 -31.17
N PHE D 39 8.61 52.95 -31.38
CA PHE D 39 9.57 52.28 -30.50
C PHE D 39 10.23 53.28 -29.56
N TYR D 40 10.22 52.97 -28.28
CA TYR D 40 10.80 53.86 -27.27
C TYR D 40 11.67 53.03 -26.33
N HIS D 41 12.54 53.71 -25.60
CA HIS D 41 13.47 53.05 -24.68
C HIS D 41 14.34 52.12 -25.50
N ASP D 42 14.62 50.93 -24.97
CA ASP D 42 15.42 49.93 -25.67
C ASP D 42 14.64 49.44 -26.87
N GLY D 43 13.36 49.81 -26.93
CA GLY D 43 12.55 49.41 -28.06
C GLY D 43 13.24 49.80 -29.36
N VAL D 44 13.85 50.98 -29.41
CA VAL D 44 14.50 51.43 -30.64
C VAL D 44 15.44 50.38 -31.21
N ASN D 45 15.92 49.46 -30.37
CA ASN D 45 16.83 48.44 -30.87
C ASN D 45 16.20 47.41 -31.78
N ASN D 46 14.95 47.63 -32.12
CA ASN D 46 14.25 46.73 -33.03
C ASN D 46 14.37 47.29 -34.45
N SER D 47 15.23 48.29 -34.62
CA SER D 47 15.36 48.90 -35.93
C SER D 47 16.74 48.76 -36.57
N THR D 48 17.65 48.04 -35.94
CA THR D 48 18.96 47.88 -36.55
C THR D 48 18.93 46.80 -37.63
N ARG D 49 19.77 46.96 -38.64
CA ARG D 49 19.84 46.02 -39.75
C ARG D 49 21.07 45.16 -39.57
N LEU D 50 21.73 45.28 -38.43
CA LEU D 50 22.95 44.53 -38.20
C LEU D 50 22.82 43.21 -37.42
N THR D 51 21.60 42.71 -37.24
CA THR D 51 21.46 41.47 -36.52
C THR D 51 21.58 40.26 -37.44
N THR D 52 22.11 39.16 -36.88
CA THR D 52 22.29 37.91 -37.60
C THR D 52 21.86 36.82 -36.63
N PRO D 53 20.55 36.74 -36.37
CA PRO D 53 19.88 35.77 -35.47
C PRO D 53 20.00 34.33 -35.92
N PRO D 54 19.92 33.39 -34.98
CA PRO D 54 19.99 31.96 -35.27
C PRO D 54 18.97 31.68 -36.36
N GLN D 55 19.37 30.96 -37.39
CA GLN D 55 18.47 30.66 -38.50
C GLN D 55 17.30 29.78 -38.14
N ASP D 56 17.44 28.99 -37.08
CA ASP D 56 16.36 28.10 -36.69
C ASP D 56 15.32 28.78 -35.80
N ASP D 57 15.46 30.09 -35.60
CA ASP D 57 14.50 30.85 -34.79
C ASP D 57 14.06 32.09 -35.59
N ARG D 58 13.03 32.80 -35.12
CA ARG D 58 12.54 33.98 -35.84
C ARG D 58 13.55 35.14 -35.90
N HIS D 59 13.45 35.96 -36.94
CA HIS D 59 14.33 37.12 -37.15
C HIS D 59 13.42 38.32 -36.90
N ILE D 60 13.35 38.74 -35.64
CA ILE D 60 12.49 39.85 -35.26
C ILE D 60 12.55 41.09 -36.16
N VAL D 61 13.76 41.58 -36.45
CA VAL D 61 13.85 42.77 -37.29
C VAL D 61 13.24 42.57 -38.68
N ASN D 62 13.69 41.53 -39.38
CA ASN D 62 13.17 41.26 -40.71
C ASN D 62 11.68 40.96 -40.69
N ARG D 63 11.20 40.33 -39.62
CA ARG D 63 9.77 40.02 -39.49
C ARG D 63 8.98 41.34 -39.52
N TRP D 64 9.38 42.29 -38.68
CA TRP D 64 8.75 43.62 -38.62
C TRP D 64 8.85 44.33 -39.97
N ALA D 65 9.98 44.14 -40.64
CA ALA D 65 10.21 44.77 -41.93
C ALA D 65 9.21 44.25 -42.95
N GLU D 66 9.01 42.94 -42.94
CA GLU D 66 8.08 42.30 -43.88
C GLU D 66 6.63 42.69 -43.61
N LEU D 67 6.23 42.69 -42.34
CA LEU D 67 4.86 43.05 -42.03
C LEU D 67 4.69 44.50 -42.46
N ALA D 68 5.69 45.34 -42.18
CA ALA D 68 5.60 46.73 -42.57
C ALA D 68 5.45 46.83 -44.08
N GLU D 69 6.27 46.07 -44.80
CA GLU D 69 6.23 46.06 -46.27
C GLU D 69 4.85 45.72 -46.78
N GLN D 70 4.32 44.60 -46.29
CA GLN D 70 3.02 44.12 -46.70
C GLN D 70 1.90 45.14 -46.48
N TYR D 71 1.75 45.63 -45.25
CA TYR D 71 0.69 46.58 -44.94
C TYR D 71 1.08 48.05 -44.91
N GLU D 72 2.27 48.38 -45.41
CA GLU D 72 2.70 49.78 -45.43
C GLU D 72 2.56 50.46 -44.07
N LEU D 73 3.14 49.84 -43.05
CA LEU D 73 3.07 50.38 -41.70
C LEU D 73 4.13 51.44 -41.50
N ASP D 74 3.76 52.46 -40.72
CA ASP D 74 4.67 53.55 -40.39
C ASP D 74 5.32 53.13 -39.07
N MET D 75 6.58 52.74 -39.12
CA MET D 75 7.29 52.31 -37.91
C MET D 75 8.31 53.38 -37.52
N VAL D 76 8.07 54.05 -36.41
CA VAL D 76 8.92 55.14 -35.92
C VAL D 76 9.82 54.79 -34.73
N VAL D 77 11.05 55.31 -34.78
CA VAL D 77 12.07 55.12 -33.74
C VAL D 77 12.34 56.47 -33.08
N CYS D 78 12.18 56.58 -31.76
CA CYS D 78 12.43 57.85 -31.07
C CYS D 78 13.86 58.28 -31.24
N VAL D 79 14.07 59.50 -31.72
CA VAL D 79 15.44 59.98 -31.93
C VAL D 79 16.29 60.01 -30.68
N ALA D 80 15.80 60.65 -29.62
CA ALA D 80 16.55 60.74 -28.38
C ALA D 80 16.93 59.36 -27.83
N ALA D 81 16.00 58.43 -27.92
CA ALA D 81 16.25 57.07 -27.44
C ALA D 81 17.30 56.40 -28.34
N ALA D 82 17.23 56.68 -29.63
CA ALA D 82 18.16 56.10 -30.60
C ALA D 82 19.57 56.66 -30.40
N GLN D 83 19.64 57.94 -30.08
CA GLN D 83 20.93 58.60 -29.86
C GLN D 83 21.66 58.02 -28.65
N ARG D 84 20.91 57.77 -27.58
CA ARG D 84 21.44 57.22 -26.33
C ARG D 84 21.89 55.75 -26.47
N ARG D 85 21.24 55.01 -27.37
CA ARG D 85 21.52 53.59 -27.54
C ARG D 85 22.31 53.20 -28.78
N GLY D 86 22.37 54.09 -29.77
CA GLY D 86 23.13 53.79 -30.96
C GLY D 86 22.40 53.48 -32.27
N ILE D 87 21.16 53.92 -32.42
CA ILE D 87 20.46 53.66 -33.68
C ILE D 87 20.72 54.87 -34.57
N VAL D 88 21.44 54.65 -35.66
CA VAL D 88 21.81 55.73 -36.57
C VAL D 88 21.39 55.59 -38.03
N ASP D 89 20.85 56.68 -38.57
CA ASP D 89 20.45 56.72 -39.97
C ASP D 89 21.30 57.77 -40.69
N GLU D 90 21.04 57.97 -41.97
CA GLU D 90 21.78 58.95 -42.77
C GLU D 90 21.91 60.26 -41.98
N GLY D 91 20.77 60.91 -41.77
CA GLY D 91 20.75 62.16 -41.03
C GLY D 91 21.59 62.17 -39.78
N GLU D 92 21.26 61.30 -38.82
CA GLU D 92 21.99 61.23 -37.57
C GLU D 92 23.49 61.07 -37.81
N ALA D 93 23.87 60.13 -38.68
CA ALA D 93 25.28 59.89 -38.99
C ALA D 93 26.00 61.18 -39.39
N SER D 94 25.33 61.99 -40.20
CA SER D 94 25.86 63.26 -40.68
C SER D 94 25.95 64.33 -39.59
N ARG D 95 24.83 64.54 -38.89
CA ARG D 95 24.73 65.53 -37.83
C ARG D 95 25.62 65.20 -36.64
N ASN D 96 25.69 63.91 -36.27
CA ASN D 96 26.48 63.47 -35.12
C ASN D 96 27.88 63.05 -35.51
N GLY D 97 28.17 63.04 -36.81
CA GLY D 97 29.49 62.66 -37.26
C GLY D 97 29.91 61.22 -36.95
N LYS D 98 29.08 60.25 -37.32
CA LYS D 98 29.41 58.85 -37.09
C LYS D 98 30.02 58.32 -38.40
N ASP D 99 30.78 57.24 -38.31
CA ASP D 99 31.41 56.68 -39.51
C ASP D 99 30.59 55.57 -40.13
N ALA D 100 29.34 55.42 -39.69
CA ALA D 100 28.49 54.36 -40.22
C ALA D 100 27.04 54.51 -39.75
N THR D 101 26.14 53.78 -40.39
CA THR D 101 24.74 53.81 -39.97
C THR D 101 24.38 52.34 -39.76
N ASN D 102 23.26 52.10 -39.10
CA ASN D 102 22.84 50.74 -38.85
C ASN D 102 21.34 50.56 -38.88
N ILE D 103 20.60 51.66 -39.08
CA ILE D 103 19.15 51.52 -39.09
C ILE D 103 18.70 50.75 -40.32
N HIS D 104 17.62 49.99 -40.16
CA HIS D 104 17.03 49.22 -41.25
C HIS D 104 16.14 50.23 -41.96
N PRO D 105 16.27 50.34 -43.28
CA PRO D 105 15.48 51.28 -44.09
C PRO D 105 13.97 51.27 -43.90
N LYS D 106 13.41 50.19 -43.34
CA LYS D 106 11.97 50.16 -43.14
C LYS D 106 11.52 50.95 -41.93
N PHE D 107 12.47 51.41 -41.13
CA PHE D 107 12.17 52.20 -39.92
C PHE D 107 12.66 53.62 -40.13
N ARG D 108 11.95 54.59 -39.54
CA ARG D 108 12.37 55.98 -39.67
C ARG D 108 12.56 56.62 -38.31
N ILE D 109 13.54 57.50 -38.22
CA ILE D 109 13.79 58.19 -36.96
C ILE D 109 12.95 59.46 -36.94
N SER D 110 12.41 59.79 -35.78
CA SER D 110 11.58 60.98 -35.66
C SER D 110 11.45 61.44 -34.22
N GLY D 111 10.71 62.52 -34.00
CA GLY D 111 10.55 63.03 -32.65
C GLY D 111 9.50 62.31 -31.82
N LEU D 112 9.57 62.51 -30.51
CA LEU D 112 8.65 61.89 -29.57
C LEU D 112 7.23 62.39 -29.73
N GLY D 113 7.07 63.45 -30.50
CA GLY D 113 5.76 64.00 -30.74
C GLY D 113 5.00 63.11 -31.69
N GLN D 114 5.71 62.15 -32.27
CA GLN D 114 5.07 61.21 -33.20
C GLN D 114 4.32 60.15 -32.40
N LEU D 115 4.76 59.91 -31.17
CA LEU D 115 4.09 58.94 -30.32
C LEU D 115 2.80 59.57 -29.80
N VAL D 116 2.88 60.79 -29.28
CA VAL D 116 1.69 61.48 -28.77
C VAL D 116 0.74 61.69 -29.92
N GLU D 117 1.31 62.00 -31.08
CA GLU D 117 0.54 62.23 -32.28
C GLU D 117 -0.34 60.99 -32.52
N ALA D 118 0.28 59.81 -32.48
CA ALA D 118 -0.41 58.54 -32.69
C ALA D 118 -1.54 58.29 -31.68
N ALA D 119 -1.21 58.44 -30.39
CA ALA D 119 -2.18 58.23 -29.32
C ALA D 119 -3.47 59.01 -29.57
N ILE D 120 -3.35 60.19 -30.16
CA ILE D 120 -4.49 61.02 -30.45
C ILE D 120 -5.30 60.55 -31.65
N GLN D 121 -4.61 60.13 -32.70
CA GLN D 121 -5.27 59.66 -33.93
C GLN D 121 -5.88 58.27 -33.82
N ALA D 122 -5.21 57.37 -33.11
CA ALA D 122 -5.71 56.01 -32.99
C ALA D 122 -6.83 55.90 -31.96
N ASP D 123 -7.64 54.85 -32.12
CA ASP D 123 -8.74 54.57 -31.23
C ASP D 123 -8.19 53.92 -29.96
N ARG D 124 -7.18 53.08 -30.14
CA ARG D 124 -6.57 52.33 -29.04
C ARG D 124 -5.05 52.41 -28.96
N LEU D 125 -4.53 52.62 -27.75
CA LEU D 125 -3.08 52.67 -27.52
C LEU D 125 -2.62 51.48 -26.71
N VAL D 126 -2.08 50.49 -27.40
CA VAL D 126 -1.60 49.30 -26.75
C VAL D 126 -0.10 49.36 -26.54
N VAL D 127 0.32 49.23 -25.27
CA VAL D 127 1.72 49.27 -24.92
C VAL D 127 2.25 47.91 -24.46
N PHE D 128 3.38 47.53 -25.05
CA PHE D 128 4.06 46.27 -24.77
C PHE D 128 5.45 46.53 -24.18
N GLY D 129 5.64 46.20 -22.92
CA GLY D 129 6.93 46.41 -22.30
C GLY D 129 7.33 45.35 -21.31
N ASP D 130 8.14 45.76 -20.34
CA ASP D 130 8.63 44.87 -19.29
C ASP D 130 7.59 44.79 -18.16
N VAL E 5 -9.58 67.42 -26.25
CA VAL E 5 -10.65 66.51 -26.64
C VAL E 5 -10.44 65.16 -25.94
N LYS E 6 -9.18 64.72 -25.83
CA LYS E 6 -8.85 63.44 -25.18
C LYS E 6 -8.18 63.55 -23.82
N LYS E 7 -8.45 62.56 -22.96
CA LYS E 7 -7.87 62.51 -21.62
C LYS E 7 -6.76 61.46 -21.56
N PHE E 8 -5.54 61.91 -21.28
CA PHE E 8 -4.36 61.04 -21.21
C PHE E 8 -3.81 60.83 -19.80
N MET E 9 -3.53 59.57 -19.45
CA MET E 9 -2.94 59.25 -18.16
C MET E 9 -1.50 58.78 -18.39
N TYR E 10 -0.57 59.26 -17.58
CA TYR E 10 0.82 58.83 -17.68
C TYR E 10 1.00 58.01 -16.41
N LEU E 11 1.04 56.69 -16.55
CA LEU E 11 1.15 55.76 -15.43
C LEU E 11 2.58 55.44 -15.00
N ASN E 12 3.04 56.10 -13.95
CA ASN E 12 4.40 55.87 -13.46
C ASN E 12 4.42 54.94 -12.22
N ARG E 13 5.03 53.76 -12.35
CA ARG E 13 5.07 52.80 -11.24
C ARG E 13 6.45 52.26 -10.86
N LYS E 14 7.52 52.79 -11.47
CA LYS E 14 8.86 52.30 -11.16
C LYS E 14 9.74 53.32 -10.48
N ALA E 15 10.64 52.83 -9.62
CA ALA E 15 11.58 53.69 -8.91
C ALA E 15 12.52 54.31 -9.93
N PRO E 16 13.06 55.50 -9.63
CA PRO E 16 13.99 56.17 -10.54
C PRO E 16 15.40 55.61 -10.45
N TYR E 17 16.21 55.91 -11.46
CA TYR E 17 17.61 55.50 -11.54
C TYR E 17 17.92 54.00 -11.65
N GLY E 18 17.12 53.16 -10.99
CA GLY E 18 17.35 51.73 -11.11
C GLY E 18 17.18 51.41 -12.58
N THR E 19 16.20 52.06 -13.18
CA THR E 19 15.94 51.92 -14.62
C THR E 19 15.71 53.31 -15.22
N ILE E 20 15.65 53.37 -16.55
CA ILE E 20 15.48 54.64 -17.25
C ILE E 20 14.02 55.08 -17.38
N TYR E 21 13.09 54.16 -17.14
CA TYR E 21 11.66 54.44 -17.27
C TYR E 21 11.19 55.76 -16.63
N ALA E 22 11.66 56.05 -15.43
CA ALA E 22 11.27 57.29 -14.76
C ALA E 22 11.65 58.54 -15.57
N TRP E 23 12.92 58.62 -15.95
CA TRP E 23 13.44 59.75 -16.72
C TRP E 23 12.78 59.86 -18.10
N GLU E 24 12.95 58.84 -18.92
CA GLU E 24 12.37 58.89 -20.26
C GLU E 24 10.85 59.06 -20.28
N ALA E 25 10.16 58.62 -19.24
CA ALA E 25 8.71 58.82 -19.20
C ALA E 25 8.46 60.31 -19.02
N LEU E 26 9.24 60.95 -18.15
CA LEU E 26 9.11 62.37 -17.92
C LEU E 26 9.23 63.14 -19.25
N GLU E 27 10.14 62.70 -20.11
CA GLU E 27 10.36 63.32 -21.42
C GLU E 27 9.08 63.38 -22.26
N VAL E 28 8.30 62.30 -22.21
CA VAL E 28 7.09 62.22 -23.00
C VAL E 28 6.05 63.23 -22.51
N VAL E 29 5.98 63.43 -21.20
CA VAL E 29 5.02 64.39 -20.64
C VAL E 29 5.29 65.82 -21.12
N LEU E 30 6.56 66.21 -21.18
CA LEU E 30 6.92 67.55 -21.63
C LEU E 30 6.50 67.73 -23.08
N ILE E 31 6.80 66.72 -23.90
CA ILE E 31 6.44 66.77 -25.29
C ILE E 31 4.92 66.69 -25.47
N GLY E 32 4.25 65.88 -24.65
CA GLY E 32 2.81 65.74 -24.77
C GLY E 32 2.05 66.96 -24.28
N ALA E 33 2.75 67.84 -23.55
CA ALA E 33 2.14 69.04 -23.02
C ALA E 33 1.75 69.96 -24.16
N ALA E 34 2.60 69.99 -25.19
CA ALA E 34 2.39 70.82 -26.36
C ALA E 34 1.12 70.49 -27.16
N PHE E 35 0.66 69.25 -27.10
CA PHE E 35 -0.54 68.90 -27.86
C PHE E 35 -1.83 69.26 -27.14
N ASP E 36 -1.69 69.96 -26.02
CA ASP E 36 -2.83 70.40 -25.21
C ASP E 36 -4.02 69.45 -25.18
N GLN E 37 -3.83 68.31 -24.53
CA GLN E 37 -4.87 67.31 -24.35
C GLN E 37 -5.03 67.31 -22.84
N ASP E 38 -6.14 66.80 -22.32
CA ASP E 38 -6.34 66.79 -20.87
C ASP E 38 -5.37 65.78 -20.27
N VAL E 39 -4.16 66.23 -19.95
CA VAL E 39 -3.16 65.33 -19.39
C VAL E 39 -3.16 65.24 -17.85
N CYS E 40 -2.90 64.04 -17.35
CA CYS E 40 -2.82 63.79 -15.90
C CYS E 40 -1.74 62.74 -15.64
N VAL E 41 -0.81 63.05 -14.75
CA VAL E 41 0.27 62.12 -14.41
C VAL E 41 0.01 61.46 -13.06
N LEU E 42 -0.07 60.13 -13.05
CA LEU E 42 -0.31 59.40 -11.82
C LEU E 42 0.88 58.57 -11.37
N PHE E 43 1.20 58.67 -10.09
CA PHE E 43 2.30 57.92 -9.53
C PHE E 43 1.76 56.85 -8.59
N LEU E 44 2.03 55.60 -8.91
CA LEU E 44 1.55 54.47 -8.13
C LEU E 44 2.67 53.47 -7.84
N ASP E 45 2.52 52.75 -6.73
CA ASP E 45 3.53 51.78 -6.28
C ASP E 45 4.87 52.49 -6.19
N ASP E 46 5.93 51.86 -6.69
CA ASP E 46 7.24 52.51 -6.61
C ASP E 46 7.31 53.80 -7.42
N GLY E 47 6.23 54.12 -8.12
CA GLY E 47 6.21 55.34 -8.91
C GLY E 47 6.37 56.54 -8.00
N VAL E 48 5.86 56.44 -6.77
CA VAL E 48 5.94 57.54 -5.83
C VAL E 48 7.35 57.94 -5.48
N TYR E 49 8.28 57.00 -5.61
CA TYR E 49 9.67 57.32 -5.32
C TYR E 49 10.25 58.23 -6.38
N GLN E 50 9.52 58.42 -7.46
CA GLN E 50 9.97 59.29 -8.53
C GLN E 50 9.94 60.76 -8.09
N LEU E 51 8.99 61.13 -7.23
CA LEU E 51 8.85 62.51 -6.74
C LEU E 51 9.53 62.86 -5.40
N THR E 52 10.32 61.97 -4.85
CA THR E 52 10.96 62.27 -3.58
C THR E 52 11.79 63.52 -3.70
N ARG E 53 12.03 64.16 -2.57
CA ARG E 53 12.83 65.38 -2.55
C ARG E 53 14.20 65.09 -1.96
N GLY E 54 15.18 65.90 -2.36
CA GLY E 54 16.52 65.77 -1.85
C GLY E 54 17.44 64.79 -2.55
N GLN E 55 17.07 64.33 -3.74
CA GLN E 55 17.93 63.39 -4.45
C GLN E 55 19.28 64.02 -4.75
N ASP E 56 20.35 63.25 -4.54
CA ASP E 56 21.71 63.71 -4.81
C ASP E 56 22.35 62.56 -5.57
N THR E 57 22.37 62.65 -6.90
CA THR E 57 22.94 61.59 -7.72
C THR E 57 24.46 61.64 -7.94
N LYS E 58 25.15 62.55 -7.28
CA LYS E 58 26.59 62.65 -7.47
C LYS E 58 27.33 61.34 -7.28
N GLY E 59 27.00 60.64 -6.20
CA GLY E 59 27.65 59.38 -5.89
C GLY E 59 27.52 58.25 -6.90
N ILE E 60 26.44 58.21 -7.66
CA ILE E 60 26.31 57.12 -8.62
C ILE E 60 26.70 57.51 -10.04
N GLY E 61 27.32 58.67 -10.19
CA GLY E 61 27.77 59.15 -11.48
C GLY E 61 26.73 59.36 -12.56
N MET E 62 25.52 59.73 -12.17
CA MET E 62 24.44 59.99 -13.12
C MET E 62 23.94 61.43 -12.92
N LYS E 63 23.24 61.94 -13.91
CA LYS E 63 22.70 63.29 -13.83
C LYS E 63 21.43 63.19 -12.99
N ASN E 64 21.19 64.17 -12.13
CA ASN E 64 19.99 64.18 -11.30
C ASN E 64 18.94 64.94 -12.09
N PHE E 65 17.92 64.23 -12.56
CA PHE E 65 16.86 64.84 -13.35
C PHE E 65 15.62 65.26 -12.59
N SER E 66 15.58 65.04 -11.29
CA SER E 66 14.39 65.38 -10.50
C SER E 66 13.87 66.81 -10.63
N PRO E 67 14.76 67.81 -10.75
CA PRO E 67 14.32 69.20 -10.87
C PRO E 67 13.26 69.41 -11.94
N THR E 68 13.35 68.62 -13.00
CA THR E 68 12.41 68.74 -14.09
C THR E 68 10.96 68.49 -13.66
N TYR E 69 10.75 67.59 -12.70
CA TYR E 69 9.38 67.34 -12.22
C TYR E 69 8.77 68.64 -11.70
N ARG E 70 9.58 69.44 -11.00
CA ARG E 70 9.12 70.70 -10.42
C ARG E 70 8.76 71.77 -11.45
N THR E 71 9.06 71.51 -12.72
CA THR E 71 8.74 72.48 -13.78
C THR E 71 7.49 72.08 -14.56
N LEU E 72 6.86 70.98 -14.17
CA LEU E 72 5.68 70.52 -14.87
C LEU E 72 4.53 71.53 -14.95
N GLY E 73 4.47 72.47 -14.00
CA GLY E 73 3.42 73.47 -14.03
C GLY E 73 3.60 74.42 -15.20
N ASP E 74 4.85 74.72 -15.52
CA ASP E 74 5.15 75.60 -16.62
C ASP E 74 4.72 74.97 -17.93
N TYR E 75 4.51 73.65 -17.90
CA TYR E 75 4.09 72.99 -19.12
C TYR E 75 2.59 72.82 -19.18
N GLU E 76 1.91 73.40 -18.19
CA GLU E 76 0.45 73.33 -18.09
C GLU E 76 -0.03 72.00 -17.53
N VAL E 77 0.82 71.28 -16.81
CA VAL E 77 0.42 70.00 -16.22
C VAL E 77 -0.19 70.32 -14.86
N ARG E 78 -1.51 70.27 -14.82
CA ARG E 78 -2.31 70.60 -13.64
C ARG E 78 -2.67 69.36 -12.82
N ARG E 79 -2.95 68.25 -13.51
CA ARG E 79 -3.33 67.01 -12.83
C ARG E 79 -2.17 66.09 -12.56
N ILE E 80 -1.69 66.11 -11.32
CA ILE E 80 -0.59 65.27 -10.88
C ILE E 80 -1.00 64.60 -9.57
N TYR E 81 -1.30 63.30 -9.65
CA TYR E 81 -1.75 62.51 -8.50
C TYR E 81 -0.74 61.53 -7.90
N VAL E 82 -0.92 61.26 -6.62
CA VAL E 82 -0.08 60.32 -5.89
C VAL E 82 -0.92 59.41 -5.01
N ASP E 83 -0.78 58.10 -5.20
CA ASP E 83 -1.50 57.10 -4.43
C ASP E 83 -0.99 57.12 -3.00
N ARG E 84 -1.87 57.42 -2.05
CA ARG E 84 -1.48 57.48 -0.63
C ARG E 84 -1.14 56.10 -0.08
N ASP E 85 -1.91 55.08 -0.46
CA ASP E 85 -1.67 53.73 0.02
C ASP E 85 -0.21 53.39 -0.25
N SER E 86 0.27 53.77 -1.43
CA SER E 86 1.66 53.54 -1.78
C SER E 86 2.57 54.32 -0.83
N LEU E 87 2.31 55.60 -0.66
CA LEU E 87 3.12 56.42 0.24
C LEU E 87 3.17 55.76 1.61
N GLU E 88 2.01 55.30 2.07
CA GLU E 88 1.88 54.64 3.35
C GLU E 88 2.77 53.39 3.44
N ALA E 89 2.51 52.41 2.57
CA ALA E 89 3.31 51.19 2.59
C ALA E 89 4.80 51.51 2.57
N ARG E 90 5.17 52.60 1.91
CA ARG E 90 6.57 52.98 1.87
C ARG E 90 6.99 53.89 3.01
N GLY E 91 6.06 54.14 3.92
CA GLY E 91 6.33 54.99 5.08
C GLY E 91 6.69 56.42 4.74
N LEU E 92 5.92 57.03 3.87
CA LEU E 92 6.16 58.41 3.45
C LEU E 92 4.88 59.20 3.55
N THR E 93 5.03 60.52 3.51
CA THR E 93 3.91 61.43 3.57
C THR E 93 4.18 62.44 2.46
N GLN E 94 3.19 63.24 2.13
CA GLN E 94 3.37 64.23 1.07
C GLN E 94 4.59 65.09 1.39
N ASP E 95 4.99 65.12 2.66
CA ASP E 95 6.15 65.90 3.05
C ASP E 95 7.45 65.37 2.48
N ASP E 96 7.45 64.12 2.04
CA ASP E 96 8.68 63.56 1.50
C ASP E 96 8.83 63.89 0.03
N LEU E 97 7.73 64.31 -0.57
CA LEU E 97 7.71 64.65 -1.98
C LEU E 97 8.06 66.12 -2.25
N VAL E 98 8.34 66.45 -3.51
CA VAL E 98 8.67 67.81 -3.92
C VAL E 98 7.37 68.53 -4.21
N GLU E 99 7.44 69.85 -4.35
CA GLU E 99 6.23 70.61 -4.63
C GLU E 99 6.26 71.06 -6.08
N ILE E 100 5.10 71.08 -6.72
CA ILE E 100 5.02 71.45 -8.12
C ILE E 100 4.03 72.61 -8.33
N ALA E 101 4.57 73.82 -8.24
CA ALA E 101 3.79 75.04 -8.39
C ALA E 101 3.15 75.17 -9.76
N PHE E 102 2.01 75.86 -9.80
CA PHE E 102 1.29 76.09 -11.04
C PHE E 102 0.48 77.38 -10.97
N GLU E 103 0.56 78.18 -12.02
CA GLU E 103 -0.19 79.44 -12.07
C GLU E 103 -0.94 79.57 -13.38
N ASP E 104 -2.27 79.54 -13.27
CA ASP E 104 -3.12 79.67 -14.44
C ASP E 104 -2.99 81.12 -14.89
N MET E 105 -1.95 81.41 -15.68
CA MET E 105 -1.69 82.75 -16.16
C MET E 105 -2.94 83.37 -16.83
N GLU E 106 -3.89 82.53 -17.20
CA GLU E 106 -5.11 83.00 -17.85
C GLU E 106 -6.11 83.62 -16.86
N THR E 107 -5.94 83.34 -15.57
CA THR E 107 -6.84 83.88 -14.55
C THR E 107 -6.13 84.40 -13.30
N GLU E 108 -4.80 84.55 -13.40
CA GLU E 108 -3.97 85.05 -12.32
C GLU E 108 -3.65 84.04 -11.19
N GLU E 109 -4.55 83.09 -10.95
CA GLU E 109 -4.53 82.30 -9.69
C GLU E 109 -3.20 81.55 -9.65
N GLU E 110 -2.53 81.62 -8.51
CA GLU E 110 -1.25 80.94 -8.34
C GLU E 110 -1.39 79.90 -7.24
N PHE E 111 -1.03 78.66 -7.55
CA PHE E 111 -1.10 77.57 -6.60
C PHE E 111 0.32 77.18 -6.21
N ASP E 112 0.58 77.07 -4.92
CA ASP E 112 1.91 76.72 -4.49
C ASP E 112 2.32 75.30 -4.77
N ASN E 113 1.35 74.40 -4.87
CA ASN E 113 1.67 73.00 -5.09
C ASN E 113 0.44 72.24 -5.57
N ILE E 114 0.48 71.71 -6.79
CA ILE E 114 -0.68 70.98 -7.30
C ILE E 114 -0.59 69.46 -7.19
N VAL E 115 0.39 68.97 -6.42
CA VAL E 115 0.56 67.53 -6.23
C VAL E 115 -0.47 67.03 -5.25
N GLU E 116 -1.44 66.30 -5.76
CA GLU E 116 -2.52 65.79 -4.94
C GLU E 116 -2.43 64.32 -4.57
N VAL E 117 -2.37 64.04 -3.26
CA VAL E 117 -2.30 62.66 -2.77
C VAL E 117 -3.74 62.16 -2.70
N ILE E 118 -4.09 61.17 -3.52
CA ILE E 118 -5.46 60.63 -3.56
C ILE E 118 -5.60 59.19 -3.06
N ASP E 119 -6.83 58.80 -2.74
CA ASP E 119 -7.14 57.45 -2.25
C ASP E 119 -7.44 56.47 -3.40
N SER E 120 -7.40 55.18 -3.08
CA SER E 120 -7.63 54.15 -4.09
C SER E 120 -8.85 54.35 -4.99
N ALA E 121 -10.01 54.62 -4.39
CA ALA E 121 -11.22 54.81 -5.18
C ALA E 121 -11.07 55.93 -6.22
N ARG E 122 -10.35 56.98 -5.83
CA ARG E 122 -10.11 58.11 -6.71
C ARG E 122 -9.22 57.65 -7.86
N VAL E 123 -8.20 56.88 -7.51
CA VAL E 123 -7.27 56.38 -8.51
C VAL E 123 -8.00 55.53 -9.56
N SER E 124 -8.89 54.64 -9.11
CA SER E 124 -9.64 53.80 -10.03
C SER E 124 -10.58 54.66 -10.88
N GLU E 125 -10.97 55.79 -10.33
CA GLU E 125 -11.86 56.72 -11.03
C GLU E 125 -11.12 57.33 -12.22
N LEU E 126 -9.96 57.91 -11.93
CA LEU E 126 -9.14 58.53 -12.94
C LEU E 126 -8.78 57.57 -14.09
N MET E 127 -8.57 56.31 -13.77
CA MET E 127 -8.23 55.33 -14.81
C MET E 127 -9.41 55.23 -15.75
N ASN E 128 -10.59 55.04 -15.18
CA ASN E 128 -11.79 54.91 -15.97
C ASN E 128 -12.17 56.17 -16.79
N GLU E 129 -11.58 57.32 -16.46
CA GLU E 129 -11.87 58.56 -17.18
C GLU E 129 -10.90 58.77 -18.34
N SER E 130 -9.81 58.02 -18.33
CA SER E 130 -8.78 58.13 -19.35
C SER E 130 -9.13 57.47 -20.67
N ASP E 131 -8.79 58.16 -21.76
CA ASP E 131 -9.05 57.67 -23.12
C ASP E 131 -7.86 56.87 -23.61
N ALA E 132 -6.70 57.14 -23.02
CA ALA E 132 -5.47 56.46 -23.38
C ALA E 132 -4.53 56.50 -22.19
N VAL E 133 -3.76 55.42 -22.02
CA VAL E 133 -2.81 55.29 -20.92
C VAL E 133 -1.41 54.90 -21.41
N PHE E 134 -0.43 55.72 -21.03
CA PHE E 134 0.97 55.50 -21.39
C PHE E 134 1.62 54.77 -20.22
N SER E 135 2.22 53.61 -20.51
CA SER E 135 2.87 52.81 -19.48
C SER E 135 4.36 52.67 -19.75
N PHE E 136 5.12 52.71 -18.67
CA PHE E 136 6.57 52.58 -18.74
C PHE E 136 6.98 51.65 -17.60
N SER F 2 -15.08 48.65 -19.72
CA SER F 2 -14.53 49.85 -20.36
C SER F 2 -13.00 49.87 -20.36
N ILE F 3 -12.38 49.22 -19.38
CA ILE F 3 -10.93 49.17 -19.31
C ILE F 3 -10.40 47.73 -19.43
N LEU F 4 -9.54 47.49 -20.40
CA LEU F 4 -8.95 46.17 -20.53
C LEU F 4 -7.56 46.29 -19.92
N HIS F 5 -7.35 45.65 -18.78
CA HIS F 5 -6.05 45.69 -18.11
C HIS F 5 -5.20 44.55 -18.68
N THR F 6 -3.90 44.73 -18.73
CA THR F 6 -3.05 43.67 -19.25
C THR F 6 -1.92 43.49 -18.28
N VAL F 7 -1.73 42.28 -17.80
CA VAL F 7 -0.64 42.02 -16.87
C VAL F 7 0.25 41.01 -17.57
N ASN F 8 1.51 41.38 -17.78
CA ASN F 8 2.46 40.51 -18.46
C ASN F 8 3.54 39.90 -17.57
N LYS F 9 3.41 40.09 -16.26
CA LYS F 9 4.43 39.55 -15.35
C LYS F 9 3.91 38.54 -14.34
N SER F 10 4.81 37.63 -13.96
CA SER F 10 4.55 36.56 -13.00
C SER F 10 4.12 37.15 -11.65
N PRO F 11 3.08 36.58 -11.02
CA PRO F 11 2.58 37.08 -9.73
C PRO F 11 3.49 36.64 -8.60
N PHE F 12 4.49 35.83 -8.93
CA PHE F 12 5.40 35.35 -7.91
C PHE F 12 6.71 36.13 -8.00
N GLU F 13 6.81 36.97 -9.02
CA GLU F 13 8.01 37.80 -9.22
C GLU F 13 7.72 39.32 -9.11
N ARG F 14 6.56 39.73 -9.59
CA ARG F 14 6.16 41.14 -9.58
C ARG F 14 4.85 41.39 -8.85
N ASN F 15 4.65 42.63 -8.44
CA ASN F 15 3.46 43.06 -7.71
C ASN F 15 2.40 43.59 -8.68
N SER F 16 2.69 43.52 -9.98
CA SER F 16 1.77 44.04 -10.99
C SER F 16 0.38 43.41 -10.99
N LEU F 17 0.30 42.10 -10.75
CA LEU F 17 -0.99 41.44 -10.75
C LEU F 17 -1.82 41.98 -9.59
N GLU F 18 -1.20 42.08 -8.41
CA GLU F 18 -1.87 42.60 -7.23
C GLU F 18 -2.40 44.00 -7.47
N SER F 19 -1.52 44.93 -7.84
CA SER F 19 -1.94 46.30 -8.10
C SER F 19 -3.11 46.40 -9.08
N CYS F 20 -3.09 45.57 -10.11
CA CYS F 20 -4.18 45.57 -11.09
C CYS F 20 -5.50 45.17 -10.45
N LEU F 21 -5.47 44.02 -9.78
CA LEU F 21 -6.65 43.51 -9.11
C LEU F 21 -7.20 44.49 -8.09
N LYS F 22 -6.32 45.33 -7.55
CA LYS F 22 -6.72 46.31 -6.55
C LYS F 22 -7.44 47.54 -7.11
N PHE F 23 -7.08 47.97 -8.31
CA PHE F 23 -7.71 49.14 -8.91
C PHE F 23 -8.74 48.86 -9.98
N ALA F 24 -8.66 47.70 -10.63
CA ALA F 24 -9.62 47.37 -11.68
C ALA F 24 -11.01 47.35 -11.05
N THR F 25 -11.99 47.97 -11.71
CA THR F 25 -13.33 48.03 -11.14
C THR F 25 -14.40 47.20 -11.81
N GLU F 26 -15.55 47.12 -11.14
CA GLU F 26 -16.70 46.37 -11.62
C GLU F 26 -16.88 46.44 -13.12
N GLY F 27 -16.93 45.27 -13.75
CA GLY F 27 -17.15 45.21 -15.19
C GLY F 27 -15.93 45.35 -16.10
N ALA F 28 -14.76 45.49 -15.50
CA ALA F 28 -13.52 45.65 -16.26
C ALA F 28 -12.99 44.28 -16.68
N SER F 29 -12.11 44.25 -17.67
CA SER F 29 -11.51 43.01 -18.15
C SER F 29 -10.03 42.96 -17.79
N VAL F 30 -9.50 41.76 -17.59
CA VAL F 30 -8.09 41.58 -17.28
C VAL F 30 -7.51 40.46 -18.16
N LEU F 31 -6.39 40.74 -18.83
CA LEU F 31 -5.74 39.77 -19.69
C LEU F 31 -4.36 39.41 -19.19
N LEU F 32 -4.16 38.14 -18.85
CA LEU F 32 -2.87 37.69 -18.37
C LEU F 32 -2.12 37.12 -19.58
N PHE F 33 -0.98 37.69 -19.94
CA PHE F 33 -0.19 37.14 -21.04
C PHE F 33 1.30 37.17 -20.75
N GLU F 34 2.09 36.61 -21.66
CA GLU F 34 3.53 36.51 -21.42
C GLU F 34 3.70 35.84 -20.04
N ASP F 35 4.68 36.26 -19.25
CA ASP F 35 4.86 35.64 -17.94
C ASP F 35 3.65 35.79 -17.00
N GLY F 36 2.69 36.64 -17.36
CA GLY F 36 1.53 36.82 -16.52
C GLY F 36 0.58 35.63 -16.56
N ILE F 37 0.89 34.69 -17.43
CA ILE F 37 0.08 33.49 -17.59
C ILE F 37 -0.02 32.66 -16.30
N TYR F 38 1.12 32.48 -15.62
CA TYR F 38 1.20 31.67 -14.40
C TYR F 38 0.13 31.97 -13.35
N ALA F 39 -0.47 33.15 -13.41
CA ALA F 39 -1.50 33.52 -12.44
C ALA F 39 -2.85 32.86 -12.70
N ALA F 40 -3.00 32.31 -13.90
CA ALA F 40 -4.26 31.67 -14.28
C ALA F 40 -4.27 30.18 -13.95
N LEU F 41 -3.13 29.65 -13.53
CA LEU F 41 -3.02 28.22 -13.21
C LEU F 41 -3.61 27.84 -11.87
N ALA F 42 -4.46 26.83 -11.89
CA ALA F 42 -5.10 26.34 -10.69
C ALA F 42 -4.07 25.72 -9.75
N GLY F 43 -4.26 25.92 -8.46
CA GLY F 43 -3.34 25.34 -7.50
C GLY F 43 -2.16 26.18 -7.05
N THR F 44 -2.05 27.41 -7.54
CA THR F 44 -0.93 28.26 -7.11
C THR F 44 -1.31 29.05 -5.87
N ARG F 45 -0.28 29.63 -5.28
CA ARG F 45 -0.35 30.43 -4.06
C ARG F 45 -1.28 31.65 -4.13
N VAL F 46 -1.69 32.02 -5.33
CA VAL F 46 -2.55 33.17 -5.54
C VAL F 46 -3.89 32.74 -6.13
N GLU F 47 -4.13 31.44 -6.19
CA GLU F 47 -5.37 30.94 -6.77
C GLU F 47 -6.61 31.65 -6.25
N SER F 48 -6.79 31.66 -4.93
CA SER F 48 -7.96 32.28 -4.31
C SER F 48 -8.15 33.76 -4.64
N GLN F 49 -7.12 34.59 -4.50
CA GLN F 49 -7.31 35.99 -4.82
C GLN F 49 -7.69 36.18 -6.29
N VAL F 50 -7.14 35.34 -7.16
CA VAL F 50 -7.44 35.42 -8.58
C VAL F 50 -8.88 34.96 -8.81
N THR F 51 -9.27 33.91 -8.07
CA THR F 51 -10.60 33.35 -8.15
C THR F 51 -11.61 34.38 -7.64
N GLU F 52 -11.20 35.05 -6.56
CA GLU F 52 -12.00 36.09 -5.93
C GLU F 52 -12.39 37.17 -6.96
N ALA F 53 -11.41 37.61 -7.74
CA ALA F 53 -11.61 38.65 -8.75
C ALA F 53 -12.65 38.27 -9.79
N LEU F 54 -12.89 36.98 -9.96
CA LEU F 54 -13.88 36.52 -10.93
C LEU F 54 -15.21 37.20 -10.62
N GLY F 55 -15.41 37.50 -9.34
CA GLY F 55 -16.62 38.16 -8.91
C GLY F 55 -17.01 39.35 -9.78
N LYS F 56 -16.24 40.42 -9.72
CA LYS F 56 -16.57 41.61 -10.50
C LYS F 56 -15.76 41.81 -11.78
N LEU F 57 -14.79 40.94 -12.04
CA LEU F 57 -13.97 41.09 -13.24
C LEU F 57 -14.09 39.94 -14.24
N LYS F 58 -13.74 40.24 -15.48
CA LYS F 58 -13.75 39.28 -16.56
C LYS F 58 -12.26 38.98 -16.81
N LEU F 59 -11.85 37.76 -16.48
CA LEU F 59 -10.46 37.35 -16.61
C LEU F 59 -10.15 36.48 -17.82
N TYR F 60 -9.09 36.84 -18.52
CA TYR F 60 -8.65 36.13 -19.71
C TYR F 60 -7.18 35.83 -19.64
N VAL F 61 -6.78 34.75 -20.32
CA VAL F 61 -5.39 34.36 -20.37
C VAL F 61 -5.06 34.01 -21.82
N LEU F 62 -3.88 34.42 -22.27
CA LEU F 62 -3.47 34.18 -23.65
C LEU F 62 -2.99 32.74 -23.83
N GLY F 63 -3.75 31.98 -24.60
CA GLY F 63 -3.42 30.58 -24.84
C GLY F 63 -2.00 30.32 -25.31
N PRO F 64 -1.56 31.04 -26.36
CA PRO F 64 -0.21 30.88 -26.91
C PRO F 64 0.85 30.81 -25.82
N ASP F 65 0.73 31.68 -24.83
CA ASP F 65 1.68 31.73 -23.72
C ASP F 65 1.54 30.63 -22.69
N LEU F 66 0.33 30.11 -22.54
CA LEU F 66 0.13 29.01 -21.59
C LEU F 66 0.85 27.80 -22.17
N LYS F 67 0.57 27.51 -23.43
CA LYS F 67 1.20 26.37 -24.08
C LYS F 67 2.71 26.53 -24.14
N ALA F 68 3.18 27.73 -24.44
CA ALA F 68 4.63 27.95 -24.51
C ALA F 68 5.32 27.56 -23.21
N ARG F 69 4.62 27.72 -22.10
CA ARG F 69 5.20 27.40 -20.79
C ARG F 69 4.81 26.06 -20.20
N GLY F 70 4.14 25.24 -21.00
CA GLY F 70 3.77 23.91 -20.56
C GLY F 70 2.41 23.71 -19.93
N PHE F 71 1.42 24.52 -20.30
CA PHE F 71 0.11 24.38 -19.69
C PHE F 71 -1.08 24.35 -20.64
N SER F 72 -1.87 23.30 -20.53
CA SER F 72 -3.07 23.13 -21.33
C SER F 72 -4.20 23.90 -20.65
N ASP F 73 -5.24 24.24 -21.41
CA ASP F 73 -6.37 25.00 -20.86
C ASP F 73 -6.96 24.33 -19.64
N GLU F 74 -6.73 23.02 -19.52
CA GLU F 74 -7.25 22.25 -18.39
C GLU F 74 -6.58 22.66 -17.10
N ARG F 75 -5.35 23.14 -17.21
CA ARG F 75 -4.58 23.55 -16.04
C ARG F 75 -5.02 24.93 -15.52
N VAL F 76 -5.94 25.57 -16.25
CA VAL F 76 -6.42 26.89 -15.91
C VAL F 76 -7.54 26.86 -14.89
N ILE F 77 -7.63 27.95 -14.13
CA ILE F 77 -8.66 28.14 -13.10
C ILE F 77 -10.01 28.34 -13.78
N PRO F 78 -10.99 27.50 -13.43
CA PRO F 78 -12.34 27.57 -14.00
C PRO F 78 -12.87 29.01 -13.96
N GLY F 79 -13.28 29.55 -15.11
CA GLY F 79 -13.80 30.91 -15.13
C GLY F 79 -12.95 31.88 -15.91
N ILE F 80 -11.66 31.60 -15.99
CA ILE F 80 -10.73 32.44 -16.74
C ILE F 80 -10.80 31.96 -18.18
N SER F 81 -11.23 32.86 -19.08
CA SER F 81 -11.35 32.54 -20.49
C SER F 81 -10.00 32.52 -21.23
N VAL F 82 -9.76 31.47 -22.00
CA VAL F 82 -8.53 31.37 -22.78
C VAL F 82 -8.78 31.99 -24.16
N VAL F 83 -7.84 32.83 -24.62
CA VAL F 83 -7.95 33.49 -25.91
C VAL F 83 -6.61 33.46 -26.64
N ASP F 84 -6.65 33.64 -27.95
CA ASP F 84 -5.43 33.68 -28.75
C ASP F 84 -5.23 35.13 -29.15
N TYR F 85 -4.21 35.41 -29.96
CA TYR F 85 -3.98 36.79 -30.38
C TYR F 85 -5.19 37.42 -31.05
N ALA F 86 -5.89 36.67 -31.90
CA ALA F 86 -7.08 37.20 -32.56
C ALA F 86 -8.10 37.58 -31.49
N GLY F 87 -8.03 36.90 -30.35
CA GLY F 87 -8.94 37.17 -29.25
C GLY F 87 -8.45 38.37 -28.47
N PHE F 88 -7.13 38.46 -28.37
CA PHE F 88 -6.48 39.56 -27.67
C PHE F 88 -7.00 40.83 -28.36
N VAL F 89 -6.86 40.85 -29.67
CA VAL F 89 -7.29 41.98 -30.49
C VAL F 89 -8.73 42.35 -30.14
N ASP F 90 -9.64 41.39 -30.24
CA ASP F 90 -11.05 41.66 -29.93
C ASP F 90 -11.25 42.30 -28.55
N LEU F 91 -10.50 41.85 -27.54
CA LEU F 91 -10.62 42.41 -26.21
C LEU F 91 -10.28 43.88 -26.21
N THR F 92 -9.28 44.26 -27.01
CA THR F 92 -8.88 45.66 -27.05
C THR F 92 -9.87 46.52 -27.81
N THR F 93 -10.76 45.89 -28.57
CA THR F 93 -11.73 46.71 -29.29
C THR F 93 -13.07 46.77 -28.54
N GLU F 94 -13.38 45.69 -27.82
CA GLU F 94 -14.62 45.61 -27.03
C GLU F 94 -14.58 46.62 -25.88
N CYS F 95 -13.43 46.69 -25.20
CA CYS F 95 -13.27 47.62 -24.10
C CYS F 95 -13.03 48.99 -24.74
N ASP F 96 -13.00 50.03 -23.93
CA ASP F 96 -12.82 51.38 -24.46
C ASP F 96 -11.36 51.85 -24.38
N THR F 97 -10.59 51.23 -23.50
CA THR F 97 -9.20 51.63 -23.30
C THR F 97 -8.33 50.46 -22.83
N VAL F 98 -7.04 50.56 -23.12
CA VAL F 98 -6.11 49.53 -22.72
C VAL F 98 -5.11 50.13 -21.76
N GLN F 99 -4.98 49.51 -20.59
CA GLN F 99 -4.04 49.96 -19.58
C GLN F 99 -3.06 48.84 -19.30
N ALA F 100 -1.80 49.08 -19.64
CA ALA F 100 -0.78 48.07 -19.44
C ALA F 100 -0.14 48.15 -18.07
N TRP F 101 -0.13 47.02 -17.35
CA TRP F 101 0.51 46.95 -16.05
C TRP F 101 1.83 46.21 -16.26
N LEU F 102 2.92 46.96 -16.27
CA LEU F 102 4.26 46.43 -16.51
C LEU F 102 5.03 46.03 -15.25
N MET G 1 8.76 -52.64 30.77
CA MET G 1 9.72 -51.52 30.98
C MET G 1 9.13 -50.12 30.70
N LYS G 2 9.61 -49.14 31.45
CA LYS G 2 9.17 -47.75 31.32
C LYS G 2 10.21 -46.98 30.53
N PHE G 3 9.75 -46.20 29.56
CA PHE G 3 10.64 -45.40 28.74
C PHE G 3 10.46 -43.91 28.94
N ALA G 4 11.54 -43.18 28.66
CA ALA G 4 11.55 -41.74 28.73
C ALA G 4 12.29 -41.33 27.46
N LEU G 5 11.54 -40.70 26.56
CA LEU G 5 12.06 -40.26 25.29
C LEU G 5 12.33 -38.77 25.30
N GLN G 6 13.48 -38.35 24.79
CA GLN G 6 13.79 -36.93 24.74
C GLN G 6 14.02 -36.61 23.26
N ILE G 7 13.45 -35.52 22.78
CA ILE G 7 13.59 -35.15 21.38
C ILE G 7 14.14 -33.73 21.27
N ASN G 8 15.34 -33.58 20.72
CA ASN G 8 15.97 -32.26 20.62
C ASN G 8 15.87 -31.46 19.31
N GLU G 9 15.17 -31.95 18.30
CA GLU G 9 15.10 -31.16 17.07
C GLU G 9 13.69 -30.98 16.54
N GLY G 10 13.52 -29.94 15.72
CA GLY G 10 12.22 -29.65 15.14
C GLY G 10 11.75 -30.68 14.12
N PRO G 11 10.47 -30.64 13.72
CA PRO G 11 9.97 -31.59 12.74
C PRO G 11 10.51 -31.34 11.33
N TYR G 12 10.66 -32.41 10.56
CA TYR G 12 11.16 -32.33 9.19
C TYR G 12 12.62 -31.93 9.02
N GLN G 13 13.05 -30.87 9.69
CA GLN G 13 14.43 -30.45 9.54
C GLN G 13 15.42 -31.57 9.81
N HIS G 14 15.18 -32.33 10.88
CA HIS G 14 16.05 -33.44 11.24
C HIS G 14 15.21 -34.68 11.41
N GLN G 15 15.82 -35.85 11.25
CA GLN G 15 15.06 -37.10 11.35
C GLN G 15 14.72 -37.52 12.78
N ALA G 16 15.31 -36.84 13.76
CA ALA G 16 15.05 -37.16 15.17
C ALA G 16 13.59 -37.48 15.47
N SER G 17 12.74 -36.46 15.42
CA SER G 17 11.31 -36.60 15.72
C SER G 17 10.65 -37.82 15.06
N ASP G 18 10.94 -38.08 13.79
CA ASP G 18 10.36 -39.24 13.09
C ASP G 18 10.84 -40.53 13.74
N SER G 19 12.15 -40.57 14.01
CA SER G 19 12.78 -41.74 14.62
C SER G 19 12.25 -42.01 16.01
N ALA G 20 12.08 -40.96 16.81
CA ALA G 20 11.54 -41.13 18.16
C ALA G 20 10.11 -41.66 18.00
N TYR G 21 9.34 -41.06 17.10
CA TYR G 21 7.98 -41.50 16.86
C TYR G 21 7.88 -42.99 16.50
N GLN G 22 8.78 -43.45 15.64
CA GLN G 22 8.77 -44.85 15.21
C GLN G 22 9.20 -45.72 16.37
N PHE G 23 10.04 -45.17 17.23
CA PHE G 23 10.53 -45.91 18.40
C PHE G 23 9.40 -46.08 19.42
N ALA G 24 8.65 -45.01 19.64
CA ALA G 24 7.55 -45.06 20.60
C ALA G 24 6.47 -46.02 20.12
N LYS G 25 6.06 -45.88 18.87
CA LYS G 25 5.01 -46.75 18.33
C LYS G 25 5.39 -48.22 18.42
N ALA G 26 6.63 -48.56 18.10
CA ALA G 26 7.08 -49.95 18.16
C ALA G 26 7.07 -50.45 19.60
N ALA G 27 7.56 -49.61 20.51
CA ALA G 27 7.63 -49.95 21.94
C ALA G 27 6.26 -50.05 22.59
N LEU G 28 5.35 -49.16 22.20
CA LEU G 28 4.01 -49.19 22.78
C LEU G 28 3.31 -50.45 22.29
N GLU G 29 3.51 -50.77 21.02
CA GLU G 29 2.90 -51.95 20.42
C GLU G 29 3.44 -53.25 21.02
N LYS G 30 4.58 -53.18 21.69
CA LYS G 30 5.19 -54.35 22.30
C LYS G 30 4.71 -54.56 23.74
N GLY G 31 3.95 -53.61 24.26
CA GLY G 31 3.46 -53.73 25.63
C GLY G 31 4.20 -52.81 26.57
N HIS G 32 5.26 -52.16 26.08
CA HIS G 32 6.03 -51.25 26.92
C HIS G 32 5.26 -49.96 27.23
N GLU G 33 5.75 -49.24 28.23
CA GLU G 33 5.13 -48.01 28.67
C GLU G 33 6.03 -46.80 28.43
N ILE G 34 5.47 -45.76 27.85
CA ILE G 34 6.25 -44.57 27.62
C ILE G 34 5.83 -43.62 28.72
N PHE G 35 6.65 -43.51 29.75
CA PHE G 35 6.33 -42.66 30.86
C PHE G 35 6.08 -41.23 30.41
N ARG G 36 6.90 -40.76 29.48
CA ARG G 36 6.74 -39.39 28.99
C ARG G 36 7.60 -39.09 27.78
N VAL G 37 7.14 -38.16 26.97
CA VAL G 37 7.89 -37.73 25.81
C VAL G 37 8.20 -36.25 26.08
N PHE G 38 9.47 -35.95 26.29
CA PHE G 38 9.86 -34.58 26.59
C PHE G 38 10.54 -33.90 25.41
N PHE G 39 10.08 -32.70 25.11
CA PHE G 39 10.61 -31.94 23.99
C PHE G 39 11.52 -30.79 24.44
N TYR G 40 12.78 -30.81 24.00
CA TYR G 40 13.72 -29.76 24.39
C TYR G 40 14.43 -29.13 23.19
N HIS G 41 14.95 -27.92 23.38
CA HIS G 41 15.60 -27.21 22.29
C HIS G 41 14.52 -27.05 21.24
N ASP G 42 14.91 -27.09 19.96
CA ASP G 42 13.97 -26.99 18.84
C ASP G 42 12.93 -28.08 18.88
N GLY G 43 13.13 -29.06 19.75
CA GLY G 43 12.16 -30.14 19.87
C GLY G 43 10.78 -29.64 20.24
N VAL G 44 10.69 -28.49 20.90
CA VAL G 44 9.40 -27.93 21.29
C VAL G 44 8.58 -27.52 20.07
N ASN G 45 9.23 -27.42 18.91
CA ASN G 45 8.54 -27.05 17.69
C ASN G 45 7.71 -28.19 17.10
N ASN G 46 7.69 -29.33 17.79
CA ASN G 46 6.88 -30.44 17.33
C ASN G 46 5.49 -30.29 17.93
N SER G 47 5.32 -29.28 18.79
CA SER G 47 4.03 -29.10 19.45
C SER G 47 3.06 -28.07 18.88
N THR G 48 3.43 -27.36 17.81
CA THR G 48 2.55 -26.36 17.20
C THR G 48 1.41 -26.98 16.36
N ARG G 49 0.21 -26.40 16.46
CA ARG G 49 -0.97 -26.89 15.72
C ARG G 49 -1.18 -26.09 14.45
N LEU G 50 -0.18 -25.31 14.09
CA LEU G 50 -0.27 -24.46 12.91
C LEU G 50 0.37 -25.00 11.64
N THR G 51 0.84 -26.25 11.62
CA THR G 51 1.45 -26.75 10.40
C THR G 51 0.41 -27.27 9.41
N THR G 52 0.75 -27.18 8.12
CA THR G 52 -0.08 -27.64 7.02
C THR G 52 0.91 -28.29 6.07
N PRO G 53 1.43 -29.47 6.43
CA PRO G 53 2.41 -30.30 5.71
C PRO G 53 1.86 -30.93 4.45
N PRO G 54 2.72 -31.22 3.46
CA PRO G 54 2.27 -31.84 2.20
C PRO G 54 1.39 -33.06 2.48
N GLN G 55 0.24 -33.12 1.83
CA GLN G 55 -0.68 -34.22 2.07
C GLN G 55 -0.16 -35.60 1.65
N ASP G 56 0.84 -35.63 0.76
CA ASP G 56 1.39 -36.90 0.30
C ASP G 56 2.53 -37.44 1.19
N ASP G 57 2.82 -36.75 2.27
CA ASP G 57 3.86 -37.17 3.19
C ASP G 57 3.25 -37.12 4.59
N ARG G 58 3.90 -37.74 5.57
CA ARG G 58 3.36 -37.77 6.92
C ARG G 58 3.19 -36.39 7.56
N HIS G 59 2.23 -36.31 8.46
CA HIS G 59 1.92 -35.10 9.21
C HIS G 59 2.50 -35.45 10.58
N ILE G 60 3.66 -34.87 10.86
CA ILE G 60 4.38 -35.14 12.09
C ILE G 60 3.64 -34.75 13.36
N VAL G 61 3.04 -33.58 13.40
CA VAL G 61 2.36 -33.20 14.63
C VAL G 61 1.10 -34.03 14.86
N ASN G 62 0.26 -34.21 13.85
CA ASN G 62 -0.94 -35.01 14.06
C ASN G 62 -0.59 -36.46 14.37
N ARG G 63 0.49 -36.96 13.80
CA ARG G 63 0.94 -38.33 14.04
C ARG G 63 1.22 -38.54 15.52
N TRP G 64 1.95 -37.61 16.12
CA TRP G 64 2.27 -37.69 17.54
C TRP G 64 0.98 -37.59 18.34
N ALA G 65 0.14 -36.62 17.99
CA ALA G 65 -1.13 -36.41 18.70
C ALA G 65 -2.00 -37.66 18.69
N GLU G 66 -2.07 -38.33 17.54
CA GLU G 66 -2.88 -39.52 17.42
C GLU G 66 -2.38 -40.58 18.38
N LEU G 67 -1.07 -40.86 18.34
CA LEU G 67 -0.47 -41.85 19.22
C LEU G 67 -0.73 -41.47 20.67
N ALA G 68 -0.47 -40.20 20.97
CA ALA G 68 -0.67 -39.67 22.31
C ALA G 68 -2.10 -39.99 22.72
N GLU G 69 -3.03 -39.77 21.78
CA GLU G 69 -4.44 -40.03 22.01
C GLU G 69 -4.67 -41.51 22.30
N GLN G 70 -4.22 -42.35 21.38
CA GLN G 70 -4.39 -43.80 21.51
C GLN G 70 -3.82 -44.38 22.79
N TYR G 71 -2.58 -44.01 23.12
CA TYR G 71 -1.96 -44.56 24.31
C TYR G 71 -1.88 -43.61 25.51
N GLU G 72 -2.64 -42.52 25.47
CA GLU G 72 -2.65 -41.55 26.57
C GLU G 72 -1.24 -41.18 26.98
N LEU G 73 -0.45 -40.69 26.03
CA LEU G 73 0.93 -40.32 26.32
C LEU G 73 1.05 -38.91 26.91
N ASP G 74 1.99 -38.76 27.83
CA ASP G 74 2.24 -37.46 28.47
C ASP G 74 3.33 -36.80 27.64
N MET G 75 2.94 -35.86 26.78
CA MET G 75 3.89 -35.15 25.94
C MET G 75 4.15 -33.76 26.53
N VAL G 76 5.38 -33.54 26.99
CA VAL G 76 5.76 -32.27 27.61
C VAL G 76 6.65 -31.39 26.73
N VAL G 77 6.49 -30.08 26.86
CA VAL G 77 7.25 -29.10 26.09
C VAL G 77 7.91 -28.12 27.05
N CYS G 78 9.24 -28.10 27.11
CA CYS G 78 9.91 -27.20 28.02
C CYS G 78 9.52 -25.76 27.77
N VAL G 79 9.00 -25.12 28.82
CA VAL G 79 8.55 -23.74 28.78
C VAL G 79 9.62 -22.74 28.37
N ALA G 80 10.83 -22.90 28.91
CA ALA G 80 11.90 -21.96 28.60
C ALA G 80 12.31 -22.06 27.12
N ALA G 81 12.31 -23.29 26.59
CA ALA G 81 12.68 -23.50 25.21
C ALA G 81 11.56 -22.97 24.30
N ALA G 82 10.33 -23.14 24.78
CA ALA G 82 9.13 -22.70 24.07
C ALA G 82 9.11 -21.17 23.96
N GLN G 83 9.46 -20.51 25.06
CA GLN G 83 9.49 -19.04 25.11
C GLN G 83 10.54 -18.46 24.18
N ARG G 84 11.62 -19.18 23.96
CA ARG G 84 12.67 -18.69 23.10
C ARG G 84 12.29 -18.86 21.63
N ARG G 85 11.57 -19.94 21.34
CA ARG G 85 11.18 -20.26 19.97
C ARG G 85 9.75 -19.91 19.55
N GLY G 86 8.88 -19.58 20.51
CA GLY G 86 7.53 -19.20 20.14
C GLY G 86 6.39 -20.20 20.24
N ILE G 87 6.44 -21.11 21.22
CA ILE G 87 5.38 -22.08 21.42
C ILE G 87 4.58 -21.55 22.60
N VAL G 88 3.34 -21.13 22.33
CA VAL G 88 2.48 -20.53 23.32
C VAL G 88 1.11 -21.21 23.53
N ASP G 89 0.74 -21.38 24.79
CA ASP G 89 -0.56 -21.95 25.14
C ASP G 89 -1.36 -20.85 25.87
N GLU G 90 -2.50 -21.21 26.45
CA GLU G 90 -3.35 -20.26 27.17
C GLU G 90 -2.54 -19.46 28.20
N GLY G 91 -1.93 -20.18 29.14
CA GLY G 91 -1.15 -19.55 30.17
C GLY G 91 -0.12 -18.57 29.67
N GLU G 92 0.81 -19.07 28.84
CA GLU G 92 1.85 -18.22 28.29
C GLU G 92 1.28 -16.97 27.64
N ALA G 93 0.29 -17.15 26.77
CA ALA G 93 -0.35 -16.02 26.09
C ALA G 93 -0.78 -14.97 27.10
N SER G 94 -1.45 -15.41 28.16
CA SER G 94 -1.90 -14.51 29.22
C SER G 94 -0.72 -13.83 29.94
N ARG G 95 0.20 -14.66 30.44
CA ARG G 95 1.36 -14.19 31.19
C ARG G 95 2.33 -13.32 30.38
N ASN G 96 2.55 -13.65 29.11
CA ASN G 96 3.48 -12.89 28.29
C ASN G 96 2.79 -11.81 27.48
N GLY G 97 1.46 -11.84 27.45
CA GLY G 97 0.73 -10.85 26.70
C GLY G 97 0.84 -11.00 25.19
N LYS G 98 0.54 -12.20 24.71
CA LYS G 98 0.57 -12.52 23.28
C LYS G 98 -0.87 -12.46 22.76
N ASP G 99 -1.05 -12.06 21.51
CA ASP G 99 -2.38 -11.97 20.92
C ASP G 99 -2.89 -13.29 20.33
N ALA G 100 -2.17 -14.38 20.56
CA ALA G 100 -2.59 -15.68 20.04
C ALA G 100 -1.84 -16.85 20.68
N THR G 101 -2.33 -18.06 20.43
CA THR G 101 -1.68 -19.26 20.92
C THR G 101 -1.49 -20.14 19.71
N ASN G 102 -0.60 -21.12 19.80
CA ASN G 102 -0.36 -22.01 18.68
C ASN G 102 -0.08 -23.44 19.08
N ILE G 103 -0.12 -23.73 20.38
CA ILE G 103 0.17 -25.08 20.83
C ILE G 103 -0.96 -26.06 20.50
N HIS G 104 -0.61 -27.32 20.22
CA HIS G 104 -1.62 -28.33 19.94
C HIS G 104 -2.04 -28.77 21.34
N PRO G 105 -3.36 -28.91 21.56
CA PRO G 105 -3.97 -29.30 22.82
C PRO G 105 -3.46 -30.63 23.39
N LYS G 106 -2.89 -31.46 22.53
CA LYS G 106 -2.36 -32.74 22.98
C LYS G 106 -0.96 -32.65 23.62
N PHE G 107 -0.38 -31.46 23.63
CA PHE G 107 0.93 -31.25 24.22
C PHE G 107 0.69 -30.27 25.36
N ARG G 108 1.51 -30.34 26.41
CA ARG G 108 1.37 -29.42 27.54
C ARG G 108 2.72 -28.82 27.87
N ILE G 109 2.72 -27.53 28.19
CA ILE G 109 3.94 -26.86 28.55
C ILE G 109 4.23 -27.15 30.02
N SER G 110 5.51 -27.30 30.34
CA SER G 110 5.90 -27.58 31.71
C SER G 110 7.37 -27.27 31.94
N GLY G 111 7.83 -27.46 33.17
CA GLY G 111 9.20 -27.17 33.51
C GLY G 111 10.20 -28.24 33.16
N LEU G 112 11.47 -27.82 33.08
CA LEU G 112 12.56 -28.72 32.76
C LEU G 112 12.62 -29.87 33.75
N GLY G 113 12.19 -29.60 34.99
CA GLY G 113 12.17 -30.63 36.01
C GLY G 113 11.45 -31.89 35.53
N GLN G 114 10.45 -31.71 34.67
CA GLN G 114 9.67 -32.84 34.15
C GLN G 114 10.53 -33.82 33.35
N LEU G 115 11.60 -33.31 32.74
CA LEU G 115 12.50 -34.15 31.97
C LEU G 115 13.34 -34.96 32.96
N VAL G 116 13.93 -34.30 33.94
CA VAL G 116 14.74 -35.01 34.95
C VAL G 116 13.81 -36.00 35.64
N GLU G 117 12.62 -35.49 35.98
CA GLU G 117 11.61 -36.27 36.66
C GLU G 117 11.38 -37.58 35.92
N ALA G 118 11.32 -37.50 34.59
CA ALA G 118 11.09 -38.67 33.74
C ALA G 118 12.27 -39.64 33.79
N ALA G 119 13.47 -39.08 33.70
CA ALA G 119 14.71 -39.84 33.74
C ALA G 119 14.77 -40.75 34.97
N ILE G 120 14.21 -40.27 36.07
CA ILE G 120 14.21 -41.02 37.31
C ILE G 120 13.15 -42.12 37.34
N GLN G 121 11.97 -41.82 36.83
CA GLN G 121 10.88 -42.78 36.83
C GLN G 121 11.01 -43.92 35.82
N ALA G 122 11.54 -43.60 34.64
CA ALA G 122 11.69 -44.57 33.57
C ALA G 122 12.92 -45.47 33.67
N ASP G 123 12.80 -46.68 33.13
CA ASP G 123 13.91 -47.62 33.14
C ASP G 123 14.98 -47.18 32.13
N ARG G 124 14.54 -46.59 31.02
CA ARG G 124 15.48 -46.15 30.00
C ARG G 124 15.17 -44.75 29.50
N LEU G 125 16.23 -43.99 29.25
CA LEU G 125 16.11 -42.63 28.73
C LEU G 125 16.70 -42.69 27.32
N VAL G 126 15.84 -42.62 26.32
CA VAL G 126 16.33 -42.66 24.94
C VAL G 126 16.29 -41.27 24.36
N VAL G 127 17.44 -40.76 23.97
CA VAL G 127 17.51 -39.42 23.39
C VAL G 127 17.67 -39.45 21.87
N PHE G 128 16.88 -38.63 21.18
CA PHE G 128 16.90 -38.50 19.72
C PHE G 128 17.27 -37.07 19.37
N GLY G 129 18.42 -36.86 18.73
CA GLY G 129 18.82 -35.50 18.40
C GLY G 129 19.53 -35.32 17.09
N ASP G 130 20.40 -34.33 17.01
CA ASP G 130 21.16 -34.08 15.79
C ASP G 130 22.47 -34.87 15.92
N VAL H 5 20.26 -41.77 44.36
CA VAL H 5 19.98 -43.15 44.03
C VAL H 5 20.53 -43.51 42.64
N LYS H 6 20.25 -42.67 41.64
CA LYS H 6 20.73 -42.89 40.28
C LYS H 6 21.92 -42.03 39.90
N LYS H 7 22.74 -42.52 38.97
CA LYS H 7 23.90 -41.79 38.49
C LYS H 7 23.54 -41.25 37.10
N PHE H 8 23.63 -39.94 36.94
CA PHE H 8 23.31 -39.27 35.69
C PHE H 8 24.54 -38.64 35.07
N MET H 9 24.74 -38.86 33.78
CA MET H 9 25.87 -38.26 33.09
C MET H 9 25.40 -37.24 32.06
N TYR H 10 25.97 -36.05 32.12
CA TYR H 10 25.62 -35.02 31.18
C TYR H 10 26.78 -34.96 30.19
N LEU H 11 26.56 -35.51 28.99
CA LEU H 11 27.58 -35.57 27.96
C LEU H 11 27.62 -34.35 27.04
N ASN H 12 28.59 -33.49 27.27
CA ASN H 12 28.75 -32.29 26.45
C ASN H 12 29.87 -32.51 25.42
N ARG H 13 29.55 -32.36 24.13
CA ARG H 13 30.54 -32.59 23.09
C ARG H 13 30.58 -31.53 22.00
N LYS H 14 29.76 -30.49 22.14
CA LYS H 14 29.71 -29.42 21.14
C LYS H 14 30.27 -28.10 21.61
N ALA H 15 30.82 -27.32 20.69
CA ALA H 15 31.38 -26.02 21.04
C ALA H 15 30.27 -25.06 21.42
N PRO H 16 30.59 -24.03 22.22
CA PRO H 16 29.58 -23.06 22.63
C PRO H 16 29.34 -21.98 21.59
N TYR H 17 28.20 -21.31 21.71
CA TYR H 17 27.81 -20.22 20.83
C TYR H 17 27.49 -20.56 19.38
N GLY H 18 28.18 -21.54 18.82
CA GLY H 18 27.89 -21.93 17.45
C GLY H 18 26.48 -22.50 17.41
N THR H 19 26.17 -23.29 18.43
CA THR H 19 24.85 -23.90 18.60
C THR H 19 24.45 -23.63 20.04
N ILE H 20 23.16 -23.76 20.32
CA ILE H 20 22.63 -23.50 21.66
C ILE H 20 22.76 -24.67 22.64
N TYR H 21 23.24 -25.80 22.16
CA TYR H 21 23.36 -26.98 22.99
C TYR H 21 24.15 -26.85 24.28
N ALA H 22 25.20 -26.04 24.24
CA ALA H 22 26.00 -25.86 25.46
C ALA H 22 25.22 -25.06 26.49
N TRP H 23 24.64 -23.94 26.07
CA TRP H 23 23.87 -23.11 26.99
C TRP H 23 22.69 -23.87 27.57
N GLU H 24 21.78 -24.34 26.73
CA GLU H 24 20.62 -25.06 27.23
C GLU H 24 20.91 -26.40 27.92
N ALA H 25 22.10 -26.95 27.69
CA ALA H 25 22.44 -28.21 28.37
C ALA H 25 22.78 -27.84 29.81
N LEU H 26 23.48 -26.73 29.99
CA LEU H 26 23.86 -26.24 31.31
C LEU H 26 22.62 -25.99 32.17
N GLU H 27 21.55 -25.51 31.53
CA GLU H 27 20.27 -25.23 32.21
C GLU H 27 19.71 -26.48 32.89
N VAL H 28 19.88 -27.61 32.22
CA VAL H 28 19.41 -28.93 32.64
C VAL H 28 20.18 -29.50 33.83
N VAL H 29 21.45 -29.14 33.91
CA VAL H 29 22.30 -29.60 34.99
C VAL H 29 21.83 -28.89 36.25
N LEU H 30 21.69 -27.58 36.15
CA LEU H 30 21.25 -26.74 37.25
C LEU H 30 19.92 -27.25 37.80
N ILE H 31 18.96 -27.50 36.91
CA ILE H 31 17.64 -27.99 37.32
C ILE H 31 17.75 -29.41 37.91
N GLY H 32 18.62 -30.23 37.32
CA GLY H 32 18.78 -31.60 37.80
C GLY H 32 19.55 -31.75 39.11
N ALA H 33 20.16 -30.66 39.54
CA ALA H 33 20.93 -30.65 40.77
C ALA H 33 19.99 -30.71 41.97
N ALA H 34 18.83 -30.07 41.83
CA ALA H 34 17.85 -30.04 42.90
C ALA H 34 17.23 -31.41 43.18
N PHE H 35 17.36 -32.34 42.25
CA PHE H 35 16.78 -33.67 42.48
C PHE H 35 17.77 -34.60 43.21
N ASP H 36 18.90 -34.01 43.60
CA ASP H 36 19.97 -34.73 44.30
C ASP H 36 20.19 -36.19 43.88
N GLN H 37 20.66 -36.35 42.65
CA GLN H 37 20.98 -37.67 42.07
C GLN H 37 22.49 -37.59 41.86
N ASP H 38 23.18 -38.73 41.82
CA ASP H 38 24.62 -38.68 41.62
C ASP H 38 24.89 -38.16 40.22
N VAL H 39 25.05 -36.85 40.12
CA VAL H 39 25.28 -36.16 38.85
C VAL H 39 26.75 -35.92 38.49
N CYS H 40 27.12 -36.23 37.25
CA CYS H 40 28.49 -35.98 36.80
C CYS H 40 28.48 -35.37 35.38
N VAL H 41 29.22 -34.29 35.21
CA VAL H 41 29.29 -33.59 33.94
C VAL H 41 30.60 -33.83 33.22
N LEU H 42 30.52 -34.49 32.07
CA LEU H 42 31.70 -34.79 31.28
C LEU H 42 31.78 -33.92 30.05
N PHE H 43 32.97 -33.42 29.75
CA PHE H 43 33.18 -32.60 28.56
C PHE H 43 34.07 -33.44 27.66
N LEU H 44 33.63 -33.64 26.43
CA LEU H 44 34.37 -34.45 25.49
C LEU H 44 34.42 -33.78 24.13
N ASP H 45 35.42 -34.13 23.32
CA ASP H 45 35.55 -33.55 21.99
C ASP H 45 35.39 -32.04 22.05
N ASP H 46 34.63 -31.44 21.14
CA ASP H 46 34.45 -29.99 21.21
C ASP H 46 33.71 -29.56 22.48
N GLY H 47 33.40 -30.51 23.35
CA GLY H 47 32.72 -30.18 24.57
C GLY H 47 33.66 -29.42 25.48
N VAL H 48 34.95 -29.75 25.41
CA VAL H 48 35.96 -29.10 26.24
C VAL H 48 36.02 -27.59 26.05
N TYR H 49 35.74 -27.12 24.84
CA TYR H 49 35.77 -25.68 24.57
C TYR H 49 34.70 -24.94 25.37
N GLN H 50 33.81 -25.68 26.01
CA GLN H 50 32.75 -25.07 26.80
C GLN H 50 33.31 -24.43 28.06
N LEU H 51 34.41 -24.96 28.55
CA LEU H 51 35.03 -24.46 29.77
C LEU H 51 36.19 -23.50 29.56
N THR H 52 36.41 -23.05 28.34
CA THR H 52 37.52 -22.13 28.17
C THR H 52 37.28 -20.90 29.02
N ARG H 53 38.35 -20.14 29.23
CA ARG H 53 38.31 -18.94 30.06
C ARG H 53 38.62 -17.70 29.26
N GLY H 54 38.04 -16.59 29.66
CA GLY H 54 38.30 -15.32 28.98
C GLY H 54 37.33 -14.99 27.86
N GLN H 55 36.24 -15.73 27.79
CA GLN H 55 35.23 -15.50 26.76
C GLN H 55 34.65 -14.09 26.79
N ASP H 56 34.64 -13.45 25.62
CA ASP H 56 34.13 -12.09 25.47
C ASP H 56 33.17 -12.08 24.29
N THR H 57 31.88 -12.24 24.58
CA THR H 57 30.85 -12.30 23.57
C THR H 57 30.28 -10.98 23.05
N LYS H 58 30.87 -9.87 23.44
CA LYS H 58 30.35 -8.58 23.01
C LYS H 58 30.33 -8.41 21.50
N GLY H 59 31.39 -8.87 20.83
CA GLY H 59 31.47 -8.74 19.40
C GLY H 59 30.35 -9.44 18.64
N ILE H 60 29.92 -10.59 19.14
CA ILE H 60 28.87 -11.34 18.45
C ILE H 60 27.46 -10.99 18.92
N GLY H 61 27.34 -9.97 19.76
CA GLY H 61 26.03 -9.55 20.24
C GLY H 61 25.17 -10.54 21.01
N MET H 62 25.80 -11.50 21.68
CA MET H 62 25.07 -12.47 22.48
C MET H 62 25.45 -12.26 23.93
N LYS H 63 24.76 -12.93 24.83
CA LYS H 63 25.07 -12.83 26.24
C LYS H 63 26.11 -13.91 26.50
N ASN H 64 27.12 -13.58 27.29
CA ASN H 64 28.15 -14.53 27.66
C ASN H 64 27.61 -15.31 28.85
N PHE H 65 27.49 -16.63 28.72
CA PHE H 65 26.95 -17.44 29.81
C PHE H 65 28.01 -18.30 30.52
N SER H 66 29.28 -18.10 30.20
CA SER H 66 30.33 -18.90 30.83
C SER H 66 30.41 -18.73 32.36
N PRO H 67 29.98 -17.57 32.89
CA PRO H 67 30.06 -17.43 34.35
C PRO H 67 29.22 -18.47 35.09
N THR H 68 28.17 -18.99 34.46
CA THR H 68 27.31 -19.99 35.09
C THR H 68 28.02 -21.32 35.31
N TYR H 69 29.11 -21.56 34.57
CA TYR H 69 29.86 -22.80 34.72
C TYR H 69 30.63 -22.78 36.03
N ARG H 70 31.13 -21.61 36.40
CA ARG H 70 31.90 -21.46 37.63
C ARG H 70 31.02 -21.42 38.88
N THR H 71 29.72 -21.60 38.71
CA THR H 71 28.80 -21.59 39.85
C THR H 71 28.28 -22.99 40.14
N LEU H 72 28.65 -23.95 39.30
CA LEU H 72 28.19 -25.33 39.47
C LEU H 72 28.47 -25.91 40.85
N GLY H 73 29.52 -25.40 41.50
CA GLY H 73 29.86 -25.88 42.82
C GLY H 73 28.71 -25.64 43.78
N ASP H 74 28.15 -24.45 43.70
CA ASP H 74 27.05 -24.04 44.56
C ASP H 74 25.79 -24.87 44.35
N TYR H 75 25.78 -25.68 43.30
CA TYR H 75 24.63 -26.51 43.03
C TYR H 75 24.90 -27.95 43.41
N GLU H 76 26.00 -28.14 44.15
CA GLU H 76 26.41 -29.46 44.59
C GLU H 76 26.96 -30.35 43.48
N VAL H 77 27.36 -29.76 42.35
CA VAL H 77 27.93 -30.59 41.29
C VAL H 77 29.40 -30.80 41.61
N ARG H 78 29.70 -32.00 42.10
CA ARG H 78 31.07 -32.37 42.48
C ARG H 78 31.85 -33.00 41.32
N ARG H 79 31.24 -33.95 40.63
CA ARG H 79 31.90 -34.64 39.52
C ARG H 79 31.88 -33.91 38.17
N ILE H 80 32.98 -33.22 37.85
CA ILE H 80 33.10 -32.49 36.59
C ILE H 80 34.37 -32.93 35.86
N TYR H 81 34.19 -33.69 34.77
CA TYR H 81 35.34 -34.20 34.03
C TYR H 81 35.62 -33.60 32.66
N VAL H 82 36.86 -33.76 32.22
CA VAL H 82 37.32 -33.26 30.94
C VAL H 82 38.28 -34.27 30.32
N ASP H 83 37.94 -34.75 29.14
CA ASP H 83 38.78 -35.71 28.45
C ASP H 83 40.09 -35.01 28.06
N ARG H 84 41.22 -35.52 28.58
CA ARG H 84 42.52 -34.92 28.27
C ARG H 84 42.85 -35.03 26.78
N ASP H 85 42.65 -36.21 26.20
CA ASP H 85 42.91 -36.40 24.77
C ASP H 85 42.32 -35.25 23.96
N SER H 86 41.11 -34.81 24.32
CA SER H 86 40.44 -33.72 23.63
C SER H 86 41.16 -32.39 23.81
N LEU H 87 41.69 -32.15 25.01
CA LEU H 87 42.43 -30.92 25.25
C LEU H 87 43.67 -30.95 24.37
N GLU H 88 44.37 -32.08 24.41
CA GLU H 88 45.59 -32.30 23.65
C GLU H 88 45.36 -32.08 22.15
N ALA H 89 44.36 -32.76 21.60
CA ALA H 89 44.03 -32.65 20.18
C ALA H 89 43.78 -31.21 19.80
N ARG H 90 43.36 -30.41 20.77
CA ARG H 90 43.06 -29.02 20.49
C ARG H 90 44.15 -28.07 20.98
N GLY H 91 45.24 -28.66 21.45
CA GLY H 91 46.36 -27.89 21.94
C GLY H 91 46.02 -27.05 23.15
N LEU H 92 45.43 -27.69 24.16
CA LEU H 92 45.04 -26.98 25.37
C LEU H 92 45.50 -27.74 26.59
N THR H 93 45.49 -27.04 27.72
CA THR H 93 45.87 -27.65 28.99
C THR H 93 44.85 -27.16 30.00
N GLN H 94 44.76 -27.83 31.13
CA GLN H 94 43.80 -27.42 32.14
C GLN H 94 43.88 -25.92 32.43
N ASP H 95 45.02 -25.31 32.10
CA ASP H 95 45.22 -23.88 32.32
C ASP H 95 44.35 -22.99 31.43
N ASP H 96 43.80 -23.55 30.36
CA ASP H 96 42.97 -22.76 29.46
C ASP H 96 41.51 -22.75 29.90
N LEU H 97 41.17 -23.73 30.72
CA LEU H 97 39.83 -23.90 31.26
C LEU H 97 39.62 -23.05 32.51
N VAL H 98 38.36 -22.90 32.91
CA VAL H 98 38.05 -22.12 34.10
C VAL H 98 38.09 -23.04 35.32
N GLU H 99 38.15 -22.43 36.50
CA GLU H 99 38.18 -23.20 37.73
C GLU H 99 36.82 -23.16 38.38
N ILE H 100 36.36 -24.32 38.86
CA ILE H 100 35.06 -24.39 39.51
C ILE H 100 35.24 -24.82 40.97
N ALA H 101 35.10 -23.85 41.87
CA ALA H 101 35.25 -24.09 43.29
C ALA H 101 34.10 -24.91 43.85
N PHE H 102 34.36 -25.60 44.96
CA PHE H 102 33.34 -26.40 45.61
C PHE H 102 33.68 -26.61 47.08
N GLU H 103 32.69 -26.39 47.94
CA GLU H 103 32.88 -26.57 49.37
C GLU H 103 31.77 -27.42 49.97
N ASP H 104 32.15 -28.57 50.50
CA ASP H 104 31.20 -29.47 51.13
C ASP H 104 30.83 -28.86 52.48
N MET H 105 29.91 -27.91 52.47
CA MET H 105 29.48 -27.23 53.68
C MET H 105 29.12 -28.22 54.80
N GLU H 106 28.95 -29.49 54.45
CA GLU H 106 28.62 -30.50 55.45
C GLU H 106 29.84 -30.99 56.21
N THR H 107 31.03 -30.72 55.69
CA THR H 107 32.26 -31.16 56.36
C THR H 107 33.38 -30.11 56.32
N GLU H 108 33.01 -28.86 56.04
CA GLU H 108 33.96 -27.73 55.99
C GLU H 108 34.88 -27.67 54.78
N GLU H 109 35.22 -28.83 54.21
CA GLU H 109 36.39 -28.88 53.27
C GLU H 109 36.06 -27.93 52.10
N GLU H 110 37.04 -27.11 51.71
CA GLU H 110 36.86 -26.15 50.62
C GLU H 110 37.85 -26.38 49.47
N PHE H 111 37.34 -26.80 48.32
CA PHE H 111 38.17 -27.06 47.14
C PHE H 111 38.17 -25.89 46.16
N ASP H 112 39.37 -25.47 45.76
CA ASP H 112 39.54 -24.36 44.84
C ASP H 112 39.13 -24.68 43.39
N ASN H 113 39.06 -25.97 43.05
CA ASN H 113 38.71 -26.39 41.71
C ASN H 113 38.53 -27.90 41.65
N ILE H 114 37.35 -28.36 41.24
CA ILE H 114 37.07 -29.79 41.15
C ILE H 114 37.02 -30.28 39.70
N VAL H 115 37.43 -29.41 38.78
CA VAL H 115 37.46 -29.76 37.37
C VAL H 115 38.61 -30.76 37.27
N GLU H 116 38.29 -32.02 36.97
CA GLU H 116 39.31 -33.05 36.89
C GLU H 116 39.56 -33.56 35.48
N VAL H 117 40.80 -33.42 35.02
CA VAL H 117 41.17 -33.88 33.69
C VAL H 117 41.49 -35.37 33.72
N ILE H 118 40.73 -36.15 32.96
CA ILE H 118 40.91 -37.59 32.97
C ILE H 118 41.30 -38.20 31.62
N ASP H 119 41.85 -39.41 31.70
CA ASP H 119 42.32 -40.15 30.54
C ASP H 119 41.21 -41.01 29.97
N SER H 120 41.33 -41.36 28.70
CA SER H 120 40.34 -42.18 28.01
C SER H 120 39.78 -43.34 28.85
N ALA H 121 40.64 -44.23 29.33
CA ALA H 121 40.20 -45.38 30.14
C ALA H 121 39.22 -44.99 31.24
N ARG H 122 39.49 -43.88 31.92
CA ARG H 122 38.65 -43.38 33.00
C ARG H 122 37.31 -42.94 32.42
N VAL H 123 37.35 -42.19 31.32
CA VAL H 123 36.12 -41.73 30.69
C VAL H 123 35.17 -42.90 30.44
N SER H 124 35.68 -43.93 29.75
CA SER H 124 34.90 -45.12 29.44
C SER H 124 34.33 -45.73 30.71
N GLU H 125 35.08 -45.61 31.80
CA GLU H 125 34.68 -46.14 33.09
C GLU H 125 33.41 -45.42 33.56
N LEU H 126 33.47 -44.08 33.58
CA LEU H 126 32.34 -43.28 34.00
C LEU H 126 31.07 -43.60 33.21
N MET H 127 31.23 -43.79 31.90
CA MET H 127 30.09 -44.12 31.05
C MET H 127 29.41 -45.38 31.55
N ASN H 128 30.20 -46.41 31.83
CA ASN H 128 29.67 -47.67 32.32
C ASN H 128 29.11 -47.59 33.73
N GLU H 129 29.30 -46.45 34.38
CA GLU H 129 28.78 -46.33 35.73
C GLU H 129 27.42 -45.64 35.75
N SER H 130 27.19 -44.81 34.74
CA SER H 130 25.94 -44.06 34.61
C SER H 130 24.71 -44.93 34.36
N ASP H 131 23.59 -44.54 34.96
CA ASP H 131 22.32 -45.23 34.80
C ASP H 131 21.53 -44.63 33.63
N ALA H 132 21.81 -43.36 33.34
CA ALA H 132 21.15 -42.62 32.26
C ALA H 132 22.07 -41.50 31.78
N VAL H 133 22.07 -41.25 30.47
CA VAL H 133 22.91 -40.21 29.90
C VAL H 133 22.11 -39.19 29.09
N PHE H 134 22.31 -37.91 29.40
CA PHE H 134 21.64 -36.84 28.70
C PHE H 134 22.61 -36.42 27.62
N SER H 135 22.13 -36.35 26.38
CA SER H 135 22.97 -35.97 25.25
C SER H 135 22.43 -34.70 24.62
N PHE H 136 23.32 -33.92 24.02
CA PHE H 136 22.90 -32.67 23.39
C PHE H 136 23.74 -32.40 22.14
N SER I 2 26.33 -53.73 28.75
CA SER I 2 25.49 -52.90 29.59
C SER I 2 25.06 -51.63 28.88
N ILE I 3 25.94 -51.06 28.07
CA ILE I 3 25.59 -49.84 27.34
C ILE I 3 25.28 -50.04 25.86
N LEU I 4 24.20 -49.42 25.39
CA LEU I 4 23.83 -49.48 23.98
C LEU I 4 24.10 -48.09 23.41
N HIS I 5 25.16 -47.99 22.63
CA HIS I 5 25.58 -46.75 22.00
C HIS I 5 24.85 -46.55 20.67
N THR I 6 24.22 -45.39 20.50
CA THR I 6 23.54 -45.13 19.25
C THR I 6 24.29 -44.05 18.52
N VAL I 7 24.51 -44.26 17.23
CA VAL I 7 25.20 -43.29 16.39
C VAL I 7 24.24 -43.03 15.24
N ASN I 8 23.84 -41.77 15.08
CA ASN I 8 22.90 -41.39 14.04
C ASN I 8 23.48 -40.46 12.98
N LYS I 9 24.80 -40.29 12.96
CA LYS I 9 25.40 -39.43 11.98
C LYS I 9 26.42 -40.15 11.12
N SER I 10 26.61 -39.63 9.91
CA SER I 10 27.53 -40.22 8.95
C SER I 10 28.98 -40.09 9.42
N PRO I 11 29.76 -41.18 9.27
CA PRO I 11 31.17 -41.22 9.67
C PRO I 11 32.05 -40.37 8.77
N PHE I 12 31.51 -39.96 7.62
CA PHE I 12 32.26 -39.13 6.70
C PHE I 12 31.99 -37.65 6.94
N GLU I 13 30.97 -37.36 7.75
CA GLU I 13 30.62 -35.97 8.06
C GLU I 13 30.90 -35.62 9.53
N ARG I 14 30.72 -36.59 10.43
CA ARG I 14 30.90 -36.38 11.87
C ARG I 14 31.82 -37.39 12.56
N ASN I 15 32.57 -36.90 13.54
CA ASN I 15 33.48 -37.74 14.31
C ASN I 15 32.74 -38.60 15.33
N SER I 16 31.41 -38.54 15.34
CA SER I 16 30.61 -39.31 16.29
C SER I 16 30.89 -40.80 16.29
N LEU I 17 31.09 -41.37 15.12
CA LEU I 17 31.32 -42.80 15.05
C LEU I 17 32.67 -43.11 15.68
N GLU I 18 33.69 -42.31 15.36
CA GLU I 18 35.03 -42.50 15.92
C GLU I 18 35.06 -42.43 17.44
N SER I 19 34.50 -41.35 18.00
CA SER I 19 34.45 -41.18 19.45
C SER I 19 33.80 -42.40 20.09
N CYS I 20 32.67 -42.79 19.54
CA CYS I 20 31.95 -43.94 20.06
C CYS I 20 32.78 -45.22 20.12
N LEU I 21 33.41 -45.57 19.00
CA LEU I 21 34.23 -46.79 18.93
C LEU I 21 35.46 -46.74 19.84
N LYS I 22 35.87 -45.53 20.20
CA LYS I 22 37.02 -45.31 21.06
C LYS I 22 36.71 -45.55 22.55
N PHE I 23 35.50 -45.20 22.98
CA PHE I 23 35.11 -45.35 24.37
C PHE I 23 34.24 -46.56 24.70
N ALA I 24 33.56 -47.12 23.70
CA ALA I 24 32.73 -48.29 23.96
C ALA I 24 33.67 -49.40 24.39
N THR I 25 33.25 -50.13 25.42
CA THR I 25 34.08 -51.19 25.96
C THR I 25 33.52 -52.59 25.72
N GLU I 26 34.35 -53.61 26.00
CA GLU I 26 34.03 -55.01 25.86
C GLU I 26 32.59 -55.36 26.23
N GLY I 27 31.90 -56.10 25.35
CA GLY I 27 30.54 -56.49 25.63
C GLY I 27 29.45 -55.46 25.37
N ALA I 28 29.83 -54.26 24.95
CA ALA I 28 28.84 -53.23 24.66
C ALA I 28 28.20 -53.44 23.29
N SER I 29 27.11 -52.73 23.02
CA SER I 29 26.41 -52.82 21.75
C SER I 29 26.42 -51.45 21.09
N VAL I 30 26.50 -51.42 19.77
CA VAL I 30 26.46 -50.16 19.05
C VAL I 30 25.39 -50.21 17.97
N LEU I 31 24.48 -49.24 17.97
CA LEU I 31 23.43 -49.19 16.97
C LEU I 31 23.61 -47.99 16.08
N LEU I 32 23.77 -48.28 14.79
CA LEU I 32 23.92 -47.26 13.76
C LEU I 32 22.52 -47.15 13.19
N PHE I 33 22.04 -45.91 13.04
CA PHE I 33 20.73 -45.62 12.46
C PHE I 33 20.73 -44.21 11.89
N GLU I 34 19.63 -43.83 11.23
CA GLU I 34 19.56 -42.54 10.58
C GLU I 34 20.79 -42.48 9.70
N ASP I 35 21.42 -41.33 9.57
CA ASP I 35 22.60 -41.22 8.73
C ASP I 35 23.79 -42.09 9.13
N GLY I 36 23.85 -42.56 10.37
CA GLY I 36 24.97 -43.39 10.78
C GLY I 36 25.04 -44.70 10.02
N ILE I 37 23.95 -45.02 9.34
CA ILE I 37 23.79 -46.23 8.54
C ILE I 37 24.95 -46.48 7.56
N TYR I 38 25.46 -45.40 6.99
CA TYR I 38 26.55 -45.48 6.02
C TYR I 38 27.84 -46.07 6.57
N ALA I 39 27.94 -46.21 7.88
CA ALA I 39 29.15 -46.76 8.45
C ALA I 39 29.14 -48.28 8.46
N ALA I 40 27.98 -48.87 8.19
CA ALA I 40 27.88 -50.34 8.19
C ALA I 40 28.09 -50.97 6.81
N LEU I 41 28.16 -50.12 5.79
CA LEU I 41 28.35 -50.59 4.42
C LEU I 41 29.77 -51.08 4.12
N ALA I 42 29.88 -52.24 3.50
CA ALA I 42 31.17 -52.79 3.14
C ALA I 42 31.76 -51.92 2.04
N GLY I 43 33.08 -51.94 1.88
CA GLY I 43 33.70 -51.13 0.86
C GLY I 43 33.90 -49.66 1.18
N THR I 44 33.56 -49.19 2.38
CA THR I 44 33.78 -47.77 2.68
C THR I 44 35.11 -47.56 3.40
N ARG I 45 35.56 -46.31 3.35
CA ARG I 45 36.80 -45.84 3.95
C ARG I 45 36.88 -46.22 5.44
N VAL I 46 35.74 -46.47 6.07
CA VAL I 46 35.79 -46.82 7.48
C VAL I 46 35.44 -48.27 7.73
N GLU I 47 35.46 -49.08 6.69
CA GLU I 47 35.16 -50.50 6.86
C GLU I 47 36.12 -51.11 7.90
N SER I 48 37.42 -50.88 7.73
CA SER I 48 38.43 -51.43 8.61
C SER I 48 38.23 -51.21 10.12
N GLN I 49 38.01 -49.98 10.54
CA GLN I 49 37.82 -49.67 11.95
C GLN I 49 36.45 -50.16 12.43
N VAL I 50 35.47 -50.17 11.53
CA VAL I 50 34.15 -50.66 11.89
C VAL I 50 34.33 -52.14 12.14
N THR I 51 34.96 -52.82 11.17
CA THR I 51 35.20 -54.26 11.29
C THR I 51 36.06 -54.54 12.52
N GLU I 52 37.01 -53.65 12.80
CA GLU I 52 37.90 -53.82 13.96
C GLU I 52 37.09 -53.93 15.24
N ALA I 53 35.98 -53.20 15.29
CA ALA I 53 35.12 -53.20 16.45
C ALA I 53 34.36 -54.51 16.67
N LEU I 54 34.18 -55.29 15.62
CA LEU I 54 33.47 -56.56 15.76
C LEU I 54 34.14 -57.42 16.82
N GLY I 55 35.39 -57.08 17.12
CA GLY I 55 36.15 -57.81 18.12
C GLY I 55 35.44 -57.81 19.45
N LYS I 56 35.43 -56.65 20.13
CA LYS I 56 34.80 -56.59 21.44
C LYS I 56 33.36 -56.07 21.53
N LEU I 57 32.83 -55.55 20.43
CA LEU I 57 31.47 -55.01 20.43
C LEU I 57 30.45 -55.84 19.68
N LYS I 58 29.19 -55.45 19.80
CA LYS I 58 28.09 -56.09 19.11
C LYS I 58 27.50 -54.96 18.27
N LEU I 59 27.68 -55.05 16.96
CA LEU I 59 27.20 -54.01 16.06
C LEU I 59 25.87 -54.34 15.39
N TYR I 60 25.01 -53.32 15.30
CA TYR I 60 23.69 -53.43 14.70
C TYR I 60 23.43 -52.24 13.80
N VAL I 61 22.61 -52.43 12.78
CA VAL I 61 22.30 -51.32 11.88
C VAL I 61 20.79 -51.32 11.65
N LEU I 62 20.17 -50.15 11.62
CA LEU I 62 18.72 -50.12 11.45
C LEU I 62 18.31 -50.36 10.00
N GLY I 63 17.67 -51.50 9.77
CA GLY I 63 17.23 -51.83 8.43
C GLY I 63 16.47 -50.71 7.74
N PRO I 64 15.37 -50.23 8.33
CA PRO I 64 14.60 -49.15 7.72
C PRO I 64 15.42 -48.02 7.15
N ASP I 65 16.49 -47.63 7.84
CA ASP I 65 17.31 -46.55 7.33
C ASP I 65 18.24 -46.97 6.19
N LEU I 66 18.72 -48.21 6.23
CA LEU I 66 19.57 -48.73 5.14
C LEU I 66 18.80 -48.71 3.81
N LYS I 67 17.63 -49.35 3.82
CA LYS I 67 16.79 -49.43 2.63
C LYS I 67 16.45 -48.04 2.09
N ALA I 68 16.04 -47.15 3.00
CA ALA I 68 15.65 -45.79 2.63
C ALA I 68 16.76 -45.03 1.93
N ARG I 69 18.01 -45.43 2.20
CA ARG I 69 19.15 -44.77 1.58
C ARG I 69 19.68 -45.57 0.39
N GLY I 70 18.98 -46.65 0.07
CA GLY I 70 19.33 -47.48 -1.08
C GLY I 70 20.22 -48.70 -0.86
N PHE I 71 20.17 -49.34 0.30
CA PHE I 71 21.03 -50.48 0.54
C PHE I 71 20.37 -51.69 1.18
N SER I 72 20.50 -52.84 0.53
CA SER I 72 19.92 -54.06 1.07
C SER I 72 20.87 -54.61 2.10
N ASP I 73 20.41 -55.60 2.85
CA ASP I 73 21.23 -56.21 3.88
C ASP I 73 22.53 -56.81 3.30
N GLU I 74 22.53 -57.08 1.99
CA GLU I 74 23.69 -57.66 1.31
C GLU I 74 24.90 -56.73 1.33
N ARG I 75 24.64 -55.44 1.16
CA ARG I 75 25.69 -54.43 1.14
C ARG I 75 26.33 -54.21 2.52
N VAL I 76 25.80 -54.86 3.55
CA VAL I 76 26.31 -54.70 4.91
C VAL I 76 27.56 -55.52 5.26
N ILE I 77 28.45 -54.92 6.03
CA ILE I 77 29.68 -55.56 6.49
C ILE I 77 29.30 -56.82 7.27
N PRO I 78 29.85 -57.98 6.89
CA PRO I 78 29.55 -59.24 7.59
C PRO I 78 29.87 -59.15 9.09
N GLY I 79 28.86 -59.39 9.93
CA GLY I 79 29.08 -59.30 11.36
C GLY I 79 28.19 -58.27 12.00
N ILE I 80 27.68 -57.34 11.20
CA ILE I 80 26.79 -56.33 11.75
C ILE I 80 25.38 -56.87 11.54
N SER I 81 24.65 -57.02 12.63
CA SER I 81 23.29 -57.51 12.57
C SER I 81 22.36 -56.38 12.12
N VAL I 82 21.35 -56.73 11.33
CA VAL I 82 20.38 -55.75 10.84
C VAL I 82 19.13 -55.87 11.68
N VAL I 83 18.59 -54.74 12.14
CA VAL I 83 17.38 -54.78 12.97
C VAL I 83 16.36 -53.73 12.54
N ASP I 84 15.10 -53.90 12.95
CA ASP I 84 14.07 -52.92 12.62
C ASP I 84 13.76 -52.14 13.90
N TYR I 85 12.71 -51.32 13.91
CA TYR I 85 12.39 -50.56 15.09
C TYR I 85 12.04 -51.46 16.25
N ALA I 86 11.33 -52.54 15.96
CA ALA I 86 10.99 -53.50 16.99
C ALA I 86 12.30 -53.92 17.65
N GLY I 87 13.24 -54.41 16.83
CA GLY I 87 14.53 -54.83 17.35
C GLY I 87 15.31 -53.74 18.05
N PHE I 88 15.13 -52.49 17.61
CA PHE I 88 15.79 -51.33 18.21
C PHE I 88 15.28 -51.24 19.64
N VAL I 89 13.98 -51.46 19.80
CA VAL I 89 13.34 -51.43 21.11
C VAL I 89 13.96 -52.54 21.94
N ASP I 90 14.11 -53.73 21.36
CA ASP I 90 14.69 -54.83 22.10
C ASP I 90 16.10 -54.52 22.63
N LEU I 91 16.97 -54.00 21.76
CA LEU I 91 18.34 -53.67 22.19
C LEU I 91 18.34 -52.79 23.44
N THR I 92 17.53 -51.72 23.44
CA THR I 92 17.44 -50.79 24.58
C THR I 92 16.99 -51.46 25.89
N THR I 93 16.27 -52.58 25.81
CA THR I 93 15.86 -53.24 27.03
C THR I 93 16.87 -54.34 27.42
N GLU I 94 17.57 -54.89 26.45
CA GLU I 94 18.56 -55.92 26.72
C GLU I 94 19.74 -55.28 27.46
N CYS I 95 20.21 -54.15 26.94
CA CYS I 95 21.31 -53.44 27.57
C CYS I 95 20.76 -52.68 28.77
N ASP I 96 21.63 -52.13 29.60
CA ASP I 96 21.20 -51.43 30.81
C ASP I 96 21.01 -49.94 30.64
N THR I 97 21.78 -49.33 29.76
CA THR I 97 21.68 -47.89 29.52
C THR I 97 21.88 -47.58 28.05
N VAL I 98 21.25 -46.51 27.59
CA VAL I 98 21.37 -46.10 26.21
C VAL I 98 22.20 -44.84 26.20
N GLN I 99 23.18 -44.77 25.31
CA GLN I 99 24.01 -43.56 25.24
C GLN I 99 24.06 -43.02 23.84
N ALA I 100 23.38 -41.89 23.62
CA ALA I 100 23.33 -41.28 22.31
C ALA I 100 24.58 -40.48 21.98
N TRP I 101 25.15 -40.75 20.81
CA TRP I 101 26.31 -40.00 20.36
C TRP I 101 25.76 -39.12 19.24
N LEU I 102 25.46 -37.87 19.54
CA LEU I 102 24.90 -36.96 18.55
C LEU I 102 25.99 -36.26 17.74
N MET J 1 27.60 -2.26 -3.30
CA MET J 1 27.03 -3.46 -3.96
C MET J 1 25.68 -3.92 -3.38
N LYS J 2 25.03 -4.82 -4.10
CA LYS J 2 23.73 -5.39 -3.70
C LYS J 2 23.91 -6.82 -3.16
N PHE J 3 23.45 -7.04 -1.94
CA PHE J 3 23.56 -8.35 -1.30
C PHE J 3 22.24 -9.10 -1.28
N ALA J 4 22.35 -10.41 -1.12
CA ALA J 4 21.20 -11.30 -1.02
C ALA J 4 21.61 -12.27 0.08
N LEU J 5 20.88 -12.29 1.18
CA LEU J 5 21.22 -13.15 2.30
C LEU J 5 20.25 -14.32 2.43
N GLN J 6 20.78 -15.50 2.71
CA GLN J 6 19.95 -16.68 2.86
C GLN J 6 20.20 -17.26 4.24
N ILE J 7 19.14 -17.45 5.02
CA ILE J 7 19.27 -18.00 6.37
C ILE J 7 18.53 -19.32 6.39
N ASN J 8 19.25 -20.40 6.69
CA ASN J 8 18.69 -21.75 6.68
C ASN J 8 18.36 -22.32 8.03
N GLU J 9 18.64 -21.60 9.10
CA GLU J 9 18.38 -22.14 10.43
C GLU J 9 17.54 -21.27 11.35
N GLY J 10 16.88 -21.91 12.32
CA GLY J 10 16.03 -21.20 13.27
C GLY J 10 16.80 -20.38 14.29
N PRO J 11 16.16 -19.41 14.94
CA PRO J 11 16.84 -18.58 15.94
C PRO J 11 17.32 -19.35 17.18
N TYR J 12 18.43 -18.90 17.75
CA TYR J 12 19.02 -19.48 18.94
C TYR J 12 19.62 -20.88 18.79
N GLN J 13 18.91 -21.79 18.14
CA GLN J 13 19.42 -23.15 17.98
C GLN J 13 20.77 -23.14 17.26
N HIS J 14 20.89 -22.26 16.28
CA HIS J 14 22.11 -22.15 15.47
C HIS J 14 22.47 -20.67 15.35
N GLN J 15 23.77 -20.37 15.32
CA GLN J 15 24.25 -18.99 15.25
C GLN J 15 23.97 -18.31 13.91
N ALA J 16 23.75 -19.12 12.88
CA ALA J 16 23.49 -18.61 11.54
C ALA J 16 22.75 -17.28 11.56
N SER J 17 21.51 -17.28 12.05
CA SER J 17 20.68 -16.07 12.07
C SER J 17 21.36 -14.87 12.71
N ASP J 18 22.10 -15.09 13.80
CA ASP J 18 22.81 -14.00 14.45
C ASP J 18 23.90 -13.49 13.51
N SER J 19 24.71 -14.40 12.97
CA SER J 19 25.79 -14.04 12.06
C SER J 19 25.26 -13.22 10.89
N ALA J 20 24.16 -13.69 10.30
CA ALA J 20 23.54 -13.02 9.18
C ALA J 20 23.12 -11.62 9.58
N TYR J 21 22.51 -11.51 10.75
CA TYR J 21 22.06 -10.22 11.22
C TYR J 21 23.26 -9.27 11.37
N GLN J 22 24.31 -9.74 12.02
CA GLN J 22 25.51 -8.93 12.20
C GLN J 22 26.09 -8.52 10.85
N PHE J 23 26.15 -9.48 9.93
CA PHE J 23 26.69 -9.22 8.62
C PHE J 23 25.85 -8.16 7.92
N ALA J 24 24.54 -8.27 8.11
CA ALA J 24 23.61 -7.34 7.48
C ALA J 24 23.74 -5.92 8.03
N LYS J 25 23.83 -5.80 9.35
CA LYS J 25 23.96 -4.49 9.97
C LYS J 25 25.26 -3.84 9.51
N ALA J 26 26.36 -4.58 9.62
CA ALA J 26 27.67 -4.08 9.21
C ALA J 26 27.63 -3.65 7.75
N ALA J 27 26.99 -4.46 6.90
CA ALA J 27 26.94 -4.13 5.47
C ALA J 27 26.11 -2.88 5.22
N LEU J 28 24.95 -2.78 5.85
CA LEU J 28 24.08 -1.62 5.68
C LEU J 28 24.79 -0.32 6.09
N GLU J 29 25.43 -0.36 7.26
CA GLU J 29 26.14 0.79 7.79
C GLU J 29 27.26 1.27 6.86
N LYS J 30 27.78 0.36 6.05
CA LYS J 30 28.84 0.69 5.12
C LYS J 30 28.29 1.32 3.85
N GLY J 31 26.97 1.35 3.70
CA GLY J 31 26.38 1.94 2.51
C GLY J 31 25.90 0.94 1.47
N HIS J 32 26.26 -0.33 1.62
CA HIS J 32 25.82 -1.35 0.68
C HIS J 32 24.32 -1.49 0.77
N GLU J 33 23.76 -2.23 -0.16
CA GLU J 33 22.33 -2.46 -0.20
C GLU J 33 22.03 -3.95 0.00
N ILE J 34 20.99 -4.25 0.76
CA ILE J 34 20.59 -5.62 0.98
C ILE J 34 19.28 -5.80 0.28
N PHE J 35 19.37 -6.32 -0.94
CA PHE J 35 18.22 -6.54 -1.80
C PHE J 35 17.13 -7.37 -1.14
N ARG J 36 17.55 -8.44 -0.48
CA ARG J 36 16.59 -9.31 0.15
C ARG J 36 17.21 -10.26 1.16
N VAL J 37 16.45 -10.53 2.22
CA VAL J 37 16.86 -11.46 3.26
C VAL J 37 15.82 -12.57 3.09
N PHE J 38 16.27 -13.76 2.71
CA PHE J 38 15.36 -14.88 2.47
C PHE J 38 15.52 -16.04 3.45
N PHE J 39 14.46 -16.38 4.15
CA PHE J 39 14.50 -17.46 5.14
C PHE J 39 13.99 -18.78 4.56
N TYR J 40 14.81 -19.82 4.66
CA TYR J 40 14.43 -21.12 4.13
C TYR J 40 14.62 -22.18 5.22
N HIS J 41 14.08 -23.36 5.03
CA HIS J 41 14.23 -24.41 6.05
C HIS J 41 13.74 -23.85 7.39
N ASP J 42 14.41 -24.29 8.45
CA ASP J 42 14.15 -23.84 9.81
C ASP J 42 14.35 -22.34 9.87
N GLY J 43 15.02 -21.79 8.86
CA GLY J 43 15.22 -20.37 8.82
C GLY J 43 13.89 -19.62 8.85
N VAL J 44 12.80 -20.24 8.41
CA VAL J 44 11.49 -19.56 8.41
C VAL J 44 11.06 -19.26 9.83
N ASN J 45 11.65 -19.95 10.78
CA ASN J 45 11.26 -19.74 12.16
C ASN J 45 11.76 -18.46 12.79
N ASN J 46 12.45 -17.62 12.02
CA ASN J 46 12.91 -16.34 12.54
C ASN J 46 11.81 -15.27 12.38
N SER J 47 10.66 -15.64 11.85
CA SER J 47 9.60 -14.66 11.63
C SER J 47 8.40 -14.68 12.57
N THR J 48 8.44 -15.54 13.57
CA THR J 48 7.32 -15.63 14.50
C THR J 48 7.34 -14.51 15.55
N ARG J 49 6.19 -13.89 15.76
CA ARG J 49 6.03 -12.81 16.71
C ARG J 49 5.67 -13.37 18.07
N LEU J 50 5.65 -14.69 18.20
CA LEU J 50 5.28 -15.28 19.48
C LEU J 50 6.45 -15.62 20.42
N THR J 51 7.63 -15.04 20.20
CA THR J 51 8.74 -15.38 21.10
C THR J 51 8.81 -14.43 22.29
N THR J 52 9.29 -14.94 23.41
CA THR J 52 9.46 -14.18 24.62
C THR J 52 10.80 -14.65 25.19
N PRO J 53 11.90 -14.19 24.58
CA PRO J 53 13.28 -14.51 24.95
C PRO J 53 13.74 -13.81 26.21
N PRO J 54 14.75 -14.38 26.89
CA PRO J 54 15.28 -13.79 28.12
C PRO J 54 15.63 -12.33 27.91
N GLN J 55 15.14 -11.47 28.80
CA GLN J 55 15.39 -10.05 28.68
C GLN J 55 16.85 -9.66 28.77
N ASP J 56 17.66 -10.45 29.45
CA ASP J 56 19.08 -10.12 29.55
C ASP J 56 19.88 -10.55 28.32
N ASP J 57 19.19 -11.12 27.32
CA ASP J 57 19.85 -11.57 26.10
C ASP J 57 19.16 -10.90 24.91
N ARG J 58 19.72 -11.06 23.71
CA ARG J 58 19.14 -10.43 22.54
C ARG J 58 17.84 -11.09 22.07
N HIS J 59 16.95 -10.26 21.52
CA HIS J 59 15.65 -10.69 21.00
C HIS J 59 15.85 -10.78 19.48
N ILE J 60 16.20 -11.96 19.00
CA ILE J 60 16.46 -12.19 17.58
C ILE J 60 15.39 -11.64 16.62
N VAL J 61 14.14 -12.07 16.81
CA VAL J 61 13.05 -11.64 15.97
C VAL J 61 12.92 -10.12 15.92
N ASN J 62 12.74 -9.50 17.09
CA ASN J 62 12.60 -8.05 17.13
C ASN J 62 13.82 -7.38 16.54
N ARG J 63 15.02 -7.88 16.84
CA ARG J 63 16.22 -7.28 16.28
C ARG J 63 16.08 -7.14 14.78
N TRP J 64 15.84 -8.26 14.12
CA TRP J 64 15.66 -8.26 12.68
C TRP J 64 14.61 -7.23 12.24
N ALA J 65 13.44 -7.27 12.87
CA ALA J 65 12.36 -6.34 12.53
C ALA J 65 12.79 -4.88 12.61
N GLU J 66 13.57 -4.54 13.64
CA GLU J 66 14.06 -3.19 13.82
C GLU J 66 15.00 -2.79 12.68
N LEU J 67 15.88 -3.72 12.30
CA LEU J 67 16.84 -3.47 11.23
C LEU J 67 16.03 -3.29 9.95
N ALA J 68 15.06 -4.17 9.79
CA ALA J 68 14.18 -4.18 8.64
C ALA J 68 13.44 -2.85 8.52
N GLU J 69 13.03 -2.31 9.67
CA GLU J 69 12.32 -1.05 9.73
C GLU J 69 13.29 0.07 9.40
N GLN J 70 14.44 0.09 10.07
CA GLN J 70 15.40 1.14 9.82
C GLN J 70 15.79 1.21 8.34
N TYR J 71 16.23 0.10 7.77
CA TYR J 71 16.64 0.13 6.36
C TYR J 71 15.67 -0.42 5.33
N GLU J 72 14.37 -0.45 5.67
CA GLU J 72 13.35 -0.94 4.75
C GLU J 72 13.82 -2.17 4.00
N LEU J 73 14.15 -3.22 4.76
CA LEU J 73 14.61 -4.47 4.17
C LEU J 73 13.45 -5.35 3.80
N ASP J 74 13.59 -6.04 2.67
CA ASP J 74 12.56 -6.95 2.22
C ASP J 74 12.89 -8.32 2.81
N MET J 75 12.15 -8.70 3.84
CA MET J 75 12.39 -10.00 4.48
C MET J 75 11.34 -11.04 4.01
N VAL J 76 11.84 -12.10 3.38
CA VAL J 76 10.97 -13.15 2.83
C VAL J 76 11.08 -14.51 3.50
N VAL J 77 9.92 -15.13 3.71
CA VAL J 77 9.79 -16.43 4.35
C VAL J 77 9.19 -17.39 3.34
N CYS J 78 9.94 -18.44 2.97
CA CYS J 78 9.44 -19.43 2.01
C CYS J 78 8.15 -20.08 2.48
N VAL J 79 7.12 -20.00 1.63
CA VAL J 79 5.79 -20.54 1.92
C VAL J 79 5.71 -22.04 2.19
N ALA J 80 6.40 -22.84 1.37
CA ALA J 80 6.38 -24.29 1.56
C ALA J 80 7.08 -24.69 2.84
N ALA J 81 8.12 -23.95 3.16
CA ALA J 81 8.88 -24.22 4.36
C ALA J 81 8.08 -23.75 5.59
N ALA J 82 7.36 -22.66 5.48
CA ALA J 82 6.57 -22.17 6.60
C ALA J 82 5.36 -23.06 6.83
N GLN J 83 4.84 -23.66 5.77
CA GLN J 83 3.69 -24.54 5.92
C GLN J 83 4.08 -25.79 6.67
N ARG J 84 5.25 -26.31 6.34
CA ARG J 84 5.74 -27.53 6.96
C ARG J 84 6.05 -27.36 8.45
N ARG J 85 6.47 -26.15 8.82
CA ARG J 85 6.87 -25.85 10.18
C ARG J 85 5.92 -25.04 11.07
N GLY J 86 4.92 -24.37 10.50
CA GLY J 86 4.00 -23.62 11.33
C GLY J 86 4.05 -22.10 11.37
N ILE J 87 4.48 -21.48 10.28
CA ILE J 87 4.53 -20.03 10.23
C ILE J 87 3.31 -19.68 9.39
N VAL J 88 2.43 -18.86 9.99
CA VAL J 88 1.19 -18.47 9.36
C VAL J 88 0.87 -16.98 9.40
N ASP J 89 0.38 -16.47 8.27
CA ASP J 89 -0.03 -15.07 8.14
C ASP J 89 -1.48 -15.06 7.68
N GLU J 90 -2.08 -13.87 7.55
CA GLU J 90 -3.47 -13.75 7.12
C GLU J 90 -3.83 -14.75 6.01
N GLY J 91 -3.08 -14.72 4.91
CA GLY J 91 -3.32 -15.60 3.78
C GLY J 91 -3.33 -17.08 4.09
N GLU J 92 -2.24 -17.59 4.65
CA GLU J 92 -2.14 -19.01 5.00
C GLU J 92 -3.28 -19.45 5.92
N ALA J 93 -3.60 -18.61 6.91
CA ALA J 93 -4.67 -18.93 7.87
C ALA J 93 -5.98 -19.16 7.13
N SER J 94 -6.24 -18.25 6.19
CA SER J 94 -7.43 -18.28 5.37
C SER J 94 -7.46 -19.46 4.41
N ARG J 95 -6.35 -19.70 3.74
CA ARG J 95 -6.25 -20.77 2.76
C ARG J 95 -6.20 -22.15 3.39
N ASN J 96 -5.48 -22.27 4.50
CA ASN J 96 -5.33 -23.54 5.19
C ASN J 96 -6.42 -23.76 6.24
N GLY J 97 -7.14 -22.71 6.60
CA GLY J 97 -8.19 -22.85 7.58
C GLY J 97 -7.61 -23.08 8.96
N LYS J 98 -6.77 -22.15 9.39
CA LYS J 98 -6.15 -22.23 10.69
C LYS J 98 -6.86 -21.23 11.60
N ASP J 99 -6.86 -21.50 12.90
CA ASP J 99 -7.53 -20.63 13.87
C ASP J 99 -6.72 -19.44 14.38
N ALA J 100 -5.51 -19.25 13.85
CA ALA J 100 -4.70 -18.12 14.26
C ALA J 100 -3.49 -17.91 13.36
N THR J 101 -2.75 -16.84 13.64
CA THR J 101 -1.55 -16.53 12.88
C THR J 101 -0.45 -16.27 13.89
N ASN J 102 0.79 -16.19 13.44
CA ASN J 102 1.90 -15.94 14.34
C ASN J 102 3.04 -15.16 13.70
N ILE J 103 2.94 -14.92 12.41
CA ILE J 103 4.01 -14.20 11.74
C ILE J 103 4.11 -12.76 12.21
N HIS J 104 5.33 -12.24 12.21
CA HIS J 104 5.60 -10.86 12.61
C HIS J 104 5.34 -10.02 11.36
N PRO J 105 4.60 -8.90 11.50
CA PRO J 105 4.28 -8.02 10.37
C PRO J 105 5.42 -7.46 9.55
N LYS J 106 6.64 -7.62 10.03
CA LYS J 106 7.79 -7.12 9.30
C LYS J 106 8.43 -8.15 8.37
N PHE J 107 7.80 -9.31 8.27
CA PHE J 107 8.26 -10.37 7.40
C PHE J 107 7.09 -10.70 6.49
N ARG J 108 7.38 -11.12 5.27
CA ARG J 108 6.32 -11.47 4.35
C ARG J 108 6.54 -12.83 3.72
N ILE J 109 5.49 -13.64 3.71
CA ILE J 109 5.55 -14.96 3.11
C ILE J 109 5.49 -14.80 1.59
N SER J 110 6.20 -15.68 0.88
CA SER J 110 6.26 -15.69 -0.58
C SER J 110 6.95 -16.97 -1.05
N GLY J 111 6.90 -17.20 -2.36
CA GLY J 111 7.49 -18.39 -2.95
C GLY J 111 9.01 -18.49 -2.94
N LEU J 112 9.49 -19.69 -3.23
CA LEU J 112 10.91 -19.97 -3.26
C LEU J 112 11.64 -19.24 -4.39
N GLY J 113 10.87 -18.87 -5.42
CA GLY J 113 11.44 -18.15 -6.54
C GLY J 113 12.01 -16.82 -6.11
N GLN J 114 11.45 -16.24 -5.06
CA GLN J 114 11.95 -14.97 -4.56
C GLN J 114 13.40 -15.13 -4.15
N LEU J 115 13.77 -16.35 -3.77
CA LEU J 115 15.15 -16.61 -3.38
C LEU J 115 16.01 -16.54 -4.65
N VAL J 116 15.62 -17.31 -5.67
CA VAL J 116 16.33 -17.34 -6.94
C VAL J 116 16.32 -15.95 -7.55
N GLU J 117 15.22 -15.25 -7.37
CA GLU J 117 15.05 -13.91 -7.88
C GLU J 117 16.18 -13.05 -7.33
N ALA J 118 16.36 -13.11 -6.01
CA ALA J 118 17.38 -12.30 -5.34
C ALA J 118 18.82 -12.64 -5.71
N ALA J 119 19.12 -13.90 -5.98
CA ALA J 119 20.48 -14.27 -6.34
C ALA J 119 20.84 -13.70 -7.70
N ILE J 120 19.82 -13.39 -8.49
CA ILE J 120 20.07 -12.83 -9.80
C ILE J 120 20.30 -11.33 -9.66
N GLN J 121 19.41 -10.63 -8.95
CA GLN J 121 19.55 -9.20 -8.77
C GLN J 121 20.78 -8.77 -7.95
N ALA J 122 21.03 -9.48 -6.85
CA ALA J 122 22.15 -9.17 -5.98
C ALA J 122 23.52 -9.51 -6.58
N ASP J 123 24.52 -8.71 -6.21
CA ASP J 123 25.87 -8.91 -6.68
C ASP J 123 26.47 -10.10 -5.95
N ARG J 124 26.08 -10.27 -4.69
CA ARG J 124 26.58 -11.37 -3.89
C ARG J 124 25.50 -12.11 -3.12
N LEU J 125 25.64 -13.43 -3.06
CA LEU J 125 24.71 -14.27 -2.33
C LEU J 125 25.50 -14.85 -1.17
N VAL J 126 25.16 -14.45 0.05
CA VAL J 126 25.85 -14.98 1.21
C VAL J 126 24.87 -15.86 1.94
N VAL J 127 25.26 -17.10 2.14
CA VAL J 127 24.42 -18.07 2.80
C VAL J 127 24.91 -18.45 4.17
N PHE J 128 24.03 -18.33 5.15
CA PHE J 128 24.33 -18.69 6.52
C PHE J 128 23.52 -19.91 6.91
N GLY J 129 24.21 -20.95 7.38
CA GLY J 129 23.52 -22.16 7.76
C GLY J 129 24.30 -23.00 8.73
N ASP J 130 23.91 -24.28 8.81
CA ASP J 130 24.54 -25.24 9.69
C ASP J 130 25.82 -25.77 9.07
N VAL K 5 22.27 -15.75 -18.25
CA VAL K 5 23.42 -14.89 -18.01
C VAL K 5 24.32 -15.45 -16.89
N LYS K 6 23.82 -15.48 -15.66
CA LYS K 6 24.63 -15.98 -14.54
C LYS K 6 24.75 -17.48 -14.43
N LYS K 7 25.86 -17.92 -13.87
CA LYS K 7 26.14 -19.34 -13.66
C LYS K 7 25.91 -19.68 -12.19
N PHE K 8 24.98 -20.59 -11.95
CA PHE K 8 24.62 -21.00 -10.60
C PHE K 8 25.03 -22.42 -10.27
N MET K 9 25.61 -22.61 -9.09
CA MET K 9 26.00 -23.94 -8.62
C MET K 9 25.19 -24.31 -7.37
N TYR K 10 24.57 -25.48 -7.40
CA TYR K 10 23.81 -25.97 -6.27
C TYR K 10 24.64 -27.03 -5.57
N LEU K 11 25.36 -26.60 -4.55
CA LEU K 11 26.24 -27.47 -3.80
C LEU K 11 25.50 -28.36 -2.79
N ASN K 12 25.51 -29.66 -3.04
CA ASN K 12 24.86 -30.65 -2.18
C ASN K 12 25.94 -31.53 -1.56
N ARG K 13 26.06 -31.49 -0.23
CA ARG K 13 27.07 -32.26 0.45
C ARG K 13 26.53 -33.08 1.61
N LYS K 14 25.22 -33.13 1.76
CA LYS K 14 24.66 -33.91 2.87
C LYS K 14 23.83 -35.09 2.42
N ALA K 15 23.83 -36.13 3.23
CA ALA K 15 23.06 -37.33 2.96
C ALA K 15 21.58 -36.99 2.99
N PRO K 16 20.72 -37.84 2.38
CA PRO K 16 19.28 -37.58 2.37
C PRO K 16 18.55 -38.25 3.54
N TYR K 17 17.34 -37.77 3.81
CA TYR K 17 16.48 -38.27 4.88
C TYR K 17 16.87 -37.90 6.30
N GLY K 18 18.13 -38.13 6.67
CA GLY K 18 18.62 -37.78 7.99
C GLY K 18 18.34 -36.31 8.32
N THR K 19 18.45 -35.45 7.30
CA THR K 19 18.13 -34.03 7.43
C THR K 19 17.20 -33.77 6.26
N ILE K 20 16.63 -32.57 6.19
CA ILE K 20 15.71 -32.25 5.09
C ILE K 20 16.40 -31.46 3.98
N TYR K 21 17.68 -31.12 4.17
CA TYR K 21 18.43 -30.33 3.19
C TYR K 21 18.45 -30.84 1.74
N ALA K 22 18.63 -32.14 1.53
CA ALA K 22 18.61 -32.65 0.17
C ALA K 22 17.26 -32.34 -0.50
N TRP K 23 16.18 -32.80 0.12
CA TRP K 23 14.83 -32.59 -0.40
C TRP K 23 14.55 -31.12 -0.67
N GLU K 24 14.60 -30.28 0.37
CA GLU K 24 14.33 -28.86 0.19
C GLU K 24 15.33 -28.16 -0.73
N ALA K 25 16.51 -28.73 -0.91
CA ALA K 25 17.49 -28.12 -1.81
C ALA K 25 17.01 -28.36 -3.25
N LEU K 26 16.55 -29.58 -3.50
CA LEU K 26 16.03 -29.99 -4.81
C LEU K 26 14.81 -29.18 -5.26
N GLU K 27 14.05 -28.66 -4.30
CA GLU K 27 12.88 -27.85 -4.58
C GLU K 27 13.34 -26.54 -5.20
N VAL K 28 14.44 -26.00 -4.69
CA VAL K 28 14.97 -24.75 -5.20
C VAL K 28 15.42 -24.89 -6.65
N VAL K 29 16.16 -25.95 -6.96
CA VAL K 29 16.63 -26.16 -8.33
C VAL K 29 15.48 -26.21 -9.33
N LEU K 30 14.35 -26.79 -8.95
CA LEU K 30 13.18 -26.88 -9.84
C LEU K 30 12.56 -25.48 -10.05
N ILE K 31 12.43 -24.72 -8.97
CA ILE K 31 11.86 -23.37 -9.05
C ILE K 31 12.78 -22.41 -9.78
N GLY K 32 14.09 -22.64 -9.65
CA GLY K 32 15.04 -21.77 -10.29
C GLY K 32 15.08 -22.05 -11.78
N ALA K 33 14.81 -23.28 -12.15
CA ALA K 33 14.84 -23.68 -13.55
C ALA K 33 14.11 -22.69 -14.46
N ALA K 34 12.97 -22.18 -14.00
CA ALA K 34 12.18 -21.24 -14.80
C ALA K 34 12.87 -19.91 -15.09
N PHE K 35 13.92 -19.60 -14.34
CA PHE K 35 14.62 -18.34 -14.56
C PHE K 35 15.73 -18.49 -15.60
N ASP K 36 15.80 -19.67 -16.20
CA ASP K 36 16.77 -19.99 -17.23
C ASP K 36 18.16 -19.35 -17.14
N GLN K 37 18.89 -19.71 -16.09
CA GLN K 37 20.24 -19.24 -15.86
C GLN K 37 21.09 -20.47 -16.14
N ASP K 38 22.40 -20.29 -16.30
CA ASP K 38 23.23 -21.46 -16.56
C ASP K 38 23.39 -22.21 -15.24
N VAL K 39 22.53 -23.18 -15.02
CA VAL K 39 22.55 -23.92 -13.77
C VAL K 39 23.26 -25.26 -13.76
N CYS K 40 23.94 -25.54 -12.65
CA CYS K 40 24.62 -26.83 -12.47
C CYS K 40 24.43 -27.28 -11.02
N VAL K 41 24.30 -28.59 -10.83
CA VAL K 41 24.11 -29.17 -9.50
C VAL K 41 25.30 -30.10 -9.29
N LEU K 42 26.02 -29.90 -8.19
CA LEU K 42 27.18 -30.72 -7.89
C LEU K 42 26.96 -31.50 -6.60
N PHE K 43 27.31 -32.78 -6.61
CA PHE K 43 27.17 -33.61 -5.44
C PHE K 43 28.56 -33.93 -4.95
N LEU K 44 28.84 -33.50 -3.73
CA LEU K 44 30.13 -33.69 -3.13
C LEU K 44 29.97 -34.25 -1.72
N ASP K 45 30.96 -35.04 -1.31
CA ASP K 45 31.00 -35.69 -0.01
C ASP K 45 29.75 -36.56 0.15
N ASP K 46 29.03 -36.43 1.25
CA ASP K 46 27.84 -37.25 1.43
C ASP K 46 26.74 -36.89 0.44
N GLY K 47 26.93 -35.78 -0.28
CA GLY K 47 25.95 -35.36 -1.26
C GLY K 47 25.74 -36.42 -2.33
N VAL K 48 26.78 -37.20 -2.62
CA VAL K 48 26.68 -38.24 -3.62
C VAL K 48 25.57 -39.23 -3.24
N TYR K 49 25.40 -39.48 -1.95
CA TYR K 49 24.35 -40.40 -1.47
C TYR K 49 22.95 -39.95 -1.85
N GLN K 50 22.82 -38.69 -2.29
CA GLN K 50 21.52 -38.17 -2.70
C GLN K 50 21.07 -38.78 -4.03
N LEU K 51 22.03 -39.27 -4.81
CA LEU K 51 21.69 -39.87 -6.10
C LEU K 51 21.73 -41.39 -6.09
N THR K 52 21.77 -42.01 -4.90
CA THR K 52 21.79 -43.47 -4.88
C THR K 52 20.49 -43.99 -5.46
N ARG K 53 20.55 -45.21 -5.99
CA ARG K 53 19.41 -45.84 -6.60
C ARG K 53 18.82 -46.97 -5.74
N GLY K 54 17.50 -47.16 -5.87
CA GLY K 54 16.83 -48.22 -5.13
C GLY K 54 16.40 -47.87 -3.73
N GLN K 55 16.15 -46.58 -3.49
CA GLN K 55 15.74 -46.12 -2.17
C GLN K 55 14.34 -46.64 -1.87
N ASP K 56 14.14 -47.11 -0.65
CA ASP K 56 12.85 -47.65 -0.21
C ASP K 56 12.59 -47.09 1.18
N THR K 57 11.83 -46.01 1.23
CA THR K 57 11.54 -45.29 2.45
C THR K 57 10.31 -45.75 3.24
N LYS K 58 9.73 -46.87 2.85
CA LYS K 58 8.54 -47.35 3.53
C LYS K 58 8.79 -47.65 5.01
N GLY K 59 9.92 -48.29 5.30
CA GLY K 59 10.24 -48.62 6.67
C GLY K 59 10.35 -47.43 7.59
N ILE K 60 10.78 -46.28 7.06
CA ILE K 60 10.93 -45.10 7.91
C ILE K 60 9.75 -44.14 7.92
N GLY K 61 8.61 -44.59 7.37
CA GLY K 61 7.41 -43.78 7.36
C GLY K 61 7.47 -42.41 6.70
N MET K 62 8.41 -42.24 5.76
CA MET K 62 8.60 -40.98 5.05
C MET K 62 8.35 -41.14 3.55
N LYS K 63 8.14 -40.02 2.85
CA LYS K 63 7.93 -40.09 1.42
C LYS K 63 9.27 -40.19 0.70
N ASN K 64 9.36 -41.10 -0.27
CA ASN K 64 10.56 -41.26 -1.06
C ASN K 64 10.54 -40.17 -2.12
N PHE K 65 11.46 -39.23 -2.04
CA PHE K 65 11.52 -38.13 -3.00
C PHE K 65 12.65 -38.25 -4.03
N SER K 66 13.27 -39.43 -4.13
CA SER K 66 14.37 -39.58 -5.08
C SER K 66 13.92 -39.58 -6.53
N PRO K 67 12.66 -39.96 -6.80
CA PRO K 67 12.26 -39.94 -8.21
C PRO K 67 12.38 -38.57 -8.86
N THR K 68 12.32 -37.52 -8.05
CA THR K 68 12.44 -36.15 -8.57
C THR K 68 13.80 -35.88 -9.21
N TYR K 69 14.86 -36.49 -8.68
CA TYR K 69 16.19 -36.29 -9.24
C TYR K 69 16.21 -36.76 -10.68
N ARG K 70 15.50 -37.85 -10.96
CA ARG K 70 15.46 -38.37 -12.31
C ARG K 70 14.69 -37.46 -13.27
N THR K 71 13.97 -36.48 -12.73
CA THR K 71 13.20 -35.54 -13.57
C THR K 71 13.87 -34.19 -13.77
N LEU K 72 15.15 -34.08 -13.42
CA LEU K 72 15.85 -32.80 -13.57
C LEU K 72 16.06 -32.39 -15.01
N GLY K 73 16.22 -33.39 -15.88
CA GLY K 73 16.41 -33.10 -17.29
C GLY K 73 15.22 -32.30 -17.82
N ASP K 74 14.01 -32.68 -17.40
CA ASP K 74 12.81 -32.00 -17.85
C ASP K 74 12.75 -30.55 -17.39
N TYR K 75 13.66 -30.17 -16.51
CA TYR K 75 13.70 -28.78 -16.03
C TYR K 75 14.93 -28.09 -16.59
N GLU K 76 15.43 -28.60 -17.70
CA GLU K 76 16.59 -28.04 -18.39
C GLU K 76 17.92 -28.02 -17.64
N VAL K 77 18.07 -28.88 -16.63
CA VAL K 77 19.32 -28.95 -15.87
C VAL K 77 20.24 -29.87 -16.67
N ARG K 78 21.21 -29.28 -17.36
CA ARG K 78 22.14 -30.06 -18.18
C ARG K 78 23.42 -30.41 -17.44
N ARG K 79 23.82 -29.55 -16.51
CA ARG K 79 25.05 -29.76 -15.76
C ARG K 79 24.84 -30.42 -14.39
N ILE K 80 25.15 -31.71 -14.31
CA ILE K 80 25.00 -32.49 -13.08
C ILE K 80 26.33 -33.21 -12.81
N TYR K 81 27.00 -32.82 -11.73
CA TYR K 81 28.30 -33.39 -11.41
C TYR K 81 28.41 -34.20 -10.12
N VAL K 82 29.29 -35.20 -10.15
CA VAL K 82 29.53 -36.07 -9.01
C VAL K 82 31.03 -36.25 -8.80
N ASP K 83 31.49 -35.90 -7.61
CA ASP K 83 32.89 -35.97 -7.21
C ASP K 83 33.33 -37.44 -7.11
N ARG K 84 34.22 -37.87 -7.99
CA ARG K 84 34.65 -39.26 -7.95
C ARG K 84 35.39 -39.62 -6.67
N ASP K 85 36.13 -38.68 -6.10
CA ASP K 85 36.82 -39.01 -4.86
C ASP K 85 35.77 -39.41 -3.83
N SER K 86 34.69 -38.65 -3.73
CA SER K 86 33.61 -38.97 -2.79
C SER K 86 33.04 -40.35 -3.01
N LEU K 87 32.82 -40.74 -4.27
CA LEU K 87 32.27 -42.07 -4.54
C LEU K 87 33.26 -43.10 -4.07
N GLU K 88 34.51 -42.86 -4.41
CA GLU K 88 35.57 -43.78 -4.04
C GLU K 88 35.65 -43.97 -2.53
N ALA K 89 35.70 -42.88 -1.77
CA ALA K 89 35.79 -42.97 -0.31
C ALA K 89 34.59 -43.69 0.31
N ARG K 90 33.50 -43.80 -0.45
CA ARG K 90 32.31 -44.46 0.06
C ARG K 90 32.05 -45.81 -0.61
N GLY K 91 33.07 -46.29 -1.32
CA GLY K 91 33.00 -47.56 -2.02
C GLY K 91 31.91 -47.65 -3.06
N LEU K 92 31.72 -46.56 -3.81
CA LEU K 92 30.68 -46.53 -4.83
C LEU K 92 31.22 -46.27 -6.22
N THR K 93 30.37 -46.58 -7.20
CA THR K 93 30.69 -46.36 -8.61
C THR K 93 29.44 -45.73 -9.21
N GLN K 94 29.58 -45.16 -10.40
CA GLN K 94 28.44 -44.53 -11.04
C GLN K 94 27.25 -45.49 -11.14
N ASP K 95 27.55 -46.78 -11.14
CA ASP K 95 26.53 -47.81 -11.21
C ASP K 95 25.59 -47.78 -10.02
N ASP K 96 26.02 -47.20 -8.90
CA ASP K 96 25.16 -47.14 -7.73
C ASP K 96 24.28 -45.92 -7.86
N LEU K 97 24.57 -45.08 -8.83
CA LEU K 97 23.81 -43.85 -9.02
C LEU K 97 22.62 -44.01 -9.97
N VAL K 98 21.66 -43.10 -9.85
CA VAL K 98 20.50 -43.14 -10.73
C VAL K 98 20.89 -42.38 -11.97
N GLU K 99 20.20 -42.69 -13.06
CA GLU K 99 20.46 -42.02 -14.32
C GLU K 99 19.47 -40.89 -14.51
N ILE K 100 19.93 -39.81 -15.13
CA ILE K 100 19.08 -38.66 -15.38
C ILE K 100 19.10 -38.35 -16.86
N ALA K 101 18.03 -38.69 -17.55
CA ALA K 101 17.97 -38.42 -18.97
C ALA K 101 17.73 -36.94 -19.21
N PHE K 102 18.05 -36.53 -20.43
CA PHE K 102 17.88 -35.16 -20.87
C PHE K 102 17.85 -35.18 -22.38
N GLU K 103 16.95 -34.41 -22.98
CA GLU K 103 16.87 -34.34 -24.43
C GLU K 103 16.73 -32.88 -24.83
N ASP K 104 17.63 -32.41 -25.69
CA ASP K 104 17.57 -31.02 -26.14
C ASP K 104 16.52 -30.95 -27.24
N MET K 105 15.27 -30.79 -26.85
CA MET K 105 14.17 -30.73 -27.81
C MET K 105 14.45 -29.71 -28.92
N GLU K 106 15.34 -28.77 -28.65
CA GLU K 106 15.67 -27.75 -29.64
C GLU K 106 16.54 -28.30 -30.78
N THR K 107 17.21 -29.43 -30.53
CA THR K 107 18.06 -30.02 -31.56
C THR K 107 17.87 -31.52 -31.70
N GLU K 108 16.80 -32.05 -31.12
CA GLU K 108 16.51 -33.48 -31.18
C GLU K 108 17.35 -34.39 -30.28
N GLU K 109 18.59 -34.00 -30.00
CA GLU K 109 19.57 -35.00 -29.45
C GLU K 109 18.97 -35.46 -28.13
N GLU K 110 19.05 -36.76 -27.88
CA GLU K 110 18.52 -37.35 -26.65
C GLU K 110 19.65 -38.07 -25.93
N PHE K 111 19.88 -37.69 -24.67
CA PHE K 111 20.93 -38.28 -23.86
C PHE K 111 20.33 -39.21 -22.79
N ASP K 112 20.82 -40.43 -22.73
CA ASP K 112 20.31 -41.37 -21.74
C ASP K 112 20.68 -41.01 -20.31
N ASN K 113 21.84 -40.38 -20.12
CA ASN K 113 22.26 -40.03 -18.77
C ASN K 113 23.31 -38.92 -18.73
N ILE K 114 22.94 -37.75 -18.21
CA ILE K 114 23.88 -36.64 -18.15
C ILE K 114 24.58 -36.46 -16.81
N VAL K 115 24.50 -37.48 -15.96
CA VAL K 115 25.18 -37.43 -14.68
C VAL K 115 26.64 -37.67 -15.01
N GLU K 116 27.50 -36.69 -14.72
CA GLU K 116 28.91 -36.79 -15.02
C GLU K 116 29.79 -36.89 -13.77
N VAL K 117 30.53 -37.98 -13.66
CA VAL K 117 31.44 -38.19 -12.53
C VAL K 117 32.72 -37.41 -12.85
N ILE K 118 33.10 -36.47 -11.98
CA ILE K 118 34.30 -35.66 -12.25
C ILE K 118 35.41 -35.73 -11.19
N ASP K 119 36.64 -35.40 -11.60
CA ASP K 119 37.80 -35.42 -10.70
C ASP K 119 37.97 -34.10 -9.95
N SER K 120 38.65 -34.16 -8.80
CA SER K 120 38.84 -32.97 -7.96
C SER K 120 39.19 -31.69 -8.70
N ALA K 121 40.21 -31.73 -9.55
CA ALA K 121 40.60 -30.53 -10.28
C ALA K 121 39.41 -29.90 -11.00
N ARG K 122 38.66 -30.72 -11.71
CA ARG K 122 37.48 -30.28 -12.46
C ARG K 122 36.43 -29.62 -11.53
N VAL K 123 36.26 -30.19 -10.34
CA VAL K 123 35.34 -29.68 -9.33
C VAL K 123 35.78 -28.23 -9.04
N SER K 124 37.05 -28.09 -8.65
CA SER K 124 37.63 -26.80 -8.35
C SER K 124 37.40 -25.81 -9.47
N GLU K 125 37.52 -26.29 -10.70
CA GLU K 125 37.34 -25.45 -11.88
C GLU K 125 35.90 -24.97 -11.95
N LEU K 126 34.95 -25.85 -11.67
CA LEU K 126 33.54 -25.49 -11.73
C LEU K 126 33.14 -24.46 -10.66
N MET K 127 33.65 -24.58 -9.45
CA MET K 127 33.32 -23.60 -8.42
C MET K 127 33.78 -22.22 -8.94
N ASN K 128 35.03 -22.15 -9.39
CA ASN K 128 35.59 -20.90 -9.88
C ASN K 128 34.81 -20.23 -11.01
N GLU K 129 33.98 -21.00 -11.69
CA GLU K 129 33.17 -20.50 -12.82
C GLU K 129 31.80 -19.96 -12.40
N SER K 130 31.27 -20.47 -11.29
CA SER K 130 29.95 -20.05 -10.80
C SER K 130 29.93 -18.61 -10.28
N ASP K 131 28.83 -17.90 -10.55
CA ASP K 131 28.64 -16.52 -10.12
C ASP K 131 27.95 -16.43 -8.77
N ALA K 132 27.36 -17.55 -8.35
CA ALA K 132 26.66 -17.64 -7.08
C ALA K 132 26.63 -19.12 -6.73
N VAL K 133 26.64 -19.44 -5.44
CA VAL K 133 26.57 -20.82 -5.02
C VAL K 133 25.60 -20.96 -3.86
N PHE K 134 24.62 -21.84 -4.02
CA PHE K 134 23.60 -22.10 -3.01
C PHE K 134 24.10 -23.25 -2.14
N SER K 135 24.10 -23.04 -0.82
CA SER K 135 24.54 -24.06 0.12
C SER K 135 23.38 -24.52 1.00
N PHE K 136 23.47 -25.78 1.44
CA PHE K 136 22.45 -26.37 2.29
C PHE K 136 23.11 -27.41 3.18
N SER L 2 39.15 -14.55 -6.39
CA SER L 2 37.99 -15.07 -7.09
C SER L 2 36.93 -15.61 -6.13
N ILE L 3 37.26 -16.64 -5.35
CA ILE L 3 36.27 -17.21 -4.42
C ILE L 3 36.59 -17.02 -2.94
N LEU L 4 35.58 -16.60 -2.17
CA LEU L 4 35.72 -16.43 -0.71
C LEU L 4 34.97 -17.59 -0.05
N HIS L 5 35.71 -18.60 0.38
CA HIS L 5 35.11 -19.76 1.03
C HIS L 5 34.88 -19.41 2.49
N THR L 6 33.76 -19.87 3.03
CA THR L 6 33.48 -19.60 4.42
C THR L 6 33.31 -20.94 5.12
N VAL L 7 33.99 -21.11 6.24
CA VAL L 7 33.89 -22.33 7.01
C VAL L 7 33.38 -21.90 8.38
N ASN L 8 32.22 -22.42 8.77
CA ASN L 8 31.61 -22.08 10.06
C ASN L 8 31.54 -23.25 11.04
N LYS L 9 32.18 -24.36 10.68
CA LYS L 9 32.15 -25.52 11.56
C LYS L 9 33.54 -25.98 12.02
N SER L 10 33.58 -26.56 13.21
CA SER L 10 34.80 -27.04 13.84
C SER L 10 35.51 -28.14 13.04
N PRO L 11 36.84 -28.00 12.84
CA PRO L 11 37.55 -29.03 12.09
C PRO L 11 37.59 -30.35 12.84
N PHE L 12 37.32 -30.30 14.14
CA PHE L 12 37.35 -31.51 14.95
C PHE L 12 35.99 -32.20 15.00
N GLU L 13 34.97 -31.51 14.52
CA GLU L 13 33.63 -32.08 14.51
C GLU L 13 33.14 -32.37 13.09
N ARG L 14 33.46 -31.46 12.16
CA ARG L 14 33.05 -31.60 10.78
C ARG L 14 34.21 -31.70 9.79
N ASN L 15 33.89 -32.24 8.61
CA ASN L 15 34.87 -32.42 7.55
C ASN L 15 34.86 -31.22 6.63
N SER L 16 34.07 -30.20 6.94
CA SER L 16 33.99 -29.05 6.06
C SER L 16 35.30 -28.35 5.80
N LEU L 17 36.10 -28.12 6.85
CA LEU L 17 37.39 -27.44 6.67
C LEU L 17 38.29 -28.24 5.73
N GLU L 18 38.28 -29.57 5.85
CA GLU L 18 39.08 -30.43 4.99
C GLU L 18 38.64 -30.33 3.56
N SER L 19 37.33 -30.40 3.34
CA SER L 19 36.83 -30.33 1.99
C SER L 19 37.17 -28.97 1.39
N CYS L 20 37.02 -27.89 2.16
CA CYS L 20 37.33 -26.57 1.62
C CYS L 20 38.78 -26.43 1.20
N LEU L 21 39.69 -26.87 2.07
CA LEU L 21 41.13 -26.75 1.80
C LEU L 21 41.57 -27.63 0.63
N LYS L 22 40.76 -28.62 0.30
CA LYS L 22 41.06 -29.52 -0.81
C LYS L 22 40.60 -28.98 -2.17
N PHE L 23 39.59 -28.12 -2.18
CA PHE L 23 39.09 -27.59 -3.45
C PHE L 23 39.34 -26.09 -3.64
N ALA L 24 39.78 -25.39 -2.60
CA ALA L 24 40.07 -23.96 -2.71
C ALA L 24 41.33 -23.83 -3.55
N THR L 25 41.33 -22.91 -4.52
CA THR L 25 42.51 -22.78 -5.40
C THR L 25 43.38 -21.54 -5.25
N GLU L 26 44.55 -21.56 -5.90
CA GLU L 26 45.50 -20.45 -5.87
C GLU L 26 44.80 -19.09 -5.95
N GLY L 27 45.15 -18.20 -5.03
CA GLY L 27 44.58 -16.86 -5.01
C GLY L 27 43.27 -16.71 -4.25
N ALA L 28 42.71 -17.82 -3.77
CA ALA L 28 41.45 -17.81 -3.05
C ALA L 28 41.58 -17.44 -1.56
N SER L 29 40.49 -16.91 -1.00
CA SER L 29 40.45 -16.52 0.39
C SER L 29 39.49 -17.41 1.18
N VAL L 30 39.90 -17.77 2.39
CA VAL L 30 39.10 -18.63 3.24
C VAL L 30 38.81 -17.94 4.58
N LEU L 31 37.54 -17.81 4.96
CA LEU L 31 37.19 -17.16 6.22
C LEU L 31 36.64 -18.14 7.24
N LEU L 32 37.24 -18.14 8.41
CA LEU L 32 36.78 -19.01 9.46
C LEU L 32 35.94 -18.14 10.38
N PHE L 33 34.69 -18.54 10.61
CA PHE L 33 33.85 -17.79 11.53
C PHE L 33 33.00 -18.77 12.29
N GLU L 34 32.21 -18.27 13.24
CA GLU L 34 31.39 -19.16 14.07
C GLU L 34 32.29 -20.24 14.65
N ASP L 35 31.81 -21.47 14.69
CA ASP L 35 32.63 -22.54 15.23
C ASP L 35 33.82 -22.90 14.33
N GLY L 36 33.92 -22.22 13.20
CA GLY L 36 35.03 -22.49 12.29
C GLY L 36 36.31 -21.87 12.84
N ILE L 37 36.13 -21.00 13.83
CA ILE L 37 37.23 -20.28 14.50
C ILE L 37 38.33 -21.14 15.08
N TYR L 38 37.96 -22.25 15.72
CA TYR L 38 38.94 -23.10 16.34
C TYR L 38 40.06 -23.62 15.44
N ALA L 39 39.88 -23.54 14.12
CA ALA L 39 40.89 -24.04 13.20
C ALA L 39 42.07 -23.09 13.05
N ALA L 40 41.82 -21.82 13.37
CA ALA L 40 42.84 -20.79 13.25
C ALA L 40 43.74 -20.68 14.49
N LEU L 41 43.48 -21.53 15.49
CA LEU L 41 44.25 -21.53 16.74
C LEU L 41 45.57 -22.28 16.65
N ALA L 42 46.64 -21.63 17.05
CA ALA L 42 47.96 -22.26 17.02
C ALA L 42 48.06 -23.42 18.02
N GLY L 43 48.67 -24.53 17.59
CA GLY L 43 48.84 -25.65 18.50
C GLY L 43 47.86 -26.81 18.37
N THR L 44 46.85 -26.65 17.50
CA THR L 44 45.84 -27.69 17.30
C THR L 44 46.31 -28.80 16.38
N ARG L 45 45.68 -29.96 16.51
CA ARG L 45 45.97 -31.13 15.71
C ARG L 45 46.01 -30.83 14.20
N VAL L 46 45.34 -29.76 13.77
CA VAL L 46 45.32 -29.40 12.36
C VAL L 46 46.18 -28.20 11.99
N GLU L 47 46.94 -27.67 12.95
CA GLU L 47 47.80 -26.52 12.71
C GLU L 47 48.63 -26.69 11.44
N SER L 48 49.25 -27.86 11.30
CA SER L 48 50.09 -28.17 10.15
C SER L 48 49.38 -27.97 8.79
N GLN L 49 48.22 -28.60 8.61
CA GLN L 49 47.51 -28.47 7.34
C GLN L 49 46.92 -27.08 7.11
N VAL L 50 46.57 -26.39 8.19
CA VAL L 50 46.04 -25.04 8.06
C VAL L 50 47.18 -24.14 7.60
N THR L 51 48.32 -24.28 8.29
CA THR L 51 49.52 -23.50 8.01
C THR L 51 49.98 -23.74 6.58
N GLU L 52 49.88 -25.01 6.16
CA GLU L 52 50.26 -25.45 4.83
C GLU L 52 49.46 -24.67 3.77
N ALA L 53 48.20 -24.38 4.09
CA ALA L 53 47.33 -23.65 3.17
C ALA L 53 47.70 -22.19 3.03
N LEU L 54 48.49 -21.69 3.98
CA LEU L 54 48.91 -20.30 3.91
C LEU L 54 49.65 -20.11 2.59
N GLY L 55 50.20 -21.20 2.07
CA GLY L 55 50.90 -21.15 0.81
C GLY L 55 50.13 -20.40 -0.26
N LYS L 56 49.20 -21.10 -0.91
CA LYS L 56 48.40 -20.50 -1.98
C LYS L 56 47.08 -19.85 -1.58
N LEU L 57 46.76 -19.85 -0.28
CA LEU L 57 45.50 -19.25 0.15
C LEU L 57 45.63 -18.07 1.13
N LYS L 58 44.60 -17.24 1.15
CA LYS L 58 44.54 -16.08 2.04
C LYS L 58 43.57 -16.45 3.15
N LEU L 59 44.09 -16.77 4.33
CA LEU L 59 43.24 -17.15 5.44
C LEU L 59 42.86 -16.00 6.39
N TYR L 60 41.60 -16.01 6.81
CA TYR L 60 41.10 -15.02 7.73
C TYR L 60 40.26 -15.74 8.77
N VAL L 61 40.06 -15.07 9.89
CA VAL L 61 39.27 -15.60 10.99
C VAL L 61 38.52 -14.42 11.59
N LEU L 62 37.24 -14.61 11.89
CA LEU L 62 36.41 -13.54 12.42
C LEU L 62 36.66 -13.26 13.91
N GLY L 63 37.22 -12.08 14.18
CA GLY L 63 37.55 -11.69 15.54
C GLY L 63 36.47 -11.90 16.57
N PRO L 64 35.28 -11.32 16.37
CA PRO L 64 34.14 -11.43 17.28
C PRO L 64 33.89 -12.84 17.82
N ASP L 65 34.08 -13.84 16.95
CA ASP L 65 33.88 -15.23 17.31
C ASP L 65 35.08 -15.82 18.05
N LEU L 66 36.27 -15.30 17.77
CA LEU L 66 37.47 -15.77 18.46
C LEU L 66 37.36 -15.41 19.95
N LYS L 67 37.10 -14.13 20.21
CA LYS L 67 36.98 -13.61 21.56
C LYS L 67 35.85 -14.31 22.30
N ALA L 68 34.71 -14.40 21.62
CA ALA L 68 33.51 -15.03 22.16
C ALA L 68 33.84 -16.40 22.71
N ARG L 69 34.79 -17.08 22.09
CA ARG L 69 35.16 -18.41 22.51
C ARG L 69 36.39 -18.47 23.42
N GLY L 70 36.91 -17.29 23.80
CA GLY L 70 38.02 -17.22 24.72
C GLY L 70 39.43 -17.16 24.17
N PHE L 71 39.61 -16.52 23.02
CA PHE L 71 40.94 -16.45 22.44
C PHE L 71 41.26 -15.10 21.82
N SER L 72 42.42 -14.59 22.17
CA SER L 72 42.88 -13.31 21.66
C SER L 72 43.59 -13.54 20.33
N ASP L 73 43.82 -12.45 19.61
CA ASP L 73 44.48 -12.53 18.33
C ASP L 73 45.85 -13.20 18.43
N GLU L 74 46.43 -13.19 19.63
CA GLU L 74 47.75 -13.77 19.85
C GLU L 74 47.73 -15.29 19.70
N ARG L 75 46.64 -15.92 20.12
CA ARG L 75 46.49 -17.36 20.04
C ARG L 75 46.35 -17.86 18.61
N VAL L 76 46.23 -16.92 17.68
CA VAL L 76 46.06 -17.23 16.27
C VAL L 76 47.34 -17.58 15.53
N ILE L 77 47.24 -18.58 14.66
CA ILE L 77 48.35 -19.03 13.85
C ILE L 77 48.84 -17.87 12.98
N PRO L 78 50.12 -17.51 13.12
CA PRO L 78 50.71 -16.42 12.35
C PRO L 78 50.42 -16.58 10.85
N GLY L 79 49.92 -15.51 10.24
CA GLY L 79 49.61 -15.55 8.83
C GLY L 79 48.12 -15.41 8.61
N ILE L 80 47.33 -15.92 9.54
CA ILE L 80 45.89 -15.81 9.40
C ILE L 80 45.44 -14.43 9.87
N SER L 81 44.82 -13.66 8.98
CA SER L 81 44.35 -12.32 9.30
C SER L 81 43.09 -12.31 10.16
N VAL L 82 43.04 -11.46 11.17
CA VAL L 82 41.85 -11.38 12.01
C VAL L 82 40.99 -10.21 11.54
N VAL L 83 39.69 -10.42 11.38
CA VAL L 83 38.77 -9.36 10.90
C VAL L 83 37.43 -9.33 11.64
N ASP L 84 36.77 -8.17 11.62
CA ASP L 84 35.46 -8.04 12.26
C ASP L 84 34.36 -8.22 11.22
N TYR L 85 33.12 -7.88 11.57
CA TYR L 85 32.01 -8.01 10.63
C TYR L 85 32.19 -7.07 9.45
N ALA L 86 32.68 -5.86 9.72
CA ALA L 86 32.90 -4.91 8.65
C ALA L 86 33.97 -5.48 7.71
N GLY L 87 34.93 -6.21 8.27
CA GLY L 87 35.98 -6.81 7.46
C GLY L 87 35.44 -7.99 6.68
N PHE L 88 34.46 -8.68 7.27
CA PHE L 88 33.79 -9.83 6.69
C PHE L 88 33.13 -9.29 5.43
N VAL L 89 32.40 -8.20 5.60
CA VAL L 89 31.71 -7.58 4.49
C VAL L 89 32.67 -7.24 3.37
N ASP L 90 33.84 -6.67 3.71
CA ASP L 90 34.81 -6.29 2.68
C ASP L 90 35.33 -7.47 1.89
N LEU L 91 35.60 -8.58 2.58
CA LEU L 91 36.10 -9.78 1.92
C LEU L 91 35.11 -10.25 0.86
N THR L 92 33.81 -10.19 1.19
CA THR L 92 32.78 -10.63 0.26
C THR L 92 32.62 -9.75 -0.97
N THR L 93 33.11 -8.51 -0.92
CA THR L 93 33.02 -7.64 -2.08
C THR L 93 34.33 -7.63 -2.85
N GLU L 94 35.42 -7.98 -2.18
CA GLU L 94 36.72 -8.01 -2.84
C GLU L 94 36.77 -9.25 -3.72
N CYS L 95 36.25 -10.36 -3.21
CA CYS L 95 36.23 -11.58 -3.99
C CYS L 95 35.07 -11.49 -4.96
N ASP L 96 35.00 -12.39 -5.91
CA ASP L 96 33.92 -12.36 -6.91
C ASP L 96 32.71 -13.17 -6.52
N THR L 97 32.91 -14.14 -5.65
CA THR L 97 31.82 -15.02 -5.23
C THR L 97 32.03 -15.53 -3.81
N VAL L 98 30.92 -15.76 -3.10
CA VAL L 98 30.99 -16.29 -1.74
C VAL L 98 30.47 -17.72 -1.77
N GLN L 99 31.27 -18.64 -1.25
CA GLN L 99 30.89 -20.05 -1.22
C GLN L 99 30.90 -20.58 0.20
N ALA L 100 29.75 -21.03 0.68
CA ALA L 100 29.64 -21.54 2.04
C ALA L 100 29.84 -23.05 2.19
N TRP L 101 30.70 -23.42 3.13
CA TRP L 101 30.93 -24.83 3.43
C TRP L 101 30.28 -25.02 4.78
N LEU L 102 29.08 -25.60 4.73
CA LEU L 102 28.24 -25.82 5.90
C LEU L 102 28.45 -27.18 6.56
N MET M 1 -49.93 -2.49 30.21
CA MET M 1 -50.54 -3.43 29.22
C MET M 1 -49.82 -4.79 29.12
N LYS M 2 -50.58 -5.85 28.82
CA LYS M 2 -50.01 -7.18 28.69
C LYS M 2 -49.62 -7.51 27.25
N PHE M 3 -48.34 -7.81 27.04
CA PHE M 3 -47.84 -8.12 25.71
C PHE M 3 -47.59 -9.58 25.38
N ALA M 4 -47.76 -9.90 24.11
CA ALA M 4 -47.51 -11.23 23.58
C ALA M 4 -46.61 -11.04 22.36
N LEU M 5 -45.37 -11.49 22.46
CA LEU M 5 -44.41 -11.37 21.37
C LEU M 5 -44.28 -12.68 20.61
N GLN M 6 -44.32 -12.60 19.29
CA GLN M 6 -44.17 -13.78 18.43
C GLN M 6 -42.93 -13.55 17.57
N ILE M 7 -41.98 -14.46 17.63
CA ILE M 7 -40.75 -14.34 16.84
C ILE M 7 -40.60 -15.54 15.89
N ASN M 8 -40.68 -15.25 14.59
CA ASN M 8 -40.62 -16.30 13.59
C ASN M 8 -39.29 -16.60 12.89
N GLU M 9 -38.19 -15.96 13.31
CA GLU M 9 -36.91 -16.22 12.66
C GLU M 9 -35.76 -16.49 13.63
N GLY M 10 -34.74 -17.17 13.12
CA GLY M 10 -33.58 -17.51 13.92
C GLY M 10 -32.66 -16.33 14.15
N PRO M 11 -31.72 -16.46 15.10
CA PRO M 11 -30.76 -15.42 15.45
C PRO M 11 -29.78 -15.07 14.33
N TYR M 12 -29.44 -13.79 14.26
CA TYR M 12 -28.49 -13.26 13.28
C TYR M 12 -29.02 -13.25 11.85
N GLN M 13 -29.46 -14.39 11.34
CA GLN M 13 -29.96 -14.46 9.97
C GLN M 13 -30.98 -13.34 9.64
N HIS M 14 -31.90 -13.06 10.56
CA HIS M 14 -32.90 -12.02 10.37
C HIS M 14 -32.99 -11.11 11.61
N GLN M 15 -33.15 -9.81 11.39
CA GLN M 15 -33.22 -8.87 12.49
C GLN M 15 -34.39 -9.11 13.43
N ALA M 16 -35.44 -9.80 12.98
CA ALA M 16 -36.61 -10.03 13.84
C ALA M 16 -36.26 -10.23 15.32
N SER M 17 -35.49 -11.29 15.62
CA SER M 17 -35.13 -11.59 17.00
C SER M 17 -34.55 -10.36 17.74
N ASP M 18 -33.64 -9.64 17.09
CA ASP M 18 -33.05 -8.45 17.69
C ASP M 18 -34.06 -7.35 17.95
N SER M 19 -34.99 -7.19 17.02
CA SER M 19 -36.04 -6.18 17.13
C SER M 19 -36.97 -6.53 18.29
N ALA M 20 -37.42 -7.77 18.32
CA ALA M 20 -38.31 -8.24 19.38
C ALA M 20 -37.69 -8.11 20.75
N TYR M 21 -36.37 -8.28 20.83
CA TYR M 21 -35.68 -8.15 22.10
C TYR M 21 -35.70 -6.69 22.54
N GLN M 22 -35.27 -5.80 21.65
CA GLN M 22 -35.25 -4.37 21.96
C GLN M 22 -36.65 -3.91 22.33
N PHE M 23 -37.65 -4.42 21.62
CA PHE M 23 -39.02 -4.04 21.92
C PHE M 23 -39.32 -4.46 23.34
N ALA M 24 -39.09 -5.73 23.63
CA ALA M 24 -39.34 -6.29 24.96
C ALA M 24 -38.66 -5.50 26.06
N LYS M 25 -37.38 -5.15 25.85
CA LYS M 25 -36.65 -4.41 26.88
C LYS M 25 -37.23 -3.02 27.13
N ALA M 26 -37.56 -2.29 26.06
CA ALA M 26 -38.14 -0.96 26.21
C ALA M 26 -39.48 -1.01 26.94
N ALA M 27 -40.27 -2.06 26.66
CA ALA M 27 -41.57 -2.23 27.29
C ALA M 27 -41.45 -2.64 28.75
N LEU M 28 -40.60 -3.62 29.03
CA LEU M 28 -40.42 -4.05 30.42
C LEU M 28 -40.00 -2.85 31.25
N GLU M 29 -39.09 -2.06 30.72
CA GLU M 29 -38.58 -0.88 31.40
C GLU M 29 -39.62 0.22 31.57
N LYS M 30 -40.71 0.14 30.81
CA LYS M 30 -41.78 1.14 30.89
C LYS M 30 -42.82 0.76 31.93
N GLY M 31 -42.74 -0.46 32.43
CA GLY M 31 -43.69 -0.90 33.43
C GLY M 31 -44.70 -1.88 32.87
N HIS M 32 -44.63 -2.10 31.56
CA HIS M 32 -45.55 -3.02 30.91
C HIS M 32 -45.16 -4.46 31.21
N GLU M 33 -46.09 -5.36 30.97
CA GLU M 33 -45.87 -6.76 31.22
C GLU M 33 -45.83 -7.56 29.92
N ILE M 34 -44.87 -8.47 29.82
CA ILE M 34 -44.77 -9.32 28.64
C ILE M 34 -45.23 -10.69 29.12
N PHE M 35 -46.48 -11.01 28.79
CA PHE M 35 -47.11 -12.28 29.18
C PHE M 35 -46.35 -13.50 28.68
N ARG M 36 -45.94 -13.45 27.42
CA ARG M 36 -45.21 -14.56 26.86
C ARG M 36 -44.47 -14.22 25.58
N VAL M 37 -43.27 -14.76 25.47
CA VAL M 37 -42.43 -14.61 24.30
C VAL M 37 -42.49 -16.00 23.68
N PHE M 38 -43.14 -16.12 22.51
CA PHE M 38 -43.26 -17.40 21.86
C PHE M 38 -42.40 -17.46 20.59
N PHE M 39 -41.72 -18.59 20.40
CA PHE M 39 -40.83 -18.79 19.25
C PHE M 39 -41.35 -19.86 18.29
N TYR M 40 -41.66 -19.44 17.07
CA TYR M 40 -42.19 -20.34 16.07
C TYR M 40 -41.30 -20.32 14.82
N HIS M 41 -41.43 -21.33 13.95
CA HIS M 41 -40.62 -21.42 12.73
C HIS M 41 -39.14 -21.42 13.15
N ASP M 42 -38.26 -20.84 12.33
CA ASP M 42 -36.84 -20.80 12.68
C ASP M 42 -36.66 -20.07 14.01
N GLY M 43 -37.70 -19.40 14.48
CA GLY M 43 -37.60 -18.70 15.75
C GLY M 43 -37.09 -19.60 16.88
N VAL M 44 -37.57 -20.83 16.92
CA VAL M 44 -37.16 -21.78 17.95
C VAL M 44 -35.63 -21.87 18.10
N ASN M 45 -34.90 -21.43 17.08
CA ASN M 45 -33.44 -21.50 17.13
C ASN M 45 -32.77 -20.48 18.02
N ASN M 46 -33.55 -19.61 18.64
CA ASN M 46 -33.02 -18.62 19.55
C ASN M 46 -32.80 -19.25 20.93
N SER M 47 -33.26 -20.50 21.08
CA SER M 47 -33.16 -21.20 22.36
C SER M 47 -32.01 -22.19 22.53
N THR M 48 -31.14 -22.31 21.53
CA THR M 48 -30.05 -23.25 21.69
C THR M 48 -28.96 -22.69 22.58
N ARG M 49 -28.39 -23.55 23.42
CA ARG M 49 -27.32 -23.12 24.31
C ARG M 49 -25.95 -23.39 23.70
N LEU M 50 -25.93 -23.89 22.47
CA LEU M 50 -24.66 -24.22 21.80
C LEU M 50 -23.98 -23.13 20.97
N THR M 51 -24.45 -21.90 21.04
CA THR M 51 -23.84 -20.84 20.26
C THR M 51 -22.58 -20.26 20.94
N THR M 52 -21.65 -19.78 20.12
CA THR M 52 -20.41 -19.18 20.59
C THR M 52 -20.16 -18.02 19.62
N PRO M 53 -21.02 -16.98 19.70
CA PRO M 53 -21.00 -15.76 18.88
C PRO M 53 -19.78 -14.86 19.09
N PRO M 54 -19.36 -14.14 18.04
CA PRO M 54 -18.19 -13.25 18.16
C PRO M 54 -18.31 -12.40 19.43
N GLN M 55 -17.22 -12.31 20.18
CA GLN M 55 -17.22 -11.57 21.43
C GLN M 55 -17.38 -10.07 21.32
N ASP M 56 -17.11 -9.52 20.14
CA ASP M 56 -17.23 -8.08 19.95
C ASP M 56 -18.63 -7.68 19.51
N ASP M 57 -19.55 -8.65 19.47
CA ASP M 57 -20.92 -8.38 19.07
C ASP M 57 -21.87 -9.00 20.10
N ARG M 58 -23.15 -8.64 20.03
CA ARG M 58 -24.11 -9.16 20.99
C ARG M 58 -24.31 -10.67 20.89
N HIS M 59 -24.66 -11.27 22.03
CA HIS M 59 -24.90 -12.69 22.15
C HIS M 59 -26.41 -12.83 22.27
N ILE M 60 -27.09 -13.02 21.14
CA ILE M 60 -28.54 -13.12 21.13
C ILE M 60 -29.23 -14.07 22.12
N VAL M 61 -28.71 -15.28 22.28
CA VAL M 61 -29.32 -16.23 23.19
C VAL M 61 -29.17 -15.83 24.64
N ASN M 62 -27.94 -15.51 25.03
CA ASN M 62 -27.68 -15.13 26.41
C ASN M 62 -28.49 -13.88 26.79
N ARG M 63 -28.53 -12.91 25.88
CA ARG M 63 -29.30 -11.68 26.11
C ARG M 63 -30.75 -12.03 26.49
N TRP M 64 -31.39 -12.82 25.64
CA TRP M 64 -32.76 -13.22 25.90
C TRP M 64 -32.90 -13.90 27.25
N ALA M 65 -31.91 -14.71 27.60
CA ALA M 65 -31.92 -15.42 28.87
C ALA M 65 -31.81 -14.40 30.01
N GLU M 66 -30.87 -13.48 29.89
CA GLU M 66 -30.68 -12.47 30.91
C GLU M 66 -31.98 -11.71 31.15
N LEU M 67 -32.57 -11.17 30.09
CA LEU M 67 -33.82 -10.44 30.21
C LEU M 67 -34.88 -11.34 30.85
N ALA M 68 -34.93 -12.59 30.41
CA ALA M 68 -35.88 -13.55 30.92
C ALA M 68 -35.70 -13.65 32.43
N GLU M 69 -34.44 -13.81 32.82
CA GLU M 69 -34.05 -13.91 34.21
C GLU M 69 -34.53 -12.67 34.97
N GLN M 70 -34.09 -11.49 34.54
CA GLN M 70 -34.45 -10.23 35.19
C GLN M 70 -35.95 -10.00 35.36
N TYR M 71 -36.74 -10.26 34.33
CA TYR M 71 -38.17 -10.03 34.43
C TYR M 71 -39.05 -11.27 34.43
N GLU M 72 -38.46 -12.39 34.86
CA GLU M 72 -39.17 -13.66 34.93
C GLU M 72 -40.10 -13.89 33.75
N LEU M 73 -39.57 -13.73 32.55
CA LEU M 73 -40.36 -13.92 31.35
C LEU M 73 -40.63 -15.38 31.08
N ASP M 74 -41.73 -15.64 30.37
CA ASP M 74 -42.09 -17.00 30.00
C ASP M 74 -41.73 -17.14 28.53
N MET M 75 -40.57 -17.75 28.26
CA MET M 75 -40.15 -17.92 26.89
C MET M 75 -40.49 -19.36 26.44
N VAL M 76 -41.35 -19.45 25.43
CA VAL M 76 -41.83 -20.72 24.90
C VAL M 76 -41.37 -21.03 23.48
N VAL M 77 -41.06 -22.30 23.24
CA VAL M 77 -40.59 -22.82 21.97
C VAL M 77 -41.53 -23.91 21.47
N CYS M 78 -42.20 -23.68 20.34
CA CYS M 78 -43.13 -24.66 19.77
C CYS M 78 -42.48 -26.01 19.53
N VAL M 79 -42.97 -27.05 20.21
CA VAL M 79 -42.42 -28.40 20.07
C VAL M 79 -42.37 -28.96 18.67
N ALA M 80 -43.34 -28.61 17.84
CA ALA M 80 -43.34 -29.12 16.47
C ALA M 80 -42.25 -28.43 15.65
N ALA M 81 -42.11 -27.13 15.83
CA ALA M 81 -41.11 -26.37 15.10
C ALA M 81 -39.72 -26.80 15.53
N ALA M 82 -39.59 -27.13 16.82
CA ALA M 82 -38.33 -27.56 17.39
C ALA M 82 -37.85 -28.92 16.91
N GLN M 83 -38.78 -29.86 16.75
CA GLN M 83 -38.45 -31.21 16.29
C GLN M 83 -37.96 -31.19 14.84
N ARG M 84 -38.55 -30.32 14.05
CA ARG M 84 -38.19 -30.20 12.64
C ARG M 84 -36.80 -29.57 12.45
N ARG M 85 -36.43 -28.69 13.37
CA ARG M 85 -35.16 -27.97 13.28
C ARG M 85 -34.08 -28.43 14.24
N GLY M 86 -34.39 -29.34 15.15
CA GLY M 86 -33.38 -29.84 16.07
C GLY M 86 -33.15 -29.16 17.41
N ILE M 87 -34.21 -28.65 18.03
CA ILE M 87 -34.07 -28.04 19.33
C ILE M 87 -34.55 -29.18 20.25
N VAL M 88 -33.75 -29.51 21.26
CA VAL M 88 -34.05 -30.64 22.13
C VAL M 88 -33.77 -30.42 23.62
N ASP M 89 -34.73 -30.83 24.44
CA ASP M 89 -34.59 -30.74 25.90
C ASP M 89 -34.68 -32.16 26.45
N GLU M 90 -34.58 -32.28 27.77
CA GLU M 90 -34.65 -33.56 28.46
C GLU M 90 -35.81 -34.42 27.92
N GLY M 91 -37.00 -33.84 27.96
CA GLY M 91 -38.18 -34.53 27.48
C GLY M 91 -38.07 -35.02 26.07
N GLU M 92 -37.75 -34.12 25.15
CA GLU M 92 -37.64 -34.52 23.76
C GLU M 92 -36.56 -35.59 23.54
N ALA M 93 -35.37 -35.42 24.12
CA ALA M 93 -34.30 -36.42 23.97
C ALA M 93 -34.78 -37.81 24.38
N SER M 94 -35.51 -37.85 25.49
CA SER M 94 -36.05 -39.08 26.04
C SER M 94 -37.10 -39.72 25.15
N ARG M 95 -38.01 -38.89 24.64
CA ARG M 95 -39.10 -39.36 23.79
C ARG M 95 -38.67 -39.75 22.39
N ASN M 96 -37.76 -38.97 21.84
CA ASN M 96 -37.24 -39.16 20.50
C ASN M 96 -35.99 -40.03 20.46
N GLY M 97 -35.44 -40.35 21.63
CA GLY M 97 -34.24 -41.17 21.65
C GLY M 97 -33.06 -40.46 21.01
N LYS M 98 -32.73 -39.29 21.53
CA LYS M 98 -31.61 -38.48 21.04
C LYS M 98 -30.44 -38.64 22.03
N ASP M 99 -29.22 -38.53 21.54
CA ASP M 99 -28.05 -38.71 22.38
C ASP M 99 -27.52 -37.43 23.03
N ALA M 100 -28.28 -36.35 22.92
CA ALA M 100 -27.86 -35.08 23.51
C ALA M 100 -28.98 -34.05 23.44
N THR M 101 -28.83 -32.99 24.21
CA THR M 101 -29.81 -31.90 24.23
C THR M 101 -29.05 -30.64 23.94
N ASN M 102 -29.76 -29.59 23.53
CA ASN M 102 -29.11 -28.33 23.24
C ASN M 102 -29.88 -27.10 23.70
N ILE M 103 -31.11 -27.27 24.15
CA ILE M 103 -31.89 -26.13 24.58
C ILE M 103 -31.28 -25.43 25.80
N HIS M 104 -31.45 -24.11 25.84
CA HIS M 104 -30.97 -23.32 26.95
C HIS M 104 -32.04 -23.50 28.05
N PRO M 105 -31.62 -23.67 29.31
CA PRO M 105 -32.54 -23.87 30.43
C PRO M 105 -33.57 -22.77 30.68
N LYS M 106 -33.31 -21.57 30.18
CA LYS M 106 -34.25 -20.49 30.41
C LYS M 106 -35.43 -20.48 29.45
N PHE M 107 -35.42 -21.40 28.48
CA PHE M 107 -36.50 -21.52 27.50
C PHE M 107 -37.19 -22.85 27.75
N ARG M 108 -38.49 -22.93 27.46
CA ARG M 108 -39.21 -24.17 27.64
C ARG M 108 -39.96 -24.54 26.39
N ILE M 109 -39.99 -25.83 26.11
CA ILE M 109 -40.68 -26.33 24.95
C ILE M 109 -42.12 -26.53 25.36
N SER M 110 -43.03 -26.36 24.42
CA SER M 110 -44.44 -26.56 24.70
C SER M 110 -45.22 -26.64 23.40
N GLY M 111 -46.53 -26.74 23.49
CA GLY M 111 -47.34 -26.85 22.30
C GLY M 111 -47.76 -25.52 21.68
N LEU M 112 -48.06 -25.55 20.39
CA LEU M 112 -48.49 -24.35 19.68
C LEU M 112 -49.69 -23.67 20.33
N GLY M 113 -50.35 -24.37 21.24
CA GLY M 113 -51.52 -23.81 21.91
C GLY M 113 -51.14 -22.65 22.80
N GLN M 114 -49.90 -22.65 23.27
CA GLN M 114 -49.40 -21.59 24.14
C GLN M 114 -49.32 -20.24 23.44
N LEU M 115 -49.20 -20.27 22.11
CA LEU M 115 -49.14 -19.04 21.31
C LEU M 115 -50.56 -18.47 21.34
N VAL M 116 -51.52 -19.25 20.84
CA VAL M 116 -52.91 -18.81 20.82
C VAL M 116 -53.29 -18.40 22.24
N GLU M 117 -52.89 -19.21 23.21
CA GLU M 117 -53.18 -18.95 24.62
C GLU M 117 -52.76 -17.53 25.00
N ALA M 118 -51.55 -17.13 24.58
CA ALA M 118 -51.02 -15.80 24.91
C ALA M 118 -51.73 -14.67 24.16
N ALA M 119 -52.18 -14.94 22.94
CA ALA M 119 -52.86 -13.94 22.16
C ALA M 119 -54.17 -13.53 22.84
N ILE M 120 -54.77 -14.45 23.58
CA ILE M 120 -56.02 -14.18 24.28
C ILE M 120 -55.73 -13.40 25.56
N GLN M 121 -54.77 -13.87 26.34
CA GLN M 121 -54.45 -13.18 27.58
C GLN M 121 -53.87 -11.77 27.40
N ALA M 122 -53.00 -11.59 26.40
CA ALA M 122 -52.38 -10.28 26.17
C ALA M 122 -53.26 -9.25 25.45
N ASP M 123 -53.08 -7.98 25.80
CA ASP M 123 -53.83 -6.90 25.17
C ASP M 123 -53.34 -6.67 23.74
N ARG M 124 -52.06 -6.96 23.52
CA ARG M 124 -51.44 -6.78 22.21
C ARG M 124 -50.55 -7.94 21.78
N LEU M 125 -50.70 -8.33 20.51
CA LEU M 125 -49.90 -9.40 19.92
C LEU M 125 -48.94 -8.78 18.88
N VAL M 126 -47.69 -8.58 19.24
CA VAL M 126 -46.75 -8.01 18.27
C VAL M 126 -45.91 -9.11 17.67
N VAL M 127 -45.98 -9.24 16.35
CA VAL M 127 -45.22 -10.27 15.65
C VAL M 127 -43.98 -9.72 14.94
N PHE M 128 -42.84 -10.38 15.13
CA PHE M 128 -41.62 -9.96 14.46
C PHE M 128 -41.17 -11.10 13.56
N GLY M 129 -40.98 -10.81 12.28
CA GLY M 129 -40.57 -11.86 11.36
C GLY M 129 -39.81 -11.37 10.15
N ASP M 130 -39.97 -12.06 9.02
CA ASP M 130 -39.28 -11.70 7.79
C ASP M 130 -40.14 -10.79 6.94
N VAL N 5 -65.33 -14.24 22.35
CA VAL N 5 -65.04 -12.89 22.81
C VAL N 5 -64.12 -12.13 21.83
N LYS N 6 -62.90 -12.60 21.62
CA LYS N 6 -61.96 -11.92 20.72
C LYS N 6 -62.04 -12.39 19.26
N LYS N 7 -61.72 -11.47 18.36
CA LYS N 7 -61.73 -11.72 16.93
C LYS N 7 -60.28 -11.81 16.43
N PHE N 8 -59.88 -12.98 15.98
CA PHE N 8 -58.52 -13.19 15.48
C PHE N 8 -58.52 -13.29 13.96
N MET N 9 -57.48 -12.73 13.36
CA MET N 9 -57.31 -12.79 11.91
C MET N 9 -55.97 -13.43 11.66
N TYR N 10 -55.95 -14.44 10.79
CA TYR N 10 -54.73 -15.12 10.42
C TYR N 10 -54.39 -14.58 9.04
N LEU N 11 -53.36 -13.74 8.98
CA LEU N 11 -52.95 -13.10 7.74
C LEU N 11 -51.92 -13.86 6.91
N ASN N 12 -52.40 -14.52 5.86
CA ASN N 12 -51.51 -15.28 4.99
C ASN N 12 -51.24 -14.49 3.71
N ARG N 13 -49.96 -14.17 3.45
CA ARG N 13 -49.58 -13.41 2.26
C ARG N 13 -48.48 -14.03 1.42
N LYS N 14 -47.99 -15.19 1.84
CA LYS N 14 -46.92 -15.85 1.11
C LYS N 14 -47.35 -17.09 0.33
N ALA N 15 -46.60 -17.37 -0.73
CA ALA N 15 -46.84 -18.52 -1.58
C ALA N 15 -46.49 -19.77 -0.79
N PRO N 16 -47.00 -20.94 -1.22
CA PRO N 16 -46.69 -22.17 -0.51
C PRO N 16 -45.44 -22.88 -1.03
N TYR N 17 -44.94 -23.83 -0.23
CA TYR N 17 -43.75 -24.63 -0.54
C TYR N 17 -42.39 -23.94 -0.72
N GLY N 18 -42.39 -22.66 -1.10
CA GLY N 18 -41.13 -21.95 -1.26
C GLY N 18 -40.59 -21.67 0.12
N THR N 19 -41.51 -21.43 1.05
CA THR N 19 -41.17 -21.22 2.46
C THR N 19 -42.14 -22.07 3.25
N ILE N 20 -41.85 -22.29 4.53
CA ILE N 20 -42.70 -23.13 5.34
C ILE N 20 -43.89 -22.38 5.95
N TYR N 21 -43.86 -21.04 5.86
CA TYR N 21 -44.90 -20.20 6.44
C TYR N 21 -46.33 -20.63 6.16
N ALA N 22 -46.64 -21.01 4.94
CA ALA N 22 -48.00 -21.44 4.59
C ALA N 22 -48.43 -22.63 5.46
N TRP N 23 -47.59 -23.64 5.50
CA TRP N 23 -47.83 -24.86 6.25
C TRP N 23 -47.95 -24.64 7.75
N GLU N 24 -46.89 -24.12 8.37
CA GLU N 24 -46.91 -23.91 9.80
C GLU N 24 -47.94 -22.89 10.27
N ALA N 25 -48.38 -22.03 9.37
CA ALA N 25 -49.39 -21.04 9.74
C ALA N 25 -50.70 -21.79 9.90
N LEU N 26 -50.95 -22.72 8.97
CA LEU N 26 -52.15 -23.54 8.98
C LEU N 26 -52.23 -24.28 10.31
N GLU N 27 -51.11 -24.85 10.73
CA GLU N 27 -51.04 -25.57 12.00
C GLU N 27 -51.64 -24.70 13.12
N VAL N 28 -51.23 -23.44 13.19
CA VAL N 28 -51.73 -22.55 14.23
C VAL N 28 -53.25 -22.34 14.20
N VAL N 29 -53.83 -22.34 13.01
CA VAL N 29 -55.28 -22.16 12.91
C VAL N 29 -56.01 -23.36 13.50
N LEU N 30 -55.54 -24.57 13.16
CA LEU N 30 -56.14 -25.80 13.67
C LEU N 30 -56.12 -25.85 15.19
N ILE N 31 -54.97 -25.56 15.77
CA ILE N 31 -54.82 -25.56 17.22
C ILE N 31 -55.65 -24.49 17.92
N GLY N 32 -55.73 -23.31 17.31
CA GLY N 32 -56.50 -22.22 17.90
C GLY N 32 -58.00 -22.41 17.79
N ALA N 33 -58.41 -23.36 16.95
CA ALA N 33 -59.83 -23.64 16.74
C ALA N 33 -60.45 -24.08 18.05
N ALA N 34 -59.69 -24.92 18.78
CA ALA N 34 -60.13 -25.43 20.06
C ALA N 34 -60.47 -24.33 21.07
N PHE N 35 -59.85 -23.17 20.95
CA PHE N 35 -60.11 -22.08 21.89
C PHE N 35 -61.35 -21.26 21.54
N ASP N 36 -62.11 -21.75 20.57
CA ASP N 36 -63.33 -21.11 20.12
C ASP N 36 -63.38 -19.58 20.28
N GLN N 37 -62.66 -18.89 19.41
CA GLN N 37 -62.62 -17.42 19.41
C GLN N 37 -63.24 -17.09 18.05
N ASP N 38 -63.58 -15.83 17.79
CA ASP N 38 -64.13 -15.52 16.48
C ASP N 38 -62.92 -15.52 15.56
N VAL N 39 -62.73 -16.63 14.87
CA VAL N 39 -61.59 -16.81 13.98
C VAL N 39 -61.87 -16.53 12.52
N CYS N 40 -60.97 -15.83 11.85
CA CYS N 40 -61.12 -15.56 10.43
C CYS N 40 -59.76 -15.61 9.71
N VAL N 41 -59.73 -16.38 8.62
CA VAL N 41 -58.53 -16.55 7.83
C VAL N 41 -58.63 -15.79 6.52
N LEU N 42 -57.72 -14.84 6.33
CA LEU N 42 -57.65 -14.00 5.14
C LEU N 42 -56.42 -14.30 4.29
N PHE N 43 -56.59 -14.43 2.98
CA PHE N 43 -55.46 -14.70 2.09
C PHE N 43 -55.22 -13.47 1.21
N LEU N 44 -54.02 -12.89 1.30
CA LEU N 44 -53.74 -11.69 0.51
C LEU N 44 -52.42 -11.80 -0.26
N ASP N 45 -52.35 -11.14 -1.42
CA ASP N 45 -51.16 -11.18 -2.25
C ASP N 45 -50.87 -12.64 -2.57
N ASP N 46 -49.61 -13.01 -2.65
CA ASP N 46 -49.27 -14.39 -2.94
C ASP N 46 -49.96 -15.37 -2.00
N GLY N 47 -50.52 -14.86 -0.91
CA GLY N 47 -51.21 -15.75 0.01
C GLY N 47 -52.33 -16.52 -0.68
N VAL N 48 -52.93 -15.94 -1.73
CA VAL N 48 -54.02 -16.62 -2.44
C VAL N 48 -53.58 -17.93 -3.09
N TYR N 49 -52.31 -18.00 -3.43
CA TYR N 49 -51.75 -19.21 -4.06
C TYR N 49 -51.72 -20.37 -3.07
N GLN N 50 -51.97 -20.09 -1.80
CA GLN N 50 -51.98 -21.14 -0.80
C GLN N 50 -53.17 -22.06 -1.02
N LEU N 51 -54.26 -21.48 -1.52
CA LEU N 51 -55.50 -22.20 -1.76
C LEU N 51 -55.69 -22.74 -3.16
N THR N 52 -54.65 -22.73 -3.99
CA THR N 52 -54.81 -23.26 -5.34
C THR N 52 -55.24 -24.72 -5.28
N ARG N 53 -55.83 -25.22 -6.35
CA ARG N 53 -56.28 -26.60 -6.40
C ARG N 53 -55.42 -27.40 -7.37
N GLY N 54 -55.31 -28.70 -7.12
CA GLY N 54 -54.54 -29.56 -8.00
C GLY N 54 -53.04 -29.60 -7.73
N GLN N 55 -52.66 -29.31 -6.49
CA GLN N 55 -51.25 -29.31 -6.14
C GLN N 55 -50.74 -30.73 -6.12
N ASP N 56 -49.61 -30.97 -6.78
CA ASP N 56 -48.97 -32.28 -6.83
C ASP N 56 -47.52 -32.05 -6.45
N THR N 57 -47.16 -32.42 -5.21
CA THR N 57 -45.82 -32.21 -4.70
C THR N 57 -44.80 -33.34 -4.84
N LYS N 58 -45.18 -34.41 -5.52
CA LYS N 58 -44.27 -35.54 -5.71
C LYS N 58 -42.95 -35.05 -6.32
N GLY N 59 -43.06 -34.27 -7.39
CA GLY N 59 -41.87 -33.76 -8.07
C GLY N 59 -40.80 -33.09 -7.22
N ILE N 60 -41.20 -32.36 -6.17
CA ILE N 60 -40.25 -31.67 -5.32
C ILE N 60 -39.91 -32.43 -4.02
N GLY N 61 -40.35 -33.68 -3.95
CA GLY N 61 -40.07 -34.51 -2.80
C GLY N 61 -40.57 -34.06 -1.44
N MET N 62 -41.65 -33.30 -1.39
CA MET N 62 -42.22 -32.84 -0.13
C MET N 62 -43.64 -33.39 -0.01
N LYS N 63 -44.20 -33.30 1.19
CA LYS N 63 -45.55 -33.77 1.44
C LYS N 63 -46.56 -32.69 1.04
N ASN N 64 -47.57 -33.08 0.28
CA ASN N 64 -48.60 -32.14 -0.13
C ASN N 64 -49.57 -31.96 1.04
N PHE N 65 -49.58 -30.76 1.62
CA PHE N 65 -50.43 -30.47 2.78
C PHE N 65 -51.74 -29.73 2.45
N SER N 66 -51.96 -29.42 1.18
CA SER N 66 -53.16 -28.69 0.75
C SER N 66 -54.48 -29.29 1.24
N PRO N 67 -54.58 -30.62 1.29
CA PRO N 67 -55.81 -31.27 1.75
C PRO N 67 -56.29 -30.74 3.09
N THR N 68 -55.35 -30.34 3.93
CA THR N 68 -55.70 -29.82 5.24
C THR N 68 -56.57 -28.55 5.16
N TYR N 69 -56.37 -27.74 4.13
CA TYR N 69 -57.16 -26.52 3.98
C TYR N 69 -58.65 -26.87 3.86
N ARG N 70 -58.95 -27.88 3.05
CA ARG N 70 -60.33 -28.31 2.83
C ARG N 70 -61.02 -28.90 4.08
N THR N 71 -60.29 -29.05 5.18
CA THR N 71 -60.89 -29.58 6.41
C THR N 71 -61.05 -28.50 7.49
N LEU N 72 -60.94 -27.23 7.09
CA LEU N 72 -61.07 -26.12 8.03
C LEU N 72 -62.51 -25.92 8.50
N GLY N 73 -63.46 -26.46 7.75
CA GLY N 73 -64.85 -26.36 8.15
C GLY N 73 -65.04 -27.21 9.40
N ASP N 74 -64.42 -28.38 9.42
CA ASP N 74 -64.52 -29.30 10.54
C ASP N 74 -63.93 -28.76 11.84
N TYR N 75 -63.17 -27.67 11.73
CA TYR N 75 -62.58 -27.04 12.90
C TYR N 75 -63.31 -25.74 13.20
N GLU N 76 -64.55 -25.65 12.72
CA GLU N 76 -65.38 -24.48 12.96
C GLU N 76 -64.87 -23.16 12.37
N VAL N 77 -64.02 -23.22 11.35
CA VAL N 77 -63.55 -21.98 10.73
C VAL N 77 -64.56 -21.59 9.66
N ARG N 78 -65.39 -20.61 9.99
CA ARG N 78 -66.45 -20.13 9.10
C ARG N 78 -66.04 -18.97 8.21
N ARG N 79 -65.25 -18.05 8.77
CA ARG N 79 -64.79 -16.89 8.02
C ARG N 79 -63.48 -17.13 7.30
N ILE N 80 -63.55 -17.37 5.99
CA ILE N 80 -62.38 -17.61 5.16
C ILE N 80 -62.42 -16.71 3.93
N TYR N 81 -61.60 -15.65 3.95
CA TYR N 81 -61.59 -14.67 2.86
C TYR N 81 -60.39 -14.67 1.91
N VAL N 82 -60.62 -14.20 0.69
CA VAL N 82 -59.60 -14.12 -0.35
C VAL N 82 -59.67 -12.80 -1.13
N ASP N 83 -58.61 -12.01 -1.06
CA ASP N 83 -58.57 -10.73 -1.78
C ASP N 83 -58.68 -10.94 -3.30
N ARG N 84 -59.74 -10.37 -3.89
CA ARG N 84 -59.97 -10.51 -5.31
C ARG N 84 -58.97 -9.76 -6.20
N ASP N 85 -58.51 -8.60 -5.73
CA ASP N 85 -57.53 -7.82 -6.50
C ASP N 85 -56.31 -8.70 -6.69
N SER N 86 -55.96 -9.43 -5.64
CA SER N 86 -54.83 -10.33 -5.68
C SER N 86 -55.06 -11.40 -6.74
N LEU N 87 -56.20 -12.08 -6.65
CA LEU N 87 -56.54 -13.12 -7.64
C LEU N 87 -56.39 -12.56 -9.05
N GLU N 88 -56.96 -11.38 -9.26
CA GLU N 88 -56.94 -10.71 -10.55
C GLU N 88 -55.51 -10.39 -11.02
N ALA N 89 -54.66 -9.95 -10.10
CA ALA N 89 -53.29 -9.60 -10.45
C ALA N 89 -52.50 -10.85 -10.85
N ARG N 90 -52.95 -12.01 -10.38
CA ARG N 90 -52.27 -13.25 -10.70
C ARG N 90 -52.98 -14.00 -11.82
N GLY N 91 -54.10 -13.46 -12.28
CA GLY N 91 -54.87 -14.08 -13.35
C GLY N 91 -55.72 -15.25 -12.90
N LEU N 92 -56.22 -15.18 -11.68
CA LEU N 92 -57.03 -16.26 -11.13
C LEU N 92 -58.49 -15.89 -10.89
N THR N 93 -59.33 -16.90 -10.70
CA THR N 93 -60.76 -16.72 -10.42
C THR N 93 -61.07 -17.73 -9.31
N GLN N 94 -62.23 -17.64 -8.67
CA GLN N 94 -62.55 -18.57 -7.57
C GLN N 94 -62.56 -20.02 -8.04
N ASP N 95 -62.47 -20.22 -9.34
CA ASP N 95 -62.47 -21.56 -9.89
C ASP N 95 -61.13 -22.26 -9.72
N ASP N 96 -60.05 -21.47 -9.58
CA ASP N 96 -58.71 -22.02 -9.41
C ASP N 96 -58.42 -22.40 -7.96
N LEU N 97 -59.32 -22.03 -7.07
CA LEU N 97 -59.17 -22.31 -5.66
C LEU N 97 -59.96 -23.55 -5.28
N VAL N 98 -59.65 -24.11 -4.12
CA VAL N 98 -60.35 -25.28 -3.66
C VAL N 98 -61.57 -24.81 -2.88
N GLU N 99 -62.50 -25.73 -2.64
CA GLU N 99 -63.70 -25.37 -1.91
C GLU N 99 -63.55 -25.89 -0.50
N ILE N 100 -64.10 -25.17 0.47
CA ILE N 100 -64.01 -25.60 1.84
C ILE N 100 -65.43 -25.69 2.39
N ALA N 101 -65.91 -26.92 2.54
CA ALA N 101 -67.25 -27.15 3.03
C ALA N 101 -67.39 -26.83 4.51
N PHE N 102 -68.62 -26.53 4.92
CA PHE N 102 -68.90 -26.24 6.32
C PHE N 102 -70.38 -26.44 6.63
N GLU N 103 -70.63 -27.20 7.68
CA GLU N 103 -72.00 -27.47 8.11
C GLU N 103 -72.18 -27.13 9.58
N ASP N 104 -73.10 -26.20 9.84
CA ASP N 104 -73.40 -25.78 11.20
C ASP N 104 -74.24 -26.88 11.83
N MET N 105 -73.59 -27.92 12.31
CA MET N 105 -74.27 -29.07 12.92
C MET N 105 -75.29 -28.65 13.96
N GLU N 106 -75.16 -27.41 14.45
CA GLU N 106 -76.08 -26.89 15.46
C GLU N 106 -77.42 -26.43 14.88
N THR N 107 -77.47 -26.20 13.57
CA THR N 107 -78.71 -25.77 12.93
C THR N 107 -78.95 -26.47 11.59
N GLU N 108 -78.28 -27.62 11.41
CA GLU N 108 -78.41 -28.44 10.20
C GLU N 108 -77.77 -27.88 8.92
N GLU N 109 -77.72 -26.54 8.80
CA GLU N 109 -77.46 -25.93 7.45
C GLU N 109 -76.11 -26.46 6.97
N GLU N 110 -76.05 -26.84 5.70
CA GLU N 110 -74.82 -27.37 5.08
C GLU N 110 -74.40 -26.54 3.87
N PHE N 111 -73.21 -25.94 3.96
CA PHE N 111 -72.67 -25.10 2.88
C PHE N 111 -71.62 -25.88 2.09
N ASP N 112 -71.66 -25.79 0.77
CA ASP N 112 -70.70 -26.50 -0.07
C ASP N 112 -69.34 -25.82 -0.15
N ASN N 113 -69.32 -24.52 0.13
CA ASN N 113 -68.08 -23.75 0.07
C ASN N 113 -68.21 -22.36 0.70
N ILE N 114 -67.54 -22.12 1.84
CA ILE N 114 -67.58 -20.82 2.52
C ILE N 114 -66.40 -19.90 2.16
N VAL N 115 -65.63 -20.26 1.15
CA VAL N 115 -64.51 -19.42 0.75
C VAL N 115 -65.09 -18.19 0.09
N GLU N 116 -64.98 -17.04 0.76
CA GLU N 116 -65.54 -15.80 0.22
C GLU N 116 -64.55 -14.79 -0.39
N VAL N 117 -64.69 -14.56 -1.70
CA VAL N 117 -63.86 -13.60 -2.43
C VAL N 117 -64.42 -12.21 -2.18
N ILE N 118 -63.63 -11.38 -1.54
CA ILE N 118 -64.07 -10.04 -1.20
C ILE N 118 -63.25 -8.95 -1.89
N ASP N 119 -63.73 -7.71 -1.78
CA ASP N 119 -63.06 -6.56 -2.40
C ASP N 119 -62.22 -5.82 -1.37
N SER N 120 -61.27 -5.04 -1.85
CA SER N 120 -60.37 -4.30 -0.97
C SER N 120 -61.04 -3.59 0.21
N ALA N 121 -62.13 -2.89 -0.05
CA ALA N 121 -62.82 -2.18 1.02
C ALA N 121 -63.24 -3.13 2.13
N ARG N 122 -63.66 -4.33 1.73
CA ARG N 122 -64.10 -5.34 2.68
C ARG N 122 -62.88 -5.80 3.48
N VAL N 123 -61.78 -6.00 2.79
CA VAL N 123 -60.55 -6.43 3.43
C VAL N 123 -60.17 -5.44 4.54
N SER N 124 -60.13 -4.16 4.22
CA SER N 124 -59.77 -3.16 5.23
C SER N 124 -60.68 -3.22 6.45
N GLU N 125 -61.98 -3.42 6.19
CA GLU N 125 -62.98 -3.50 7.25
C GLU N 125 -62.63 -4.65 8.21
N LEU N 126 -62.41 -5.84 7.67
CA LEU N 126 -62.07 -7.02 8.48
C LEU N 126 -60.85 -6.81 9.35
N MET N 127 -59.81 -6.19 8.80
CA MET N 127 -58.60 -5.92 9.55
C MET N 127 -58.96 -5.03 10.72
N ASN N 128 -59.76 -4.01 10.47
CA ASN N 128 -60.14 -3.10 11.54
C ASN N 128 -60.99 -3.75 12.63
N GLU N 129 -61.70 -4.82 12.27
CA GLU N 129 -62.56 -5.55 13.21
C GLU N 129 -61.78 -6.54 14.09
N SER N 130 -60.58 -6.91 13.67
CA SER N 130 -59.77 -7.88 14.41
C SER N 130 -59.09 -7.34 15.66
N ASP N 131 -59.13 -8.13 16.74
CA ASP N 131 -58.51 -7.73 18.00
C ASP N 131 -57.00 -8.09 18.03
N ALA N 132 -56.62 -9.03 17.19
CA ALA N 132 -55.24 -9.51 17.10
C ALA N 132 -55.01 -10.13 15.72
N VAL N 133 -53.81 -9.94 15.17
CA VAL N 133 -53.52 -10.52 13.85
C VAL N 133 -52.26 -11.36 13.90
N PHE N 134 -52.35 -12.56 13.34
CA PHE N 134 -51.23 -13.48 13.29
C PHE N 134 -50.58 -13.29 11.91
N SER N 135 -49.31 -12.92 11.89
CA SER N 135 -48.60 -12.73 10.64
C SER N 135 -47.53 -13.78 10.48
N PHE N 136 -47.30 -14.18 9.23
CA PHE N 136 -46.30 -15.19 8.93
C PHE N 136 -45.55 -14.80 7.66
N SER O 2 -56.73 3.18 15.40
CA SER O 2 -57.18 1.81 15.66
C SER O 2 -56.08 0.80 15.36
N ILE O 3 -55.70 0.67 14.09
CA ILE O 3 -54.65 -0.27 13.69
C ILE O 3 -53.28 0.38 13.52
N LEU O 4 -52.26 -0.35 13.96
CA LEU O 4 -50.88 0.09 13.79
C LEU O 4 -50.29 -0.95 12.86
N HIS O 5 -49.97 -0.53 11.65
CA HIS O 5 -49.38 -1.41 10.66
C HIS O 5 -47.87 -1.29 10.80
N THR O 6 -47.16 -2.40 10.65
CA THR O 6 -45.71 -2.38 10.74
C THR O 6 -45.18 -2.99 9.47
N VAL O 7 -44.23 -2.31 8.83
CA VAL O 7 -43.60 -2.76 7.59
C VAL O 7 -42.09 -2.82 7.85
N ASN O 8 -41.52 -4.01 7.79
CA ASN O 8 -40.09 -4.17 8.07
C ASN O 8 -39.23 -4.44 6.84
N LYS O 9 -39.85 -4.44 5.67
CA LYS O 9 -39.10 -4.72 4.46
C LYS O 9 -38.99 -3.57 3.48
N SER O 10 -37.84 -3.50 2.83
CA SER O 10 -37.53 -2.49 1.85
C SER O 10 -38.60 -2.46 0.76
N PRO O 11 -39.04 -1.26 0.35
CA PRO O 11 -40.06 -1.13 -0.68
C PRO O 11 -39.49 -1.44 -2.07
N PHE O 12 -38.16 -1.50 -2.17
CA PHE O 12 -37.49 -1.78 -3.44
C PHE O 12 -37.24 -3.26 -3.65
N GLU O 13 -37.54 -4.04 -2.62
CA GLU O 13 -37.36 -5.48 -2.66
C GLU O 13 -38.67 -6.22 -2.38
N ARG O 14 -39.54 -5.63 -1.56
CA ARG O 14 -40.80 -6.26 -1.21
C ARG O 14 -42.03 -5.36 -1.45
N ASN O 15 -43.12 -5.97 -1.90
CA ASN O 15 -44.37 -5.27 -2.17
C ASN O 15 -45.09 -4.87 -0.87
N SER O 16 -44.62 -5.41 0.25
CA SER O 16 -45.24 -5.15 1.53
C SER O 16 -45.68 -3.71 1.80
N LEU O 17 -44.80 -2.75 1.51
CA LEU O 17 -45.13 -1.35 1.73
C LEU O 17 -46.38 -0.96 0.91
N GLU O 18 -46.44 -1.40 -0.34
CA GLU O 18 -47.59 -1.11 -1.21
C GLU O 18 -48.91 -1.66 -0.71
N SER O 19 -48.89 -2.92 -0.28
CA SER O 19 -50.08 -3.59 0.24
C SER O 19 -50.57 -2.87 1.47
N CYS O 20 -49.64 -2.55 2.34
CA CYS O 20 -49.98 -1.85 3.56
C CYS O 20 -50.66 -0.51 3.27
N LEU O 21 -50.06 0.30 2.41
CA LEU O 21 -50.64 1.60 2.08
C LEU O 21 -51.97 1.49 1.36
N LYS O 22 -52.20 0.33 0.77
CA LYS O 22 -53.44 0.07 0.05
C LYS O 22 -54.61 -0.25 0.97
N PHE O 23 -54.34 -0.99 2.04
CA PHE O 23 -55.40 -1.37 2.96
C PHE O 23 -55.49 -0.57 4.25
N ALA O 24 -54.45 0.16 4.62
CA ALA O 24 -54.53 0.97 5.83
C ALA O 24 -55.59 2.03 5.54
N THR O 25 -56.41 2.33 6.53
CA THR O 25 -57.47 3.32 6.35
C THR O 25 -57.30 4.58 7.16
N GLU O 26 -58.16 5.56 6.84
CA GLU O 26 -58.20 6.85 7.51
C GLU O 26 -58.01 6.74 9.02
N GLY O 27 -57.06 7.49 9.56
CA GLY O 27 -56.81 7.46 10.99
C GLY O 27 -55.81 6.42 11.46
N ALA O 28 -55.44 5.49 10.60
CA ALA O 28 -54.49 4.46 10.98
C ALA O 28 -53.05 4.99 11.09
N SER O 29 -52.19 4.14 11.64
CA SER O 29 -50.77 4.46 11.81
C SER O 29 -49.95 3.38 11.13
N VAL O 30 -48.78 3.77 10.65
CA VAL O 30 -47.87 2.86 9.97
C VAL O 30 -46.46 3.15 10.49
N LEU O 31 -45.76 2.10 10.92
CA LEU O 31 -44.41 2.27 11.42
C LEU O 31 -43.42 1.52 10.54
N LEU O 32 -42.41 2.24 10.07
CA LEU O 32 -41.40 1.65 9.23
C LEU O 32 -40.18 1.40 10.09
N PHE O 33 -39.75 0.13 10.17
CA PHE O 33 -38.56 -0.23 10.92
C PHE O 33 -37.78 -1.30 10.18
N GLU O 34 -36.59 -1.63 10.67
CA GLU O 34 -35.73 -2.61 9.98
C GLU O 34 -35.57 -2.11 8.55
N ASP O 35 -35.51 -2.99 7.56
CA ASP O 35 -35.33 -2.50 6.18
C ASP O 35 -36.49 -1.64 5.66
N GLY O 36 -37.58 -1.55 6.41
CA GLY O 36 -38.69 -0.75 5.96
C GLY O 36 -38.30 0.73 6.03
N ILE O 37 -37.21 0.98 6.73
CA ILE O 37 -36.68 2.32 6.90
C ILE O 37 -36.43 3.06 5.59
N TYR O 38 -35.92 2.38 4.56
CA TYR O 38 -35.63 3.08 3.32
C TYR O 38 -36.84 3.73 2.69
N ALA O 39 -38.04 3.38 3.16
CA ALA O 39 -39.25 3.97 2.60
C ALA O 39 -39.50 5.41 3.07
N ALA O 40 -38.91 5.78 4.21
CA ALA O 40 -39.11 7.12 4.75
C ALA O 40 -38.09 8.15 4.23
N LEU O 41 -37.17 7.71 3.37
CA LEU O 41 -36.17 8.62 2.85
C LEU O 41 -36.65 9.54 1.74
N ALA O 42 -36.30 10.81 1.85
CA ALA O 42 -36.69 11.75 0.83
C ALA O 42 -35.82 11.55 -0.41
N GLY O 43 -36.45 11.59 -1.58
CA GLY O 43 -35.69 11.42 -2.80
C GLY O 43 -35.77 10.08 -3.51
N THR O 44 -36.41 9.10 -2.90
CA THR O 44 -36.51 7.81 -3.56
C THR O 44 -37.74 7.71 -4.43
N ARG O 45 -37.69 6.73 -5.31
CA ARG O 45 -38.72 6.36 -6.26
C ARG O 45 -40.12 6.17 -5.62
N VAL O 46 -40.21 6.04 -4.29
CA VAL O 46 -41.52 5.87 -3.66
C VAL O 46 -41.85 7.03 -2.77
N GLU O 47 -41.08 8.11 -2.88
CA GLU O 47 -41.35 9.26 -2.04
C GLU O 47 -42.76 9.74 -2.30
N SER O 48 -43.11 9.92 -3.57
CA SER O 48 -44.44 10.43 -3.88
C SER O 48 -45.61 9.65 -3.25
N GLN O 49 -45.70 8.34 -3.52
CA GLN O 49 -46.80 7.57 -2.95
C GLN O 49 -46.83 7.60 -1.42
N VAL O 50 -45.64 7.61 -0.80
CA VAL O 50 -45.53 7.68 0.66
C VAL O 50 -45.99 9.08 1.10
N THR O 51 -45.61 10.10 0.34
CA THR O 51 -45.99 11.47 0.68
C THR O 51 -47.52 11.58 0.65
N GLU O 52 -48.08 10.93 -0.36
CA GLU O 52 -49.51 10.87 -0.59
C GLU O 52 -50.21 10.27 0.64
N ALA O 53 -49.63 9.20 1.19
CA ALA O 53 -50.19 8.51 2.35
C ALA O 53 -50.32 9.42 3.56
N LEU O 54 -49.46 10.43 3.66
CA LEU O 54 -49.50 11.37 4.77
C LEU O 54 -50.86 12.03 4.88
N GLY O 55 -51.65 11.93 3.80
CA GLY O 55 -52.98 12.50 3.79
C GLY O 55 -53.88 11.92 4.87
N LYS O 56 -54.19 10.63 4.78
CA LYS O 56 -55.07 10.02 5.78
C LYS O 56 -54.37 9.16 6.82
N LEU O 57 -53.05 8.97 6.68
CA LEU O 57 -52.32 8.15 7.65
C LEU O 57 -51.26 8.89 8.44
N LYS O 58 -50.95 8.32 9.60
CA LYS O 58 -49.92 8.82 10.51
C LYS O 58 -48.72 7.91 10.29
N LEU O 59 -47.68 8.43 9.65
CA LEU O 59 -46.50 7.65 9.35
C LEU O 59 -45.36 7.83 10.35
N TYR O 60 -44.69 6.73 10.68
CA TYR O 60 -43.57 6.78 11.61
C TYR O 60 -42.42 5.95 11.10
N VAL O 61 -41.23 6.23 11.60
CA VAL O 61 -40.05 5.49 11.20
C VAL O 61 -39.20 5.34 12.48
N LEU O 62 -38.56 4.18 12.64
CA LEU O 62 -37.74 3.92 13.82
C LEU O 62 -36.34 4.48 13.72
N GLY O 63 -36.06 5.48 14.55
CA GLY O 63 -34.75 6.12 14.55
C GLY O 63 -33.56 5.17 14.57
N PRO O 64 -33.51 4.23 15.53
CA PRO O 64 -32.38 3.30 15.59
C PRO O 64 -32.05 2.64 14.26
N ASP O 65 -33.07 2.25 13.49
CA ASP O 65 -32.83 1.60 12.21
C ASP O 65 -32.39 2.53 11.10
N LEU O 66 -32.81 3.79 11.15
CA LEU O 66 -32.42 4.78 10.15
C LEU O 66 -30.93 5.02 10.29
N LYS O 67 -30.51 5.31 11.53
CA LYS O 67 -29.13 5.59 11.81
C LYS O 67 -28.24 4.40 11.45
N ALA O 68 -28.62 3.22 11.91
CA ALA O 68 -27.81 2.04 11.62
C ALA O 68 -27.51 1.87 10.13
N ARG O 69 -28.38 2.39 9.26
CA ARG O 69 -28.17 2.29 7.82
C ARG O 69 -27.65 3.58 7.19
N GLY O 70 -27.13 4.47 8.03
CA GLY O 70 -26.57 5.73 7.57
C GLY O 70 -27.48 6.90 7.23
N PHE O 71 -28.60 7.03 7.93
CA PHE O 71 -29.50 8.16 7.67
C PHE O 71 -30.00 8.86 8.91
N SER O 72 -29.78 10.18 8.92
CA SER O 72 -30.20 11.05 10.01
C SER O 72 -31.65 11.43 9.80
N ASP O 73 -32.27 12.01 10.83
CA ASP O 73 -33.67 12.41 10.72
C ASP O 73 -33.88 13.41 9.58
N GLU O 74 -32.82 14.13 9.21
CA GLU O 74 -32.92 15.14 8.15
C GLU O 74 -33.15 14.52 6.78
N ARG O 75 -32.72 13.27 6.59
CA ARG O 75 -32.90 12.62 5.30
C ARG O 75 -34.32 12.06 5.19
N VAL O 76 -35.11 12.27 6.24
CA VAL O 76 -36.48 11.77 6.27
C VAL O 76 -37.49 12.69 5.61
N ILE O 77 -38.50 12.08 5.00
CA ILE O 77 -39.56 12.81 4.33
C ILE O 77 -40.34 13.62 5.37
N PRO O 78 -40.51 14.93 5.13
CA PRO O 78 -41.24 15.75 6.10
C PRO O 78 -42.64 15.18 6.35
N GLY O 79 -43.02 15.06 7.62
CA GLY O 79 -44.33 14.54 7.95
C GLY O 79 -44.27 13.19 8.63
N ILE O 80 -43.23 12.42 8.33
CA ILE O 80 -43.05 11.12 8.95
C ILE O 80 -42.36 11.38 10.28
N SER O 81 -42.97 10.91 11.36
CA SER O 81 -42.40 11.10 12.69
C SER O 81 -41.34 10.02 12.98
N VAL O 82 -40.26 10.43 13.65
CA VAL O 82 -39.17 9.52 13.99
C VAL O 82 -39.29 9.08 15.44
N VAL O 83 -39.25 7.78 15.68
CA VAL O 83 -39.37 7.29 17.04
C VAL O 83 -38.31 6.26 17.41
N ASP O 84 -38.15 6.03 18.71
CA ASP O 84 -37.18 5.04 19.18
C ASP O 84 -37.98 3.83 19.68
N TYR O 85 -37.31 2.84 20.27
CA TYR O 85 -38.04 1.66 20.76
C TYR O 85 -39.10 2.07 21.78
N ALA O 86 -38.73 2.98 22.68
CA ALA O 86 -39.70 3.46 23.68
C ALA O 86 -40.92 3.98 22.93
N GLY O 87 -40.69 4.73 21.86
CA GLY O 87 -41.77 5.27 21.06
C GLY O 87 -42.56 4.18 20.36
N PHE O 88 -41.84 3.20 19.82
CA PHE O 88 -42.44 2.06 19.13
C PHE O 88 -43.45 1.45 20.10
N VAL O 89 -43.04 1.28 21.36
CA VAL O 89 -43.90 0.69 22.38
C VAL O 89 -45.15 1.52 22.58
N ASP O 90 -44.97 2.84 22.63
CA ASP O 90 -46.09 3.72 22.83
C ASP O 90 -47.10 3.60 21.70
N LEU O 91 -46.61 3.52 20.47
CA LEU O 91 -47.52 3.41 19.33
C LEU O 91 -48.40 2.17 19.41
N THR O 92 -47.83 1.06 19.89
CA THR O 92 -48.57 -0.20 20.00
C THR O 92 -49.64 -0.16 21.10
N THR O 93 -49.49 0.75 22.07
CA THR O 93 -50.46 0.85 23.15
C THR O 93 -51.53 1.92 22.88
N GLU O 94 -51.20 2.89 22.03
CA GLU O 94 -52.13 3.96 21.66
C GLU O 94 -53.14 3.40 20.67
N CYS O 95 -52.64 2.66 19.68
CA CYS O 95 -53.51 2.06 18.69
C CYS O 95 -54.22 0.90 19.40
N ASP O 96 -55.18 0.26 18.74
CA ASP O 96 -55.95 -0.83 19.32
C ASP O 96 -55.45 -2.22 18.95
N THR O 97 -54.89 -2.33 17.74
CA THR O 97 -54.37 -3.58 17.23
C THR O 97 -53.11 -3.36 16.42
N VAL O 98 -52.20 -4.33 16.45
CA VAL O 98 -50.96 -4.25 15.70
C VAL O 98 -51.01 -5.29 14.60
N GLN O 99 -50.73 -4.88 13.36
CA GLN O 99 -50.77 -5.77 12.21
C GLN O 99 -49.43 -5.75 11.45
N ALA O 100 -48.68 -6.82 11.57
CA ALA O 100 -47.37 -6.90 10.92
C ALA O 100 -47.40 -7.30 9.45
N TRP O 101 -46.86 -6.46 8.58
CA TRP O 101 -46.80 -6.79 7.17
C TRP O 101 -45.37 -7.28 6.97
N LEU O 102 -45.23 -8.57 6.69
CA LEU O 102 -43.94 -9.21 6.50
C LEU O 102 -43.62 -9.45 5.04
N MET P 1 -18.28 -33.03 -15.80
CA MET P 1 -18.45 -31.73 -15.08
C MET P 1 -18.29 -31.86 -13.57
N LYS P 2 -17.61 -30.90 -12.95
CA LYS P 2 -17.42 -30.86 -11.48
C LYS P 2 -18.28 -29.76 -10.87
N PHE P 3 -19.18 -30.13 -9.96
CA PHE P 3 -20.07 -29.17 -9.32
C PHE P 3 -19.74 -28.79 -7.88
N ALA P 4 -20.04 -27.53 -7.55
CA ALA P 4 -19.84 -27.02 -6.22
C ALA P 4 -21.15 -26.36 -5.84
N LEU P 5 -21.86 -26.96 -4.89
CA LEU P 5 -23.15 -26.43 -4.45
C LEU P 5 -22.98 -25.66 -3.17
N GLN P 6 -23.66 -24.52 -3.07
CA GLN P 6 -23.62 -23.65 -1.89
C GLN P 6 -25.06 -23.48 -1.44
N ILE P 7 -25.32 -23.78 -0.17
CA ILE P 7 -26.68 -23.66 0.35
C ILE P 7 -26.67 -22.65 1.47
N ASN P 8 -27.51 -21.64 1.36
CA ASN P 8 -27.54 -20.54 2.34
C ASN P 8 -28.68 -20.51 3.34
N GLU P 9 -29.57 -21.49 3.29
CA GLU P 9 -30.70 -21.46 4.20
C GLU P 9 -30.89 -22.76 4.97
N GLY P 10 -31.55 -22.65 6.11
CA GLY P 10 -31.79 -23.82 6.92
C GLY P 10 -32.82 -24.77 6.32
N PRO P 11 -32.95 -25.98 6.89
CA PRO P 11 -33.90 -26.96 6.38
C PRO P 11 -35.34 -26.59 6.73
N TYR P 12 -36.27 -26.91 5.83
CA TYR P 12 -37.72 -26.68 6.00
C TYR P 12 -38.24 -25.24 5.88
N GLN P 13 -37.54 -24.32 6.53
CA GLN P 13 -37.92 -22.90 6.52
C GLN P 13 -37.98 -22.36 5.10
N HIS P 14 -37.02 -22.80 4.29
CA HIS P 14 -36.90 -22.38 2.91
C HIS P 14 -36.63 -23.60 2.07
N GLN P 15 -37.07 -23.57 0.82
CA GLN P 15 -36.89 -24.69 -0.08
C GLN P 15 -35.45 -24.90 -0.53
N ALA P 16 -34.63 -23.87 -0.42
CA ALA P 16 -33.23 -23.96 -0.84
C ALA P 16 -32.60 -25.36 -0.73
N SER P 17 -32.52 -25.89 0.50
CA SER P 17 -31.88 -27.18 0.76
C SER P 17 -32.48 -28.35 0.00
N ASP P 18 -33.80 -28.39 -0.09
CA ASP P 18 -34.48 -29.45 -0.82
C ASP P 18 -34.08 -29.33 -2.29
N SER P 19 -34.21 -28.14 -2.85
CA SER P 19 -33.84 -27.94 -4.25
C SER P 19 -32.40 -28.40 -4.46
N ALA P 20 -31.48 -27.88 -3.66
CA ALA P 20 -30.07 -28.26 -3.77
C ALA P 20 -29.89 -29.77 -3.72
N TYR P 21 -30.70 -30.43 -2.90
CA TYR P 21 -30.62 -31.88 -2.81
C TYR P 21 -31.08 -32.53 -4.13
N GLN P 22 -32.27 -32.14 -4.59
CA GLN P 22 -32.81 -32.68 -5.82
C GLN P 22 -31.84 -32.43 -6.95
N PHE P 23 -31.21 -31.25 -6.92
CA PHE P 23 -30.25 -30.93 -7.95
C PHE P 23 -29.10 -31.94 -7.91
N ALA P 24 -28.45 -32.04 -6.75
CA ALA P 24 -27.31 -32.94 -6.55
C ALA P 24 -27.57 -34.41 -6.92
N LYS P 25 -28.72 -34.95 -6.52
CA LYS P 25 -29.04 -36.34 -6.84
C LYS P 25 -29.13 -36.51 -8.35
N ALA P 26 -29.87 -35.62 -8.99
CA ALA P 26 -30.02 -35.68 -10.44
C ALA P 26 -28.64 -35.61 -11.09
N ALA P 27 -27.85 -34.62 -10.71
CA ALA P 27 -26.52 -34.43 -11.25
C ALA P 27 -25.65 -35.68 -11.06
N LEU P 28 -25.70 -36.26 -9.85
CA LEU P 28 -24.91 -37.45 -9.54
C LEU P 28 -25.34 -38.63 -10.39
N GLU P 29 -26.65 -38.77 -10.55
CA GLU P 29 -27.20 -39.87 -11.33
C GLU P 29 -26.84 -39.79 -12.81
N LYS P 30 -26.51 -38.59 -13.27
CA LYS P 30 -26.14 -38.39 -14.67
C LYS P 30 -24.66 -38.70 -14.93
N GLY P 31 -23.91 -38.91 -13.86
CA GLY P 31 -22.50 -39.21 -14.01
C GLY P 31 -21.60 -38.06 -13.58
N HIS P 32 -22.21 -36.90 -13.30
CA HIS P 32 -21.45 -35.72 -12.89
C HIS P 32 -20.85 -35.85 -11.50
N GLU P 33 -19.82 -35.08 -11.23
CA GLU P 33 -19.18 -35.13 -9.93
C GLU P 33 -19.51 -33.90 -9.10
N ILE P 34 -19.77 -34.11 -7.82
CA ILE P 34 -20.07 -33.00 -6.95
C ILE P 34 -18.83 -32.84 -6.09
N PHE P 35 -17.97 -31.90 -6.47
CA PHE P 35 -16.73 -31.66 -5.76
C PHE P 35 -16.96 -31.30 -4.31
N ARG P 36 -17.98 -30.48 -4.04
CA ARG P 36 -18.24 -30.08 -2.66
C ARG P 36 -19.59 -29.42 -2.42
N VAL P 37 -20.21 -29.79 -1.31
CA VAL P 37 -21.48 -29.20 -0.91
C VAL P 37 -21.11 -28.39 0.32
N PHE P 38 -21.15 -27.07 0.17
CA PHE P 38 -20.77 -26.17 1.25
C PHE P 38 -21.94 -25.36 1.81
N PHE P 39 -22.14 -25.48 3.12
CA PHE P 39 -23.22 -24.78 3.83
C PHE P 39 -22.75 -23.50 4.51
N TYR P 40 -23.44 -22.41 4.25
CA TYR P 40 -23.08 -21.11 4.81
C TYR P 40 -24.35 -20.48 5.40
N HIS P 41 -24.20 -19.44 6.23
CA HIS P 41 -25.36 -18.80 6.88
C HIS P 41 -26.20 -19.90 7.59
N ASP P 42 -27.52 -19.74 7.61
CA ASP P 42 -28.41 -20.72 8.22
C ASP P 42 -28.24 -22.09 7.57
N GLY P 43 -27.54 -22.12 6.44
CA GLY P 43 -27.29 -23.39 5.77
C GLY P 43 -26.55 -24.39 6.65
N VAL P 44 -25.79 -23.92 7.64
CA VAL P 44 -25.07 -24.82 8.52
C VAL P 44 -26.07 -25.62 9.36
N ASN P 45 -27.30 -25.16 9.43
CA ASN P 45 -28.30 -25.88 10.23
C ASN P 45 -28.82 -27.15 9.55
N ASN P 46 -28.26 -27.51 8.41
CA ASN P 46 -28.68 -28.72 7.69
C ASN P 46 -27.78 -29.89 8.13
N SER P 47 -26.90 -29.61 9.08
CA SER P 47 -25.94 -30.58 9.57
C SER P 47 -26.16 -31.07 11.01
N THR P 48 -27.29 -30.71 11.62
CA THR P 48 -27.54 -31.18 12.99
C THR P 48 -28.18 -32.57 12.97
N ARG P 49 -27.75 -33.42 13.90
CA ARG P 49 -28.27 -34.78 14.00
C ARG P 49 -29.43 -34.83 15.00
N LEU P 50 -29.83 -33.67 15.51
CA LEU P 50 -30.88 -33.59 16.51
C LEU P 50 -32.32 -33.40 16.03
N THR P 51 -32.56 -33.50 14.73
CA THR P 51 -33.92 -33.32 14.22
C THR P 51 -34.73 -34.61 14.28
N THR P 52 -36.05 -34.46 14.39
CA THR P 52 -36.99 -35.57 14.45
C THR P 52 -38.22 -35.07 13.70
N PRO P 53 -38.10 -34.96 12.38
CA PRO P 53 -39.10 -34.51 11.41
C PRO P 53 -40.28 -35.44 11.29
N PRO P 54 -41.44 -34.92 10.88
CA PRO P 54 -42.61 -35.78 10.75
C PRO P 54 -42.29 -36.95 9.83
N GLN P 55 -42.60 -38.15 10.29
CA GLN P 55 -42.33 -39.38 9.54
C GLN P 55 -43.03 -39.48 8.19
N ASP P 56 -44.11 -38.74 8.00
CA ASP P 56 -44.84 -38.79 6.74
C ASP P 56 -44.28 -37.84 5.70
N ASP P 57 -43.21 -37.14 6.06
CA ASP P 57 -42.56 -36.18 5.18
C ASP P 57 -41.05 -36.45 5.15
N ARG P 58 -40.33 -35.87 4.20
CA ARG P 58 -38.89 -36.13 4.10
C ARG P 58 -38.03 -35.69 5.27
N HIS P 59 -36.97 -36.46 5.49
CA HIS P 59 -36.02 -36.19 6.56
C HIS P 59 -34.82 -35.54 5.87
N ILE P 60 -34.85 -34.21 5.80
CA ILE P 60 -33.80 -33.46 5.13
C ILE P 60 -32.37 -33.77 5.55
N VAL P 61 -32.09 -33.85 6.86
CA VAL P 61 -30.72 -34.13 7.26
C VAL P 61 -30.28 -35.53 6.87
N ASN P 62 -31.07 -36.54 7.20
CA ASN P 62 -30.73 -37.92 6.87
C ASN P 62 -30.59 -38.14 5.37
N ARG P 63 -31.47 -37.51 4.60
CA ARG P 63 -31.44 -37.61 3.15
C ARG P 63 -30.05 -37.23 2.62
N TRP P 64 -29.58 -36.07 3.06
CA TRP P 64 -28.27 -35.59 2.64
C TRP P 64 -27.20 -36.60 2.99
N ALA P 65 -27.24 -37.09 4.24
CA ALA P 65 -26.25 -38.07 4.68
C ALA P 65 -26.29 -39.30 3.77
N GLU P 66 -27.48 -39.83 3.52
CA GLU P 66 -27.56 -41.01 2.66
C GLU P 66 -26.95 -40.72 1.29
N LEU P 67 -27.22 -39.54 0.74
CA LEU P 67 -26.64 -39.20 -0.56
C LEU P 67 -25.13 -39.08 -0.39
N ALA P 68 -24.70 -38.54 0.75
CA ALA P 68 -23.28 -38.35 1.04
C ALA P 68 -22.56 -39.69 1.20
N GLU P 69 -23.29 -40.64 1.79
CA GLU P 69 -22.79 -41.98 2.03
C GLU P 69 -22.63 -42.71 0.70
N GLN P 70 -23.71 -42.67 -0.10
CA GLN P 70 -23.72 -43.34 -1.38
C GLN P 70 -22.67 -42.88 -2.37
N TYR P 71 -22.56 -41.56 -2.56
CA TYR P 71 -21.60 -41.01 -3.50
C TYR P 71 -20.37 -40.37 -2.90
N GLU P 72 -20.12 -40.66 -1.62
CA GLU P 72 -18.95 -40.11 -0.95
C GLU P 72 -18.77 -38.60 -1.14
N LEU P 73 -19.81 -37.83 -0.87
CA LEU P 73 -19.73 -36.38 -1.03
C LEU P 73 -19.02 -35.73 0.16
N ASP P 74 -18.31 -34.63 -0.11
CA ASP P 74 -17.61 -33.90 0.94
C ASP P 74 -18.57 -32.74 1.30
N MET P 75 -19.25 -32.89 2.43
CA MET P 75 -20.19 -31.87 2.84
C MET P 75 -19.56 -31.01 3.93
N VAL P 76 -19.34 -29.74 3.62
CA VAL P 76 -18.71 -28.82 4.54
C VAL P 76 -19.61 -27.79 5.18
N VAL P 77 -19.33 -27.48 6.44
CA VAL P 77 -20.08 -26.50 7.23
C VAL P 77 -19.16 -25.36 7.73
N CYS P 78 -19.43 -24.12 7.30
CA CYS P 78 -18.59 -22.99 7.73
C CYS P 78 -18.54 -22.86 9.24
N VAL P 79 -17.33 -22.91 9.79
CA VAL P 79 -17.13 -22.82 11.23
C VAL P 79 -17.66 -21.54 11.85
N ALA P 80 -17.37 -20.39 11.23
CA ALA P 80 -17.84 -19.10 11.73
C ALA P 80 -19.36 -19.04 11.81
N ALA P 81 -20.03 -19.55 10.77
CA ALA P 81 -21.48 -19.56 10.73
C ALA P 81 -22.00 -20.53 11.78
N ALA P 82 -21.36 -21.69 11.89
CA ALA P 82 -21.77 -22.70 12.86
C ALA P 82 -21.60 -22.21 14.31
N GLN P 83 -20.53 -21.46 14.58
CA GLN P 83 -20.33 -20.95 15.92
C GLN P 83 -21.48 -20.01 16.29
N ARG P 84 -21.88 -19.18 15.34
CA ARG P 84 -22.94 -18.20 15.53
C ARG P 84 -24.34 -18.81 15.73
N ARG P 85 -24.59 -19.97 15.13
CA ARG P 85 -25.92 -20.58 15.22
C ARG P 85 -26.06 -21.81 16.12
N GLY P 86 -24.94 -22.39 16.55
CA GLY P 86 -25.01 -23.53 17.44
C GLY P 86 -24.72 -24.91 16.88
N ILE P 87 -23.91 -24.99 15.82
CA ILE P 87 -23.54 -26.27 15.25
C ILE P 87 -22.18 -26.64 15.82
N VAL P 88 -22.16 -27.66 16.69
CA VAL P 88 -20.94 -28.10 17.38
C VAL P 88 -20.48 -29.56 17.17
N ASP P 89 -19.19 -29.74 16.85
CA ASP P 89 -18.61 -31.07 16.69
C ASP P 89 -17.63 -31.32 17.87
N GLU P 90 -16.89 -32.43 17.81
CA GLU P 90 -15.93 -32.76 18.88
C GLU P 90 -15.03 -31.56 19.17
N GLY P 91 -14.32 -31.12 18.14
CA GLY P 91 -13.41 -30.00 18.28
C GLY P 91 -14.05 -28.77 18.90
N GLU P 92 -15.07 -28.24 18.25
CA GLU P 92 -15.77 -27.06 18.74
C GLU P 92 -16.18 -27.15 20.21
N ALA P 93 -16.77 -28.29 20.60
CA ALA P 93 -17.21 -28.49 21.98
C ALA P 93 -16.05 -28.42 22.95
N SER P 94 -14.89 -28.92 22.54
CA SER P 94 -13.72 -28.88 23.39
C SER P 94 -13.10 -27.49 23.46
N ARG P 95 -12.97 -26.84 22.29
CA ARG P 95 -12.38 -25.51 22.19
C ARG P 95 -13.28 -24.41 22.79
N ASN P 96 -14.59 -24.50 22.54
CA ASN P 96 -15.53 -23.50 23.04
C ASN P 96 -16.09 -23.87 24.41
N GLY P 97 -15.84 -25.11 24.83
CA GLY P 97 -16.33 -25.55 26.13
C GLY P 97 -17.84 -25.62 26.26
N LYS P 98 -18.44 -26.50 25.47
CA LYS P 98 -19.89 -26.71 25.49
C LYS P 98 -20.02 -28.10 26.08
N ASP P 99 -21.18 -28.40 26.64
CA ASP P 99 -21.39 -29.69 27.28
C ASP P 99 -21.98 -30.71 26.30
N ALA P 100 -21.97 -30.39 25.02
CA ALA P 100 -22.55 -31.31 24.05
C ALA P 100 -22.29 -30.94 22.60
N THR P 101 -22.41 -31.92 21.71
CA THR P 101 -22.23 -31.72 20.26
C THR P 101 -23.55 -32.09 19.61
N ASN P 102 -23.79 -31.58 18.40
CA ASN P 102 -25.04 -31.89 17.71
C ASN P 102 -24.88 -32.16 16.22
N ILE P 103 -23.67 -31.95 15.71
CA ILE P 103 -23.40 -32.17 14.27
C ILE P 103 -23.52 -33.63 13.88
N HIS P 104 -23.97 -33.86 12.65
CA HIS P 104 -24.11 -35.21 12.12
C HIS P 104 -22.75 -35.64 11.61
N PRO P 105 -22.28 -36.82 12.03
CA PRO P 105 -20.96 -37.31 11.59
C PRO P 105 -20.65 -37.21 10.09
N LYS P 106 -21.68 -37.25 9.26
CA LYS P 106 -21.47 -37.17 7.81
C LYS P 106 -21.08 -35.78 7.29
N PHE P 107 -21.12 -34.77 8.16
CA PHE P 107 -20.75 -33.40 7.78
C PHE P 107 -19.50 -33.01 8.57
N ARG P 108 -18.65 -32.16 7.99
CA ARG P 108 -17.42 -31.73 8.68
C ARG P 108 -17.31 -30.21 8.75
N ILE P 109 -16.94 -29.68 9.92
CA ILE P 109 -16.78 -28.24 10.07
C ILE P 109 -15.42 -27.80 9.48
N SER P 110 -15.43 -26.69 8.76
CA SER P 110 -14.20 -26.22 8.13
C SER P 110 -14.22 -24.70 7.93
N GLY P 111 -13.14 -24.17 7.38
CA GLY P 111 -13.09 -22.74 7.15
C GLY P 111 -13.73 -22.32 5.84
N LEU P 112 -14.11 -21.06 5.77
CA LEU P 112 -14.75 -20.46 4.59
C LEU P 112 -13.88 -20.65 3.37
N GLY P 113 -12.57 -20.82 3.60
CA GLY P 113 -11.65 -21.01 2.51
C GLY P 113 -12.00 -22.20 1.65
N GLN P 114 -12.73 -23.15 2.23
CA GLN P 114 -13.15 -24.36 1.53
C GLN P 114 -14.24 -24.07 0.46
N LEU P 115 -14.99 -22.99 0.67
CA LEU P 115 -16.01 -22.60 -0.28
C LEU P 115 -15.26 -22.13 -1.51
N VAL P 116 -14.43 -21.10 -1.32
CA VAL P 116 -13.66 -20.55 -2.41
C VAL P 116 -12.88 -21.69 -3.07
N GLU P 117 -12.29 -22.53 -2.25
CA GLU P 117 -11.50 -23.65 -2.75
C GLU P 117 -12.32 -24.44 -3.77
N ALA P 118 -13.59 -24.69 -3.45
CA ALA P 118 -14.46 -25.45 -4.35
C ALA P 118 -14.78 -24.65 -5.62
N ALA P 119 -15.07 -23.35 -5.44
CA ALA P 119 -15.39 -22.49 -6.57
C ALA P 119 -14.31 -22.59 -7.65
N ILE P 120 -13.06 -22.75 -7.22
CA ILE P 120 -11.94 -22.83 -8.14
C ILE P 120 -11.82 -24.20 -8.81
N GLN P 121 -11.99 -25.26 -8.02
CA GLN P 121 -11.87 -26.63 -8.54
C GLN P 121 -13.04 -27.09 -9.40
N ALA P 122 -14.24 -26.64 -9.07
CA ALA P 122 -15.43 -27.06 -9.80
C ALA P 122 -15.66 -26.26 -11.07
N ASP P 123 -16.35 -26.88 -12.02
CA ASP P 123 -16.66 -26.24 -13.28
C ASP P 123 -17.84 -25.30 -13.12
N ARG P 124 -18.72 -25.62 -12.19
CA ARG P 124 -19.88 -24.79 -11.94
C ARG P 124 -20.15 -24.60 -10.45
N LEU P 125 -20.58 -23.40 -10.07
CA LEU P 125 -20.92 -23.07 -8.69
C LEU P 125 -22.40 -22.71 -8.71
N VAL P 126 -23.23 -23.63 -8.23
CA VAL P 126 -24.66 -23.41 -8.19
C VAL P 126 -25.06 -23.04 -6.75
N VAL P 127 -25.58 -21.84 -6.58
CA VAL P 127 -25.99 -21.32 -5.28
C VAL P 127 -27.50 -21.40 -5.05
N PHE P 128 -27.88 -22.01 -3.93
CA PHE P 128 -29.28 -22.17 -3.53
C PHE P 128 -29.56 -21.41 -2.24
N GLY P 129 -30.40 -20.38 -2.33
CA GLY P 129 -30.68 -19.59 -1.14
C GLY P 129 -32.09 -19.06 -1.07
N ASP P 130 -32.23 -17.88 -0.46
CA ASP P 130 -33.52 -17.23 -0.30
C ASP P 130 -33.75 -16.23 -1.43
N VAL Q 5 -6.46 -16.54 -12.35
CA VAL Q 5 -6.83 -17.38 -13.49
C VAL Q 5 -8.35 -17.32 -13.72
N LYS Q 6 -9.12 -17.52 -12.65
CA LYS Q 6 -10.59 -17.44 -12.75
C LYS Q 6 -11.12 -16.07 -12.35
N LYS Q 7 -12.21 -15.64 -12.99
CA LYS Q 7 -12.80 -14.36 -12.65
C LYS Q 7 -14.02 -14.62 -11.75
N PHE Q 8 -13.99 -14.07 -10.54
CA PHE Q 8 -15.06 -14.26 -9.56
C PHE Q 8 -15.88 -13.00 -9.30
N MET Q 9 -17.20 -13.15 -9.22
CA MET Q 9 -18.06 -11.99 -8.94
C MET Q 9 -18.88 -12.19 -7.67
N TYR Q 10 -18.74 -11.26 -6.73
CA TYR Q 10 -19.51 -11.33 -5.50
C TYR Q 10 -20.70 -10.40 -5.65
N LEU Q 11 -21.87 -11.00 -5.86
CA LEU Q 11 -23.10 -10.25 -6.08
C LEU Q 11 -23.85 -9.90 -4.79
N ASN Q 12 -23.83 -8.63 -4.41
CA ASN Q 12 -24.52 -8.16 -3.21
C ASN Q 12 -25.74 -7.35 -3.60
N ARG Q 13 -26.93 -7.85 -3.26
CA ARG Q 13 -28.16 -7.16 -3.60
C ARG Q 13 -29.13 -6.90 -2.45
N LYS Q 14 -28.69 -7.09 -1.20
CA LYS Q 14 -29.57 -6.89 -0.04
C LYS Q 14 -29.06 -5.82 0.91
N ALA Q 15 -29.98 -5.15 1.59
CA ALA Q 15 -29.64 -4.11 2.53
C ALA Q 15 -28.99 -4.70 3.77
N PRO Q 16 -28.06 -3.96 4.40
CA PRO Q 16 -27.37 -4.41 5.61
C PRO Q 16 -28.21 -4.33 6.89
N TYR Q 17 -27.88 -5.20 7.85
CA TYR Q 17 -28.55 -5.27 9.15
C TYR Q 17 -29.91 -5.96 9.16
N GLY Q 18 -30.74 -5.71 8.15
CA GLY Q 18 -32.05 -6.34 8.10
C GLY Q 18 -31.89 -7.85 8.09
N THR Q 19 -30.86 -8.29 7.38
CA THR Q 19 -30.52 -9.69 7.30
C THR Q 19 -29.01 -9.74 7.42
N ILE Q 20 -28.48 -10.93 7.66
CA ILE Q 20 -27.04 -11.09 7.83
C ILE Q 20 -26.25 -11.18 6.53
N TYR Q 21 -26.93 -11.39 5.41
CA TYR Q 21 -26.26 -11.55 4.13
C TYR Q 21 -25.18 -10.56 3.75
N ALA Q 22 -25.36 -9.30 4.15
CA ALA Q 22 -24.36 -8.29 3.84
C ALA Q 22 -23.07 -8.59 4.58
N TRP Q 23 -23.17 -8.78 5.90
CA TRP Q 23 -22.02 -9.07 6.73
C TRP Q 23 -21.30 -10.36 6.33
N GLU Q 24 -22.02 -11.47 6.32
CA GLU Q 24 -21.39 -12.73 5.97
C GLU Q 24 -20.90 -12.82 4.53
N ALA Q 25 -21.38 -11.97 3.63
CA ALA Q 25 -20.89 -12.01 2.25
C ALA Q 25 -19.49 -11.41 2.27
N LEU Q 26 -19.36 -10.30 2.99
CA LEU Q 26 -18.10 -9.58 3.15
C LEU Q 26 -16.99 -10.51 3.66
N GLU Q 27 -17.34 -11.37 4.61
CA GLU Q 27 -16.43 -12.34 5.20
C GLU Q 27 -15.80 -13.24 4.14
N VAL Q 28 -16.60 -13.64 3.16
CA VAL Q 28 -16.13 -14.52 2.11
C VAL Q 28 -15.15 -13.81 1.19
N VAL Q 29 -15.40 -12.54 0.93
CA VAL Q 29 -14.51 -11.77 0.07
C VAL Q 29 -13.12 -11.68 0.70
N LEU Q 30 -13.07 -11.38 2.00
CA LEU Q 30 -11.80 -11.29 2.71
C LEU Q 30 -11.05 -12.62 2.64
N ILE Q 31 -11.75 -13.71 2.94
CA ILE Q 31 -11.16 -15.04 2.88
C ILE Q 31 -10.69 -15.35 1.44
N GLY Q 32 -11.56 -15.06 0.46
CA GLY Q 32 -11.22 -15.33 -0.93
C GLY Q 32 -10.07 -14.52 -1.52
N ALA Q 33 -9.74 -13.38 -0.89
CA ALA Q 33 -8.65 -12.56 -1.40
C ALA Q 33 -7.36 -13.35 -1.44
N ALA Q 34 -7.16 -14.20 -0.44
CA ALA Q 34 -5.95 -15.00 -0.32
C ALA Q 34 -5.75 -16.04 -1.42
N PHE Q 35 -6.77 -16.32 -2.21
CA PHE Q 35 -6.62 -17.30 -3.28
C PHE Q 35 -6.26 -16.59 -4.58
N ASP Q 36 -6.01 -15.30 -4.46
CA ASP Q 36 -5.64 -14.45 -5.59
C ASP Q 36 -6.19 -14.84 -6.96
N GLN Q 37 -7.49 -14.66 -7.14
CA GLN Q 37 -8.14 -14.92 -8.41
C GLN Q 37 -8.59 -13.51 -8.80
N ASP Q 38 -9.07 -13.33 -10.03
CA ASP Q 38 -9.51 -12.01 -10.46
C ASP Q 38 -10.88 -11.75 -9.85
N VAL Q 39 -10.86 -11.12 -8.68
CA VAL Q 39 -12.08 -10.83 -7.93
C VAL Q 39 -12.67 -9.44 -8.14
N CYS Q 40 -14.00 -9.38 -8.23
CA CYS Q 40 -14.74 -8.14 -8.39
C CYS Q 40 -16.01 -8.21 -7.53
N VAL Q 41 -16.28 -7.13 -6.80
CA VAL Q 41 -17.45 -7.05 -5.94
C VAL Q 41 -18.43 -6.05 -6.54
N LEU Q 42 -19.65 -6.51 -6.83
CA LEU Q 42 -20.69 -5.66 -7.42
C LEU Q 42 -21.89 -5.45 -6.51
N PHE Q 43 -22.33 -4.20 -6.39
CA PHE Q 43 -23.50 -3.90 -5.57
C PHE Q 43 -24.64 -3.47 -6.51
N LEU Q 44 -25.78 -4.13 -6.37
CA LEU Q 44 -26.94 -3.89 -7.23
C LEU Q 44 -28.23 -3.87 -6.39
N ASP Q 45 -29.23 -3.10 -6.84
CA ASP Q 45 -30.49 -2.99 -6.10
C ASP Q 45 -30.16 -2.53 -4.68
N ASP Q 46 -30.80 -3.11 -3.66
CA ASP Q 46 -30.53 -2.70 -2.28
C ASP Q 46 -29.08 -2.97 -1.89
N GLY Q 47 -28.34 -3.63 -2.77
CA GLY Q 47 -26.95 -3.93 -2.51
C GLY Q 47 -26.17 -2.63 -2.31
N VAL Q 48 -26.55 -1.57 -2.99
CA VAL Q 48 -25.83 -0.32 -2.83
C VAL Q 48 -25.93 0.27 -1.42
N TYR Q 49 -26.98 -0.08 -0.69
CA TYR Q 49 -27.13 0.44 0.69
C TYR Q 49 -26.06 -0.12 1.60
N GLN Q 50 -25.31 -1.10 1.10
CA GLN Q 50 -24.26 -1.74 1.86
C GLN Q 50 -23.07 -0.79 2.05
N LEU Q 51 -22.80 0.04 1.06
CA LEU Q 51 -21.68 1.00 1.14
C LEU Q 51 -22.13 2.39 1.52
N THR Q 52 -23.22 2.53 2.27
CA THR Q 52 -23.61 3.88 2.63
C THR Q 52 -22.61 4.31 3.70
N ARG Q 53 -22.41 5.61 3.85
CA ARG Q 53 -21.47 6.12 4.83
C ARG Q 53 -22.17 6.70 6.06
N GLY Q 54 -21.45 6.74 7.18
CA GLY Q 54 -22.02 7.30 8.41
C GLY Q 54 -22.94 6.39 9.20
N GLN Q 55 -22.83 5.08 8.99
CA GLN Q 55 -23.66 4.13 9.70
C GLN Q 55 -23.33 4.12 11.19
N ASP Q 56 -24.36 4.24 12.02
CA ASP Q 56 -24.24 4.24 13.48
C ASP Q 56 -25.22 3.18 14.00
N THR Q 57 -24.72 1.99 14.33
CA THR Q 57 -25.56 0.88 14.79
C THR Q 57 -25.79 0.77 16.30
N LYS Q 58 -25.47 1.82 17.04
CA LYS Q 58 -25.63 1.79 18.49
C LYS Q 58 -27.08 1.59 18.92
N GLY Q 59 -27.99 2.27 18.23
CA GLY Q 59 -29.41 2.17 18.55
C GLY Q 59 -30.06 0.81 18.42
N ILE Q 60 -29.53 -0.05 17.56
CA ILE Q 60 -30.13 -1.37 17.40
C ILE Q 60 -29.36 -2.46 18.12
N GLY Q 61 -28.30 -2.08 18.81
CA GLY Q 61 -27.53 -3.07 19.56
C GLY Q 61 -26.76 -4.08 18.75
N MET Q 62 -26.32 -3.69 17.57
CA MET Q 62 -25.54 -4.59 16.72
C MET Q 62 -24.22 -3.91 16.45
N LYS Q 63 -23.21 -4.71 16.10
CA LYS Q 63 -21.88 -4.20 15.81
C LYS Q 63 -21.87 -3.57 14.42
N ASN Q 64 -21.28 -2.39 14.27
CA ASN Q 64 -21.20 -1.76 12.96
C ASN Q 64 -20.00 -2.36 12.23
N PHE Q 65 -20.27 -3.11 11.18
CA PHE Q 65 -19.21 -3.75 10.42
C PHE Q 65 -18.87 -2.99 9.15
N SER Q 66 -19.53 -1.85 8.91
CA SER Q 66 -19.27 -1.07 7.71
C SER Q 66 -17.79 -0.76 7.47
N PRO Q 67 -17.03 -0.44 8.54
CA PRO Q 67 -15.60 -0.11 8.40
C PRO Q 67 -14.80 -1.14 7.62
N THR Q 68 -15.24 -2.39 7.65
CA THR Q 68 -14.50 -3.42 6.95
C THR Q 68 -14.54 -3.22 5.43
N TYR Q 69 -15.60 -2.62 4.90
CA TYR Q 69 -15.68 -2.40 3.44
C TYR Q 69 -14.49 -1.55 2.99
N ARG Q 70 -14.19 -0.49 3.75
CA ARG Q 70 -13.11 0.43 3.42
C ARG Q 70 -11.69 -0.17 3.41
N THR Q 71 -11.55 -1.40 3.90
CA THR Q 71 -10.26 -2.05 3.93
C THR Q 71 -10.13 -3.11 2.83
N LEU Q 72 -11.08 -3.14 1.91
CA LEU Q 72 -11.01 -4.12 0.84
C LEU Q 72 -9.79 -3.84 -0.05
N GLY Q 73 -9.32 -2.60 -0.02
CA GLY Q 73 -8.16 -2.27 -0.83
C GLY Q 73 -6.96 -3.08 -0.38
N ASP Q 74 -6.79 -3.16 0.93
CA ASP Q 74 -5.68 -3.89 1.52
C ASP Q 74 -5.73 -5.38 1.21
N TYR Q 75 -6.89 -5.85 0.81
CA TYR Q 75 -7.03 -7.26 0.48
C TYR Q 75 -6.87 -7.52 -1.01
N GLU Q 76 -6.36 -6.52 -1.73
CA GLU Q 76 -6.14 -6.63 -3.16
C GLU Q 76 -7.43 -6.69 -3.97
N VAL Q 77 -8.49 -6.07 -3.47
CA VAL Q 77 -9.73 -6.04 -4.23
C VAL Q 77 -9.71 -4.72 -4.99
N ARG Q 78 -9.48 -4.83 -6.29
CA ARG Q 78 -9.39 -3.67 -7.15
C ARG Q 78 -10.71 -3.38 -7.88
N ARG Q 79 -11.47 -4.43 -8.20
CA ARG Q 79 -12.73 -4.25 -8.93
C ARG Q 79 -13.99 -4.19 -8.08
N ILE Q 80 -14.38 -2.99 -7.66
CA ILE Q 80 -15.58 -2.78 -6.85
C ILE Q 80 -16.56 -1.85 -7.59
N TYR Q 81 -17.65 -2.44 -8.10
CA TYR Q 81 -18.65 -1.68 -8.85
C TYR Q 81 -19.98 -1.44 -8.16
N VAL Q 82 -20.63 -0.36 -8.58
CA VAL Q 82 -21.93 0.02 -8.06
C VAL Q 82 -22.82 0.42 -9.24
N ASP Q 83 -23.99 -0.20 -9.32
CA ASP Q 83 -24.97 0.06 -10.35
C ASP Q 83 -25.53 1.44 -10.09
N ARG Q 84 -25.46 2.32 -11.09
CA ARG Q 84 -25.97 3.68 -10.92
C ARG Q 84 -27.50 3.76 -10.89
N ASP Q 85 -28.17 2.98 -11.75
CA ASP Q 85 -29.63 2.96 -11.79
C ASP Q 85 -30.14 2.74 -10.37
N SER Q 86 -29.49 1.84 -9.64
CA SER Q 86 -29.86 1.54 -8.28
C SER Q 86 -29.73 2.77 -7.37
N LEU Q 87 -28.62 3.49 -7.49
CA LEU Q 87 -28.41 4.70 -6.69
C LEU Q 87 -29.45 5.76 -7.07
N GLU Q 88 -29.69 5.90 -8.37
CA GLU Q 88 -30.66 6.87 -8.86
C GLU Q 88 -32.05 6.55 -8.31
N ALA Q 89 -32.47 5.29 -8.45
CA ALA Q 89 -33.78 4.85 -7.97
C ALA Q 89 -33.97 5.18 -6.49
N ARG Q 90 -32.89 5.08 -5.73
CA ARG Q 90 -32.93 5.34 -4.29
C ARG Q 90 -32.54 6.76 -3.90
N GLY Q 91 -32.44 7.64 -4.91
CA GLY Q 91 -32.08 9.02 -4.67
C GLY Q 91 -30.72 9.17 -4.02
N LEU Q 92 -29.71 8.50 -4.57
CA LEU Q 92 -28.37 8.55 -4.03
C LEU Q 92 -27.36 8.90 -5.10
N THR Q 93 -26.17 9.27 -4.66
CA THR Q 93 -25.05 9.61 -5.54
C THR Q 93 -23.83 9.02 -4.89
N GLN Q 94 -22.74 8.91 -5.63
CA GLN Q 94 -21.51 8.32 -5.10
C GLN Q 94 -21.04 9.02 -3.84
N ASP Q 95 -21.61 10.21 -3.58
CA ASP Q 95 -21.29 10.98 -2.40
C ASP Q 95 -21.93 10.38 -1.16
N ASP Q 96 -22.85 9.45 -1.36
CA ASP Q 96 -23.53 8.82 -0.23
C ASP Q 96 -22.81 7.57 0.21
N LEU Q 97 -21.93 7.08 -0.65
CA LEU Q 97 -21.17 5.86 -0.40
C LEU Q 97 -19.80 6.17 0.22
N VAL Q 98 -19.16 5.16 0.82
CA VAL Q 98 -17.83 5.35 1.41
C VAL Q 98 -16.79 5.23 0.31
N GLU Q 99 -15.56 5.65 0.60
CA GLU Q 99 -14.49 5.56 -0.37
C GLU Q 99 -13.61 4.39 0.08
N ILE Q 100 -13.05 3.68 -0.91
CA ILE Q 100 -12.21 2.53 -0.62
C ILE Q 100 -10.87 2.72 -1.33
N ALA Q 101 -9.87 3.16 -0.58
CA ALA Q 101 -8.54 3.41 -1.15
C ALA Q 101 -7.82 2.13 -1.56
N PHE Q 102 -6.97 2.24 -2.58
CA PHE Q 102 -6.20 1.09 -3.04
C PHE Q 102 -4.86 1.52 -3.62
N GLU Q 103 -3.79 0.94 -3.10
CA GLU Q 103 -2.46 1.28 -3.59
C GLU Q 103 -1.75 0.03 -4.10
N ASP Q 104 -1.40 0.05 -5.38
CA ASP Q 104 -0.69 -1.06 -5.98
C ASP Q 104 0.75 -0.95 -5.53
N MET Q 105 1.05 -1.48 -4.35
CA MET Q 105 2.39 -1.44 -3.79
C MET Q 105 3.45 -1.95 -4.76
N GLU Q 106 3.01 -2.70 -5.78
CA GLU Q 106 3.93 -3.25 -6.76
C GLU Q 106 4.42 -2.20 -7.77
N THR Q 107 3.69 -1.09 -7.87
CA THR Q 107 4.08 -0.03 -8.81
C THR Q 107 3.93 1.38 -8.22
N GLU Q 108 3.77 1.45 -6.90
CA GLU Q 108 3.64 2.72 -6.18
C GLU Q 108 2.27 3.42 -6.24
N GLU Q 109 1.53 3.21 -7.33
CA GLU Q 109 0.40 4.17 -7.67
C GLU Q 109 -0.59 4.02 -6.50
N GLU Q 110 -1.10 5.15 -6.01
CA GLU Q 110 -2.05 5.14 -4.90
C GLU Q 110 -3.36 5.81 -5.31
N PHE Q 111 -4.46 5.05 -5.24
CA PHE Q 111 -5.78 5.55 -5.61
C PHE Q 111 -6.61 5.89 -4.38
N ASP Q 112 -7.19 7.08 -4.34
CA ASP Q 112 -7.97 7.48 -3.19
C ASP Q 112 -9.27 6.72 -3.07
N ASN Q 113 -9.80 6.23 -4.18
CA ASN Q 113 -11.06 5.51 -4.17
C ASN Q 113 -11.26 4.75 -5.47
N ILE Q 114 -11.43 3.43 -5.39
CA ILE Q 114 -11.61 2.62 -6.58
C ILE Q 114 -13.07 2.20 -6.76
N VAL Q 115 -13.96 2.78 -5.95
CA VAL Q 115 -15.37 2.47 -6.07
C VAL Q 115 -15.83 3.09 -7.38
N GLU Q 116 -16.22 2.26 -8.32
CA GLU Q 116 -16.65 2.76 -9.61
C GLU Q 116 -18.15 2.59 -9.86
N VAL Q 117 -18.86 3.70 -10.10
CA VAL Q 117 -20.29 3.62 -10.39
C VAL Q 117 -20.40 3.37 -11.89
N ILE Q 118 -21.12 2.30 -12.27
CA ILE Q 118 -21.26 1.94 -13.70
C ILE Q 118 -22.70 1.88 -14.18
N ASP Q 119 -22.87 1.90 -15.50
CA ASP Q 119 -24.19 1.85 -16.13
C ASP Q 119 -24.60 0.41 -16.43
N SER Q 120 -25.89 0.20 -16.59
CA SER Q 120 -26.46 -1.12 -16.84
C SER Q 120 -25.70 -1.99 -17.85
N ALA Q 121 -25.39 -1.44 -19.01
CA ALA Q 121 -24.69 -2.21 -20.03
C ALA Q 121 -23.34 -2.74 -19.55
N ARG Q 122 -22.66 -1.97 -18.70
CA ARG Q 122 -21.36 -2.37 -18.17
C ARG Q 122 -21.52 -3.51 -17.17
N VAL Q 123 -22.59 -3.44 -16.39
CA VAL Q 123 -22.92 -4.46 -15.40
C VAL Q 123 -23.10 -5.79 -16.11
N SER Q 124 -23.98 -5.80 -17.09
CA SER Q 124 -24.25 -7.01 -17.85
C SER Q 124 -22.95 -7.57 -18.42
N GLU Q 125 -22.04 -6.66 -18.77
CA GLU Q 125 -20.76 -7.05 -19.35
C GLU Q 125 -19.94 -7.80 -18.31
N LEU Q 126 -19.94 -7.30 -17.09
CA LEU Q 126 -19.19 -7.91 -16.00
C LEU Q 126 -19.71 -9.29 -15.61
N MET Q 127 -21.03 -9.46 -15.66
CA MET Q 127 -21.62 -10.74 -15.31
C MET Q 127 -21.19 -11.75 -16.35
N ASN Q 128 -21.16 -11.33 -17.61
CA ASN Q 128 -20.77 -12.22 -18.68
C ASN Q 128 -19.29 -12.59 -18.64
N GLU Q 129 -18.48 -11.75 -18.01
CA GLU Q 129 -17.04 -12.00 -17.93
C GLU Q 129 -16.64 -12.90 -16.77
N SER Q 130 -17.54 -13.08 -15.81
CA SER Q 130 -17.23 -13.89 -14.63
C SER Q 130 -17.38 -15.40 -14.83
N ASP Q 131 -16.46 -16.15 -14.22
CA ASP Q 131 -16.46 -17.61 -14.32
C ASP Q 131 -17.35 -18.25 -13.25
N ALA Q 132 -17.52 -17.54 -12.15
CA ALA Q 132 -18.37 -18.03 -11.06
C ALA Q 132 -18.92 -16.83 -10.34
N VAL Q 133 -20.15 -16.96 -9.85
CA VAL Q 133 -20.82 -15.89 -9.13
C VAL Q 133 -21.33 -16.33 -7.78
N PHE Q 134 -20.91 -15.63 -6.75
CA PHE Q 134 -21.35 -15.89 -5.39
C PHE Q 134 -22.56 -14.99 -5.14
N SER Q 135 -23.64 -15.59 -4.66
CA SER Q 135 -24.87 -14.86 -4.39
C SER Q 135 -25.28 -15.02 -2.92
N PHE Q 136 -25.94 -14.00 -2.39
CA PHE Q 136 -26.37 -13.98 -1.00
C PHE Q 136 -27.72 -13.29 -0.89
N SER R 2 -24.16 -17.55 -22.52
CA SER R 2 -23.16 -18.14 -21.66
C SER R 2 -23.60 -18.17 -20.19
N ILE R 3 -24.59 -17.35 -19.85
CA ILE R 3 -25.08 -17.30 -18.49
C ILE R 3 -26.47 -17.86 -18.25
N LEU R 4 -26.56 -18.78 -17.29
CA LEU R 4 -27.85 -19.33 -16.93
C LEU R 4 -28.30 -18.63 -15.65
N HIS R 5 -29.29 -17.75 -15.78
CA HIS R 5 -29.82 -17.00 -14.64
C HIS R 5 -30.85 -17.89 -13.93
N THR R 6 -30.91 -17.81 -12.61
CA THR R 6 -31.88 -18.58 -11.86
C THR R 6 -32.65 -17.62 -10.97
N VAL R 7 -33.97 -17.65 -11.07
CA VAL R 7 -34.80 -16.78 -10.26
C VAL R 7 -35.73 -17.69 -9.47
N ASN R 8 -35.56 -17.69 -8.17
CA ASN R 8 -36.35 -18.55 -7.30
C ASN R 8 -37.41 -17.84 -6.48
N LYS R 9 -37.73 -16.60 -6.83
CA LYS R 9 -38.73 -15.85 -6.06
C LYS R 9 -39.89 -15.27 -6.88
N SER R 10 -41.06 -15.19 -6.27
CA SER R 10 -42.27 -14.68 -6.92
C SER R 10 -42.08 -13.26 -7.43
N PRO R 11 -42.51 -12.99 -8.67
CA PRO R 11 -42.37 -11.64 -9.24
C PRO R 11 -43.31 -10.63 -8.61
N PHE R 12 -44.26 -11.11 -7.82
CA PHE R 12 -45.25 -10.27 -7.16
C PHE R 12 -44.81 -9.91 -5.75
N GLU R 13 -43.79 -10.61 -5.26
CA GLU R 13 -43.26 -10.38 -3.92
C GLU R 13 -41.83 -9.83 -3.93
N ARG R 14 -41.02 -10.24 -4.91
CA ARG R 14 -39.63 -9.78 -5.02
C ARG R 14 -39.30 -9.13 -6.35
N ASN R 15 -38.30 -8.26 -6.34
CA ASN R 15 -37.89 -7.57 -7.55
C ASN R 15 -36.84 -8.36 -8.33
N SER R 16 -36.55 -9.58 -7.88
CA SER R 16 -35.52 -10.38 -8.54
C SER R 16 -35.76 -10.62 -10.03
N LEU R 17 -37.00 -10.95 -10.41
CA LEU R 17 -37.33 -11.21 -11.81
C LEU R 17 -37.03 -10.01 -12.69
N GLU R 18 -37.49 -8.84 -12.26
CA GLU R 18 -37.25 -7.61 -13.01
C GLU R 18 -35.76 -7.40 -13.17
N SER R 19 -35.04 -7.36 -12.05
CA SER R 19 -33.60 -7.16 -12.11
C SER R 19 -32.96 -8.15 -13.06
N CYS R 20 -33.33 -9.42 -12.98
CA CYS R 20 -32.74 -10.42 -13.87
C CYS R 20 -32.96 -10.15 -15.36
N LEU R 21 -34.19 -9.82 -15.75
CA LEU R 21 -34.51 -9.57 -17.15
C LEU R 21 -33.87 -8.29 -17.65
N LYS R 22 -33.55 -7.40 -16.71
CA LYS R 22 -32.92 -6.15 -17.05
C LYS R 22 -31.45 -6.32 -17.40
N PHE R 23 -30.75 -7.24 -16.74
CA PHE R 23 -29.34 -7.39 -17.06
C PHE R 23 -28.98 -8.60 -17.92
N ALA R 24 -29.91 -9.54 -18.08
CA ALA R 24 -29.65 -10.73 -18.91
C ALA R 24 -29.52 -10.29 -20.36
N THR R 25 -28.43 -10.68 -21.01
CA THR R 25 -28.24 -10.29 -22.38
C THR R 25 -28.53 -11.37 -23.40
N GLU R 26 -28.43 -10.95 -24.66
CA GLU R 26 -28.63 -11.79 -25.82
C GLU R 26 -28.12 -13.21 -25.57
N GLY R 27 -28.89 -14.19 -26.03
CA GLY R 27 -28.50 -15.60 -25.90
C GLY R 27 -28.36 -16.21 -24.52
N ALA R 28 -28.67 -15.48 -23.46
CA ALA R 28 -28.57 -16.04 -22.12
C ALA R 28 -29.84 -16.83 -21.84
N SER R 29 -29.79 -17.70 -20.82
CA SER R 29 -30.95 -18.50 -20.44
C SER R 29 -31.46 -18.07 -19.07
N VAL R 30 -32.75 -18.22 -18.81
CA VAL R 30 -33.30 -17.87 -17.51
C VAL R 30 -34.13 -19.05 -17.04
N LEU R 31 -33.95 -19.48 -15.79
CA LEU R 31 -34.71 -20.61 -15.27
C LEU R 31 -35.53 -20.22 -14.06
N LEU R 32 -36.84 -20.44 -14.15
CA LEU R 32 -37.71 -20.09 -13.04
C LEU R 32 -38.02 -21.30 -12.18
N PHE R 33 -37.64 -21.27 -10.91
CA PHE R 33 -37.96 -22.38 -10.04
C PHE R 33 -38.41 -21.92 -8.67
N GLU R 34 -38.75 -22.89 -7.83
CA GLU R 34 -39.27 -22.57 -6.50
C GLU R 34 -40.39 -21.55 -6.68
N ASP R 35 -40.51 -20.59 -5.78
CA ASP R 35 -41.58 -19.62 -5.94
C ASP R 35 -41.44 -18.79 -7.22
N GLY R 36 -40.33 -18.95 -7.95
CA GLY R 36 -40.16 -18.17 -9.16
C GLY R 36 -41.05 -18.64 -10.31
N ILE R 37 -41.67 -19.79 -10.11
CA ILE R 37 -42.53 -20.41 -11.09
C ILE R 37 -43.70 -19.54 -11.55
N TYR R 38 -44.38 -18.92 -10.59
CA TYR R 38 -45.54 -18.10 -10.90
C TYR R 38 -45.35 -17.11 -12.05
N ALA R 39 -44.11 -16.76 -12.35
CA ALA R 39 -43.84 -15.81 -13.42
C ALA R 39 -43.94 -16.45 -14.80
N ALA R 40 -44.09 -17.76 -14.84
CA ALA R 40 -44.20 -18.49 -16.11
C ALA R 40 -45.68 -18.58 -16.51
N LEU R 41 -46.57 -18.28 -15.55
CA LEU R 41 -48.00 -18.38 -15.78
C LEU R 41 -48.67 -17.36 -16.67
N ALA R 42 -49.37 -17.87 -17.68
CA ALA R 42 -50.09 -17.03 -18.63
C ALA R 42 -51.20 -16.27 -17.91
N GLY R 43 -51.40 -15.01 -18.30
CA GLY R 43 -52.44 -14.23 -17.68
C GLY R 43 -52.12 -13.47 -16.42
N THR R 44 -50.88 -13.53 -15.93
CA THR R 44 -50.58 -12.76 -14.71
C THR R 44 -50.18 -11.36 -15.14
N ARG R 45 -50.10 -10.49 -14.14
CA ARG R 45 -49.73 -9.09 -14.29
C ARG R 45 -48.34 -8.85 -14.94
N VAL R 46 -47.51 -9.87 -15.03
CA VAL R 46 -46.18 -9.72 -15.63
C VAL R 46 -45.98 -10.57 -16.88
N GLU R 47 -47.09 -11.05 -17.44
CA GLU R 47 -47.00 -11.88 -18.64
C GLU R 47 -46.31 -11.13 -19.77
N SER R 48 -46.69 -9.87 -19.93
CA SER R 48 -46.15 -9.03 -21.00
C SER R 48 -44.63 -8.92 -20.96
N GLN R 49 -44.06 -8.46 -19.86
CA GLN R 49 -42.63 -8.34 -19.79
C GLN R 49 -41.90 -9.68 -19.89
N VAL R 50 -42.51 -10.73 -19.34
CA VAL R 50 -41.90 -12.05 -19.41
C VAL R 50 -41.87 -12.52 -20.86
N THR R 51 -42.99 -12.34 -21.56
CA THR R 51 -43.12 -12.72 -22.96
C THR R 51 -42.13 -11.88 -23.77
N GLU R 52 -42.08 -10.59 -23.47
CA GLU R 52 -41.17 -9.67 -24.15
C GLU R 52 -39.77 -10.30 -24.18
N ALA R 53 -39.32 -10.79 -23.03
CA ALA R 53 -38.00 -11.41 -22.88
C ALA R 53 -37.74 -12.54 -23.87
N LEU R 54 -38.79 -13.28 -24.23
CA LEU R 54 -38.64 -14.38 -25.19
C LEU R 54 -37.93 -13.89 -26.42
N GLY R 55 -37.84 -12.57 -26.57
CA GLY R 55 -37.16 -12.00 -27.71
C GLY R 55 -35.72 -12.47 -27.78
N LYS R 56 -34.90 -12.03 -26.85
CA LYS R 56 -33.49 -12.39 -26.84
C LYS R 56 -33.06 -13.50 -25.89
N LEU R 57 -33.96 -13.90 -24.98
CA LEU R 57 -33.62 -14.94 -24.01
C LEU R 57 -34.29 -16.28 -24.26
N LYS R 58 -33.78 -17.29 -23.57
CA LYS R 58 -34.33 -18.63 -23.62
C LYS R 58 -34.90 -18.76 -22.22
N LEU R 59 -36.20 -18.95 -22.11
CA LEU R 59 -36.81 -19.05 -20.79
C LEU R 59 -37.24 -20.47 -20.46
N TYR R 60 -37.01 -20.84 -19.19
CA TYR R 60 -37.38 -22.15 -18.70
C TYR R 60 -38.02 -22.07 -17.33
N VAL R 61 -38.88 -23.05 -17.03
CA VAL R 61 -39.58 -23.14 -15.75
C VAL R 61 -39.45 -24.59 -15.27
N LEU R 62 -39.24 -24.80 -13.98
CA LEU R 62 -39.07 -26.16 -13.44
C LEU R 62 -40.41 -26.88 -13.22
N GLY R 63 -40.63 -27.91 -14.03
CA GLY R 63 -41.86 -28.69 -13.97
C GLY R 63 -42.31 -29.09 -12.58
N PRO R 64 -41.44 -29.72 -11.78
CA PRO R 64 -41.76 -30.15 -10.41
C PRO R 64 -42.37 -29.06 -9.56
N ASP R 65 -41.88 -27.83 -9.71
CA ASP R 65 -42.39 -26.72 -8.92
C ASP R 65 -43.73 -26.20 -9.41
N LEU R 66 -43.94 -26.21 -10.72
CA LEU R 66 -45.22 -25.78 -11.28
C LEU R 66 -46.36 -26.67 -10.78
N LYS R 67 -46.13 -27.98 -10.78
CA LYS R 67 -47.11 -28.95 -10.35
C LYS R 67 -47.34 -28.85 -8.86
N ALA R 68 -46.24 -28.67 -8.12
CA ALA R 68 -46.35 -28.59 -6.67
C ALA R 68 -47.29 -27.47 -6.28
N ARG R 69 -47.30 -26.41 -7.08
CA ARG R 69 -48.16 -25.27 -6.77
C ARG R 69 -49.52 -25.34 -7.45
N GLY R 70 -49.75 -26.44 -8.16
CA GLY R 70 -51.03 -26.65 -8.82
C GLY R 70 -51.25 -26.18 -10.24
N PHE R 71 -50.20 -26.18 -11.05
CA PHE R 71 -50.32 -25.76 -12.44
C PHE R 71 -49.67 -26.75 -13.36
N SER R 72 -50.37 -27.08 -14.45
CA SER R 72 -49.88 -28.01 -15.46
C SER R 72 -49.07 -27.22 -16.49
N ASP R 73 -48.37 -27.90 -17.38
CA ASP R 73 -47.58 -27.19 -18.38
C ASP R 73 -48.44 -26.27 -19.25
N GLU R 74 -49.69 -26.66 -19.47
CA GLU R 74 -50.61 -25.87 -20.28
C GLU R 74 -50.83 -24.47 -19.72
N ARG R 75 -50.81 -24.33 -18.40
CA ARG R 75 -51.03 -23.02 -17.77
C ARG R 75 -49.86 -22.07 -18.01
N VAL R 76 -48.81 -22.59 -18.64
CA VAL R 76 -47.60 -21.83 -18.92
C VAL R 76 -47.60 -21.02 -20.21
N ILE R 77 -46.91 -19.88 -20.16
CA ILE R 77 -46.78 -18.96 -21.30
C ILE R 77 -46.08 -19.66 -22.46
N PRO R 78 -46.70 -19.64 -23.65
CA PRO R 78 -46.10 -20.30 -24.83
C PRO R 78 -44.70 -19.77 -25.10
N GLY R 79 -43.74 -20.68 -25.24
CA GLY R 79 -42.38 -20.29 -25.50
C GLY R 79 -41.46 -20.65 -24.34
N ILE R 80 -41.99 -20.61 -23.12
CA ILE R 80 -41.21 -20.97 -21.93
C ILE R 80 -41.16 -22.49 -21.80
N SER R 81 -39.97 -23.07 -21.99
CA SER R 81 -39.78 -24.52 -21.91
C SER R 81 -39.88 -25.06 -20.47
N VAL R 82 -40.48 -26.24 -20.33
CA VAL R 82 -40.64 -26.88 -19.02
C VAL R 82 -39.62 -28.00 -18.84
N VAL R 83 -38.85 -27.95 -17.76
CA VAL R 83 -37.83 -28.96 -17.48
C VAL R 83 -37.93 -29.49 -16.05
N ASP R 84 -37.28 -30.62 -15.81
CA ASP R 84 -37.26 -31.22 -14.50
C ASP R 84 -35.83 -31.04 -13.99
N TYR R 85 -35.52 -31.64 -12.84
CA TYR R 85 -34.19 -31.52 -12.26
C TYR R 85 -33.09 -32.05 -13.17
N ALA R 86 -33.35 -33.14 -13.86
CA ALA R 86 -32.35 -33.66 -14.77
C ALA R 86 -32.10 -32.54 -15.80
N GLY R 87 -33.19 -31.90 -16.23
CA GLY R 87 -33.07 -30.84 -17.20
C GLY R 87 -32.34 -29.66 -16.58
N PHE R 88 -32.75 -29.31 -15.36
CA PHE R 88 -32.11 -28.23 -14.64
C PHE R 88 -30.62 -28.49 -14.71
N VAL R 89 -30.21 -29.72 -14.41
CA VAL R 89 -28.79 -30.05 -14.45
C VAL R 89 -28.18 -29.73 -15.82
N ASP R 90 -28.86 -30.15 -16.90
CA ASP R 90 -28.37 -29.91 -18.25
C ASP R 90 -28.20 -28.43 -18.59
N LEU R 91 -29.07 -27.60 -18.03
CA LEU R 91 -28.99 -26.17 -18.30
C LEU R 91 -27.72 -25.57 -17.68
N THR R 92 -27.30 -26.08 -16.53
CA THR R 92 -26.10 -25.54 -15.90
C THR R 92 -24.81 -26.03 -16.57
N THR R 93 -24.87 -27.11 -17.34
CA THR R 93 -23.66 -27.57 -18.01
C THR R 93 -23.58 -26.98 -19.42
N GLU R 94 -24.73 -26.74 -20.04
CA GLU R 94 -24.77 -26.16 -21.37
C GLU R 94 -24.22 -24.73 -21.32
N CYS R 95 -24.77 -23.93 -20.41
CA CYS R 95 -24.32 -22.54 -20.24
C CYS R 95 -22.91 -22.59 -19.66
N ASP R 96 -22.25 -21.45 -19.54
CA ASP R 96 -20.88 -21.42 -19.02
C ASP R 96 -20.81 -21.09 -17.53
N THR R 97 -21.81 -20.34 -17.06
CA THR R 97 -21.86 -19.93 -15.68
C THR R 97 -23.29 -19.86 -15.17
N VAL R 98 -23.45 -20.10 -13.88
CA VAL R 98 -24.75 -20.02 -13.24
C VAL R 98 -24.74 -18.78 -12.34
N GLN R 99 -25.77 -17.96 -12.45
CA GLN R 99 -25.87 -16.77 -11.61
C GLN R 99 -27.23 -16.84 -10.93
N ALA R 100 -27.22 -16.94 -9.61
CA ALA R 100 -28.47 -17.03 -8.88
C ALA R 100 -29.00 -15.65 -8.51
N TRP R 101 -30.26 -15.37 -8.84
CA TRP R 101 -30.86 -14.10 -8.47
C TRP R 101 -31.71 -14.39 -7.24
N LEU R 102 -31.12 -14.24 -6.07
CA LEU R 102 -31.83 -14.52 -4.83
C LEU R 102 -32.80 -13.40 -4.48
#